data_1QCY
# 
_entry.id   1QCY 
# 
_audit_conform.dict_name       mmcif_pdbx.dic 
_audit_conform.dict_version    5.386 
_audit_conform.dict_location   http://mmcif.pdb.org/dictionaries/ascii/mmcif_pdbx.dic 
# 
loop_
_database_2.database_id 
_database_2.database_code 
_database_2.pdbx_database_accession 
_database_2.pdbx_DOI 
PDB   1QCY         pdb_00001qcy 10.2210/pdb1qcy/pdb 
RCSB  RCSB009087   ?            ?                   
WWPDB D_1000009087 ?            ?                   
# 
loop_
_pdbx_audit_revision_history.ordinal 
_pdbx_audit_revision_history.data_content_type 
_pdbx_audit_revision_history.major_revision 
_pdbx_audit_revision_history.minor_revision 
_pdbx_audit_revision_history.revision_date 
1 'Structure model' 1 0 2003-09-02 
2 'Structure model' 1 1 2008-04-27 
3 'Structure model' 1 2 2011-07-13 
4 'Structure model' 1 3 2014-11-12 
5 'Structure model' 1 4 2024-02-14 
# 
_pdbx_audit_revision_details.ordinal             1 
_pdbx_audit_revision_details.revision_ordinal    1 
_pdbx_audit_revision_details.data_content_type   'Structure model' 
_pdbx_audit_revision_details.provider            repository 
_pdbx_audit_revision_details.type                'Initial release' 
_pdbx_audit_revision_details.description         ? 
_pdbx_audit_revision_details.details             ? 
# 
loop_
_pdbx_audit_revision_group.ordinal 
_pdbx_audit_revision_group.revision_ordinal 
_pdbx_audit_revision_group.data_content_type 
_pdbx_audit_revision_group.group 
1 2 'Structure model' 'Version format compliance' 
2 3 'Structure model' 'Version format compliance' 
3 4 'Structure model' 'Structure summary'         
4 5 'Structure model' 'Data collection'           
5 5 'Structure model' 'Database references'       
6 5 'Structure model' 'Derived calculations'      
# 
loop_
_pdbx_audit_revision_category.ordinal 
_pdbx_audit_revision_category.revision_ordinal 
_pdbx_audit_revision_category.data_content_type 
_pdbx_audit_revision_category.category 
1 5 'Structure model' chem_comp_atom         
2 5 'Structure model' chem_comp_bond         
3 5 'Structure model' database_2             
4 5 'Structure model' pdbx_struct_conn_angle 
5 5 'Structure model' struct_conn            
6 5 'Structure model' struct_site            
# 
loop_
_pdbx_audit_revision_item.ordinal 
_pdbx_audit_revision_item.revision_ordinal 
_pdbx_audit_revision_item.data_content_type 
_pdbx_audit_revision_item.item 
1  5 'Structure model' '_database_2.pdbx_DOI'                        
2  5 'Structure model' '_database_2.pdbx_database_accession'         
3  5 'Structure model' '_pdbx_struct_conn_angle.ptnr1_auth_comp_id'  
4  5 'Structure model' '_pdbx_struct_conn_angle.ptnr1_auth_seq_id'   
5  5 'Structure model' '_pdbx_struct_conn_angle.ptnr1_label_asym_id' 
6  5 'Structure model' '_pdbx_struct_conn_angle.ptnr1_label_atom_id' 
7  5 'Structure model' '_pdbx_struct_conn_angle.ptnr1_label_comp_id' 
8  5 'Structure model' '_pdbx_struct_conn_angle.ptnr1_label_seq_id'  
9  5 'Structure model' '_pdbx_struct_conn_angle.ptnr3_auth_comp_id'  
10 5 'Structure model' '_pdbx_struct_conn_angle.ptnr3_auth_seq_id'   
11 5 'Structure model' '_pdbx_struct_conn_angle.ptnr3_label_asym_id' 
12 5 'Structure model' '_pdbx_struct_conn_angle.ptnr3_label_atom_id' 
13 5 'Structure model' '_pdbx_struct_conn_angle.ptnr3_label_comp_id' 
14 5 'Structure model' '_pdbx_struct_conn_angle.ptnr3_label_seq_id'  
15 5 'Structure model' '_pdbx_struct_conn_angle.value'               
16 5 'Structure model' '_struct_conn.pdbx_dist_value'                
17 5 'Structure model' '_struct_conn.ptnr1_auth_comp_id'             
18 5 'Structure model' '_struct_conn.ptnr1_auth_seq_id'              
19 5 'Structure model' '_struct_conn.ptnr1_label_asym_id'            
20 5 'Structure model' '_struct_conn.ptnr1_label_atom_id'            
21 5 'Structure model' '_struct_conn.ptnr1_label_comp_id'            
22 5 'Structure model' '_struct_conn.ptnr2_auth_comp_id'             
23 5 'Structure model' '_struct_conn.ptnr2_auth_seq_id'              
24 5 'Structure model' '_struct_conn.ptnr2_label_asym_id'            
25 5 'Structure model' '_struct_conn.ptnr2_label_atom_id'            
26 5 'Structure model' '_struct_conn.ptnr2_label_comp_id'            
27 5 'Structure model' '_struct_conn.ptnr2_label_seq_id'             
28 5 'Structure model' '_struct_site.pdbx_auth_asym_id'              
29 5 'Structure model' '_struct_site.pdbx_auth_comp_id'              
30 5 'Structure model' '_struct_site.pdbx_auth_seq_id'               
# 
_pdbx_database_status.status_code                     REL 
_pdbx_database_status.entry_id                        1QCY 
_pdbx_database_status.recvd_initial_deposition_date   1999-05-12 
_pdbx_database_status.deposit_site                    RCSB 
_pdbx_database_status.process_site                    RCSB 
_pdbx_database_status.status_code_sf                  ? 
_pdbx_database_status.status_code_mr                  ? 
_pdbx_database_status.SG_entry                        ? 
_pdbx_database_status.pdb_format_compatible           Y 
_pdbx_database_status.status_code_cs                  ? 
_pdbx_database_status.status_code_nmr_data            ? 
_pdbx_database_status.methods_development_category    ? 
# 
loop_
_audit_author.name 
_audit_author.pdbx_ordinal 
'Kankare, J.A.'  1 
'Salminen, T.A.' 2 
'Nymalm, Y.'     3 
'Kaepylae, J.'   4 
'Heino, J.'      5 
'Johnson, M.S.'  6 
# 
_citation.id                        primary 
_citation.title                     
'Jararhagin-derived RKKH Peptides Induce Structural Changes in a1I Domain of Human Integrin a1b1' 
_citation.journal_abbrev            J.Biol.Chem. 
_citation.journal_volume            279 
_citation.page_first                7962 
_citation.page_last                 7970 
_citation.year                      2004 
_citation.journal_id_ASTM           JBCHA3 
_citation.country                   US 
_citation.journal_id_ISSN           0021-9258 
_citation.journal_id_CSD            0071 
_citation.book_publisher            ? 
_citation.pdbx_database_id_PubMed   14660600 
_citation.pdbx_database_id_DOI      10.1074/jbc.M312912200 
# 
loop_
_citation_author.citation_id 
_citation_author.name 
_citation_author.ordinal 
_citation_author.identifier_ORCID 
primary 'Nymalm, Y.'         1  ? 
primary 'Puranen, J.S.'      2  ? 
primary 'Nyholm, T.K.M.'     3  ? 
primary 'Kaepylae, J.'       4  ? 
primary 'Kidron, H.'         5  ? 
primary 'Pentikaeinen, O.T.' 6  ? 
primary 'Airenne, T.T.'      7  ? 
primary 'Heino, J.'          8  ? 
primary 'Slotte, J.P.'       9  ? 
primary 'Johnson, M.S.'      10 ? 
primary 'Salminen, T.A.'     11 ? 
# 
loop_
_entity.id 
_entity.type 
_entity.src_method 
_entity.pdbx_description 
_entity.formula_weight 
_entity.pdbx_number_of_molecules 
_entity.pdbx_ec 
_entity.pdbx_mutation 
_entity.pdbx_fragment 
_entity.details 
1 polymer     man 'I-DOMAIN OF INTEGRIN ALPHA1BETA1' 21546.402 1  ? K170E 'FRAGMENT, I-DOMAIN OF HUMAN INTEGRIN A1B1' ? 
2 non-polymer syn 'MAGNESIUM ION'                    24.305    1  ? ?     ?                                           ? 
3 water       nat water                              18.015    94 ? ?     ?                                           ? 
# 
_entity_keywords.entity_id   1 
_entity_keywords.text        
;THE SEQUENCE IS DIFFERENT IN SWISS-PROT, NO ELECTRON SIDE-CHAIN DENSITY WAS EVER SEEN FOR RESIDUE R218, LEFT AS AN ALANINE IN THE STRUCTURE
;
# 
_entity_poly.entity_id                      1 
_entity_poly.type                           'polypeptide(L)' 
_entity_poly.nstd_linkage                   no 
_entity_poly.nstd_monomer                   no 
_entity_poly.pdbx_seq_one_letter_code       
;TQLDIVIVLDGSNSIYPWDSVTAFLNDLLKRMDIGPKQTQVGIVQYGENVTHEFNLNKYSSTEEVLVAAKKIVQRGGAQT
MTALGTDTARKEAFTEARGARRGVKKVMVIVTDGESHDNHRLKKVIQDCEDENIQRFSIAILGSYNRGNLSTEKFVEEIK
SIASEPTEKHFFNVSDELALVTIVKTLGERIFA
;
_entity_poly.pdbx_seq_one_letter_code_can   
;TQLDIVIVLDGSNSIYPWDSVTAFLNDLLKRMDIGPKQTQVGIVQYGENVTHEFNLNKYSSTEEVLVAAKKIVQRGGAQT
MTALGTDTARKEAFTEARGARRGVKKVMVIVTDGESHDNHRLKKVIQDCEDENIQRFSIAILGSYNRGNLSTEKFVEEIK
SIASEPTEKHFFNVSDELALVTIVKTLGERIFA
;
_entity_poly.pdbx_strand_id                 A 
_entity_poly.pdbx_target_identifier         ? 
# 
loop_
_pdbx_entity_nonpoly.entity_id 
_pdbx_entity_nonpoly.name 
_pdbx_entity_nonpoly.comp_id 
2 'MAGNESIUM ION' MG  
3 water           HOH 
# 
loop_
_entity_poly_seq.entity_id 
_entity_poly_seq.num 
_entity_poly_seq.mon_id 
_entity_poly_seq.hetero 
1 1   THR n 
1 2   GLN n 
1 3   LEU n 
1 4   ASP n 
1 5   ILE n 
1 6   VAL n 
1 7   ILE n 
1 8   VAL n 
1 9   LEU n 
1 10  ASP n 
1 11  GLY n 
1 12  SER n 
1 13  ASN n 
1 14  SER n 
1 15  ILE n 
1 16  TYR n 
1 17  PRO n 
1 18  TRP n 
1 19  ASP n 
1 20  SER n 
1 21  VAL n 
1 22  THR n 
1 23  ALA n 
1 24  PHE n 
1 25  LEU n 
1 26  ASN n 
1 27  ASP n 
1 28  LEU n 
1 29  LEU n 
1 30  LYS n 
1 31  ARG n 
1 32  MET n 
1 33  ASP n 
1 34  ILE n 
1 35  GLY n 
1 36  PRO n 
1 37  LYS n 
1 38  GLN n 
1 39  THR n 
1 40  GLN n 
1 41  VAL n 
1 42  GLY n 
1 43  ILE n 
1 44  VAL n 
1 45  GLN n 
1 46  TYR n 
1 47  GLY n 
1 48  GLU n 
1 49  ASN n 
1 50  VAL n 
1 51  THR n 
1 52  HIS n 
1 53  GLU n 
1 54  PHE n 
1 55  ASN n 
1 56  LEU n 
1 57  ASN n 
1 58  LYS n 
1 59  TYR n 
1 60  SER n 
1 61  SER n 
1 62  THR n 
1 63  GLU n 
1 64  GLU n 
1 65  VAL n 
1 66  LEU n 
1 67  VAL n 
1 68  ALA n 
1 69  ALA n 
1 70  LYS n 
1 71  LYS n 
1 72  ILE n 
1 73  VAL n 
1 74  GLN n 
1 75  ARG n 
1 76  GLY n 
1 77  GLY n 
1 78  ALA n 
1 79  GLN n 
1 80  THR n 
1 81  MET n 
1 82  THR n 
1 83  ALA n 
1 84  LEU n 
1 85  GLY n 
1 86  THR n 
1 87  ASP n 
1 88  THR n 
1 89  ALA n 
1 90  ARG n 
1 91  LYS n 
1 92  GLU n 
1 93  ALA n 
1 94  PHE n 
1 95  THR n 
1 96  GLU n 
1 97  ALA n 
1 98  ARG n 
1 99  GLY n 
1 100 ALA n 
1 101 ARG n 
1 102 ARG n 
1 103 GLY n 
1 104 VAL n 
1 105 LYS n 
1 106 LYS n 
1 107 VAL n 
1 108 MET n 
1 109 VAL n 
1 110 ILE n 
1 111 VAL n 
1 112 THR n 
1 113 ASP n 
1 114 GLY n 
1 115 GLU n 
1 116 SER n 
1 117 HIS n 
1 118 ASP n 
1 119 ASN n 
1 120 HIS n 
1 121 ARG n 
1 122 LEU n 
1 123 LYS n 
1 124 LYS n 
1 125 VAL n 
1 126 ILE n 
1 127 GLN n 
1 128 ASP n 
1 129 CYS n 
1 130 GLU n 
1 131 ASP n 
1 132 GLU n 
1 133 ASN n 
1 134 ILE n 
1 135 GLN n 
1 136 ARG n 
1 137 PHE n 
1 138 SER n 
1 139 ILE n 
1 140 ALA n 
1 141 ILE n 
1 142 LEU n 
1 143 GLY n 
1 144 SER n 
1 145 TYR n 
1 146 ASN n 
1 147 ARG n 
1 148 GLY n 
1 149 ASN n 
1 150 LEU n 
1 151 SER n 
1 152 THR n 
1 153 GLU n 
1 154 LYS n 
1 155 PHE n 
1 156 VAL n 
1 157 GLU n 
1 158 GLU n 
1 159 ILE n 
1 160 LYS n 
1 161 SER n 
1 162 ILE n 
1 163 ALA n 
1 164 SER n 
1 165 GLU n 
1 166 PRO n 
1 167 THR n 
1 168 GLU n 
1 169 LYS n 
1 170 HIS n 
1 171 PHE n 
1 172 PHE n 
1 173 ASN n 
1 174 VAL n 
1 175 SER n 
1 176 ASP n 
1 177 GLU n 
1 178 LEU n 
1 179 ALA n 
1 180 LEU n 
1 181 VAL n 
1 182 THR n 
1 183 ILE n 
1 184 VAL n 
1 185 LYS n 
1 186 THR n 
1 187 LEU n 
1 188 GLY n 
1 189 GLU n 
1 190 ARG n 
1 191 ILE n 
1 192 PHE n 
1 193 ALA n 
# 
_entity_src_gen.entity_id                          1 
_entity_src_gen.pdbx_src_id                        1 
_entity_src_gen.pdbx_alt_source_flag               sample 
_entity_src_gen.pdbx_seq_type                      ? 
_entity_src_gen.pdbx_beg_seq_num                   ? 
_entity_src_gen.pdbx_end_seq_num                   ? 
_entity_src_gen.gene_src_common_name               human 
_entity_src_gen.gene_src_genus                     Homo 
_entity_src_gen.pdbx_gene_src_gene                 ? 
_entity_src_gen.gene_src_species                   ? 
_entity_src_gen.gene_src_strain                    ? 
_entity_src_gen.gene_src_tissue                    ? 
_entity_src_gen.gene_src_tissue_fraction           ? 
_entity_src_gen.gene_src_details                   ? 
_entity_src_gen.pdbx_gene_src_fragment             ? 
_entity_src_gen.pdbx_gene_src_scientific_name      'Homo sapiens' 
_entity_src_gen.pdbx_gene_src_ncbi_taxonomy_id     9606 
_entity_src_gen.pdbx_gene_src_variant              ? 
_entity_src_gen.pdbx_gene_src_cell_line            ? 
_entity_src_gen.pdbx_gene_src_atcc                 ? 
_entity_src_gen.pdbx_gene_src_organ                ? 
_entity_src_gen.pdbx_gene_src_organelle            ? 
_entity_src_gen.pdbx_gene_src_cell                 ? 
_entity_src_gen.pdbx_gene_src_cellular_location    ? 
_entity_src_gen.host_org_common_name               ? 
_entity_src_gen.pdbx_host_org_scientific_name      'Escherichia coli' 
_entity_src_gen.pdbx_host_org_ncbi_taxonomy_id     562 
_entity_src_gen.host_org_genus                     Escherichia 
_entity_src_gen.pdbx_host_org_gene                 ? 
_entity_src_gen.pdbx_host_org_organ                ? 
_entity_src_gen.host_org_species                   ? 
_entity_src_gen.pdbx_host_org_tissue               ? 
_entity_src_gen.pdbx_host_org_tissue_fraction      ? 
_entity_src_gen.pdbx_host_org_strain               ? 
_entity_src_gen.pdbx_host_org_variant              ? 
_entity_src_gen.pdbx_host_org_cell_line            ? 
_entity_src_gen.pdbx_host_org_atcc                 ? 
_entity_src_gen.pdbx_host_org_culture_collection   ? 
_entity_src_gen.pdbx_host_org_cell                 ? 
_entity_src_gen.pdbx_host_org_organelle            ? 
_entity_src_gen.pdbx_host_org_cellular_location    ? 
_entity_src_gen.pdbx_host_org_vector_type          PLASMID 
_entity_src_gen.pdbx_host_org_vector               ? 
_entity_src_gen.host_org_details                   ? 
_entity_src_gen.expression_system_id               ? 
_entity_src_gen.plasmid_name                       ? 
_entity_src_gen.plasmid_details                    ? 
_entity_src_gen.pdbx_description                   ? 
# 
loop_
_chem_comp.id 
_chem_comp.type 
_chem_comp.mon_nstd_flag 
_chem_comp.name 
_chem_comp.pdbx_synonyms 
_chem_comp.formula 
_chem_comp.formula_weight 
ALA 'L-peptide linking' y ALANINE         ? 'C3 H7 N O2'     89.093  
ARG 'L-peptide linking' y ARGININE        ? 'C6 H15 N4 O2 1' 175.209 
ASN 'L-peptide linking' y ASPARAGINE      ? 'C4 H8 N2 O3'    132.118 
ASP 'L-peptide linking' y 'ASPARTIC ACID' ? 'C4 H7 N O4'     133.103 
CYS 'L-peptide linking' y CYSTEINE        ? 'C3 H7 N O2 S'   121.158 
GLN 'L-peptide linking' y GLUTAMINE       ? 'C5 H10 N2 O3'   146.144 
GLU 'L-peptide linking' y 'GLUTAMIC ACID' ? 'C5 H9 N O4'     147.129 
GLY 'peptide linking'   y GLYCINE         ? 'C2 H5 N O2'     75.067  
HIS 'L-peptide linking' y HISTIDINE       ? 'C6 H10 N3 O2 1' 156.162 
HOH non-polymer         . WATER           ? 'H2 O'           18.015  
ILE 'L-peptide linking' y ISOLEUCINE      ? 'C6 H13 N O2'    131.173 
LEU 'L-peptide linking' y LEUCINE         ? 'C6 H13 N O2'    131.173 
LYS 'L-peptide linking' y LYSINE          ? 'C6 H15 N2 O2 1' 147.195 
MET 'L-peptide linking' y METHIONINE      ? 'C5 H11 N O2 S'  149.211 
MG  non-polymer         . 'MAGNESIUM ION' ? 'Mg 2'           24.305  
PHE 'L-peptide linking' y PHENYLALANINE   ? 'C9 H11 N O2'    165.189 
PRO 'L-peptide linking' y PROLINE         ? 'C5 H9 N O2'     115.130 
SER 'L-peptide linking' y SERINE          ? 'C3 H7 N O3'     105.093 
THR 'L-peptide linking' y THREONINE       ? 'C4 H9 N O3'     119.119 
TRP 'L-peptide linking' y TRYPTOPHAN      ? 'C11 H12 N2 O2'  204.225 
TYR 'L-peptide linking' y TYROSINE        ? 'C9 H11 N O3'    181.189 
VAL 'L-peptide linking' y VALINE          ? 'C5 H11 N O2'    117.146 
# 
loop_
_pdbx_poly_seq_scheme.asym_id 
_pdbx_poly_seq_scheme.entity_id 
_pdbx_poly_seq_scheme.seq_id 
_pdbx_poly_seq_scheme.mon_id 
_pdbx_poly_seq_scheme.ndb_seq_num 
_pdbx_poly_seq_scheme.pdb_seq_num 
_pdbx_poly_seq_scheme.auth_seq_num 
_pdbx_poly_seq_scheme.pdb_mon_id 
_pdbx_poly_seq_scheme.auth_mon_id 
_pdbx_poly_seq_scheme.pdb_strand_id 
_pdbx_poly_seq_scheme.pdb_ins_code 
_pdbx_poly_seq_scheme.hetero 
A 1 1   THR 1   141 141 THR THR A . n 
A 1 2   GLN 2   142 142 GLN GLN A . n 
A 1 3   LEU 3   143 143 LEU LEU A . n 
A 1 4   ASP 4   144 144 ASP ASP A . n 
A 1 5   ILE 5   145 145 ILE ILE A . n 
A 1 6   VAL 6   146 146 VAL VAL A . n 
A 1 7   ILE 7   147 147 ILE ILE A . n 
A 1 8   VAL 8   148 148 VAL VAL A . n 
A 1 9   LEU 9   149 149 LEU LEU A . n 
A 1 10  ASP 10  150 150 ASP ASP A . n 
A 1 11  GLY 11  151 151 GLY GLY A . n 
A 1 12  SER 12  152 152 SER SER A . n 
A 1 13  ASN 13  153 153 ASN ASN A . n 
A 1 14  SER 14  154 154 SER SER A . n 
A 1 15  ILE 15  155 155 ILE ILE A . n 
A 1 16  TYR 16  156 156 TYR TYR A . n 
A 1 17  PRO 17  157 157 PRO PRO A . n 
A 1 18  TRP 18  158 158 TRP TRP A . n 
A 1 19  ASP 19  159 159 ASP ASP A . n 
A 1 20  SER 20  160 160 SER SER A . n 
A 1 21  VAL 21  161 161 VAL VAL A . n 
A 1 22  THR 22  162 162 THR THR A . n 
A 1 23  ALA 23  163 163 ALA ALA A . n 
A 1 24  PHE 24  164 164 PHE PHE A . n 
A 1 25  LEU 25  165 165 LEU LEU A . n 
A 1 26  ASN 26  166 166 ASN ASN A . n 
A 1 27  ASP 27  167 167 ASP ASP A . n 
A 1 28  LEU 28  168 168 LEU LEU A . n 
A 1 29  LEU 29  169 169 LEU LEU A . n 
A 1 30  LYS 30  170 170 LYS LYS A . n 
A 1 31  ARG 31  171 171 ARG ARG A . n 
A 1 32  MET 32  172 172 MET MET A . n 
A 1 33  ASP 33  173 173 ASP ASP A . n 
A 1 34  ILE 34  174 174 ILE ILE A . n 
A 1 35  GLY 35  175 175 GLY GLY A . n 
A 1 36  PRO 36  176 176 PRO PRO A . n 
A 1 37  LYS 37  177 177 LYS LYS A . n 
A 1 38  GLN 38  178 178 GLN GLN A . n 
A 1 39  THR 39  179 179 THR THR A . n 
A 1 40  GLN 40  180 180 GLN GLN A . n 
A 1 41  VAL 41  181 181 VAL VAL A . n 
A 1 42  GLY 42  182 182 GLY GLY A . n 
A 1 43  ILE 43  183 183 ILE ILE A . n 
A 1 44  VAL 44  184 184 VAL VAL A . n 
A 1 45  GLN 45  185 185 GLN GLN A . n 
A 1 46  TYR 46  186 186 TYR TYR A . n 
A 1 47  GLY 47  187 187 GLY GLY A . n 
A 1 48  GLU 48  188 188 GLU GLU A . n 
A 1 49  ASN 49  189 189 ASN ASN A . n 
A 1 50  VAL 50  190 190 VAL VAL A . n 
A 1 51  THR 51  191 191 THR THR A . n 
A 1 52  HIS 52  192 192 HIS HIS A . n 
A 1 53  GLU 53  193 193 GLU GLU A . n 
A 1 54  PHE 54  194 194 PHE PHE A . n 
A 1 55  ASN 55  195 195 ASN ASN A . n 
A 1 56  LEU 56  196 196 LEU LEU A . n 
A 1 57  ASN 57  197 197 ASN ASN A . n 
A 1 58  LYS 58  198 198 LYS LYS A . n 
A 1 59  TYR 59  199 199 TYR TYR A . n 
A 1 60  SER 60  200 200 SER SER A . n 
A 1 61  SER 61  201 201 SER SER A . n 
A 1 62  THR 62  202 202 THR THR A . n 
A 1 63  GLU 63  203 203 GLU GLU A . n 
A 1 64  GLU 64  204 204 GLU GLU A . n 
A 1 65  VAL 65  205 205 VAL VAL A . n 
A 1 66  LEU 66  206 206 LEU LEU A . n 
A 1 67  VAL 67  207 207 VAL VAL A . n 
A 1 68  ALA 68  208 208 ALA ALA A . n 
A 1 69  ALA 69  209 209 ALA ALA A . n 
A 1 70  LYS 70  210 210 LYS LYS A . n 
A 1 71  LYS 71  211 211 LYS LYS A . n 
A 1 72  ILE 72  212 212 ILE ILE A . n 
A 1 73  VAL 73  213 213 VAL VAL A . n 
A 1 74  GLN 74  214 214 GLN GLN A . n 
A 1 75  ARG 75  215 215 ARG ARG A . n 
A 1 76  GLY 76  216 216 GLY GLY A . n 
A 1 77  GLY 77  217 217 GLY GLY A . n 
A 1 78  ALA 78  218 218 ALA ALA A . n 
A 1 79  GLN 79  219 219 GLN GLN A . n 
A 1 80  THR 80  220 220 THR THR A . n 
A 1 81  MET 81  221 221 MET MET A . n 
A 1 82  THR 82  222 222 THR THR A . n 
A 1 83  ALA 83  223 223 ALA ALA A . n 
A 1 84  LEU 84  224 224 LEU LEU A . n 
A 1 85  GLY 85  225 225 GLY GLY A . n 
A 1 86  THR 86  226 226 THR THR A . n 
A 1 87  ASP 87  227 227 ASP ASP A . n 
A 1 88  THR 88  228 228 THR THR A . n 
A 1 89  ALA 89  229 229 ALA ALA A . n 
A 1 90  ARG 90  230 230 ARG ARG A . n 
A 1 91  LYS 91  231 231 LYS LYS A . n 
A 1 92  GLU 92  232 232 GLU GLU A . n 
A 1 93  ALA 93  233 233 ALA ALA A . n 
A 1 94  PHE 94  234 234 PHE PHE A . n 
A 1 95  THR 95  235 235 THR THR A . n 
A 1 96  GLU 96  236 236 GLU GLU A . n 
A 1 97  ALA 97  237 237 ALA ALA A . n 
A 1 98  ARG 98  238 238 ARG ARG A . n 
A 1 99  GLY 99  239 239 GLY GLY A . n 
A 1 100 ALA 100 240 240 ALA ALA A . n 
A 1 101 ARG 101 241 241 ARG ARG A . n 
A 1 102 ARG 102 242 242 ARG ARG A . n 
A 1 103 GLY 103 243 243 GLY GLY A . n 
A 1 104 VAL 104 244 244 VAL VAL A . n 
A 1 105 LYS 105 245 245 LYS LYS A . n 
A 1 106 LYS 106 246 246 LYS LYS A . n 
A 1 107 VAL 107 247 247 VAL VAL A . n 
A 1 108 MET 108 248 248 MET MET A . n 
A 1 109 VAL 109 249 249 VAL VAL A . n 
A 1 110 ILE 110 250 250 ILE ILE A . n 
A 1 111 VAL 111 251 251 VAL VAL A . n 
A 1 112 THR 112 252 252 THR THR A . n 
A 1 113 ASP 113 253 253 ASP ASP A . n 
A 1 114 GLY 114 254 254 GLY GLY A . n 
A 1 115 GLU 115 255 255 GLU GLU A . n 
A 1 116 SER 116 256 256 SER SER A . n 
A 1 117 HIS 117 257 257 HIS HIS A . n 
A 1 118 ASP 118 258 258 ASP ASP A . n 
A 1 119 ASN 119 259 259 ASN ASN A . n 
A 1 120 HIS 120 260 260 HIS HIS A . n 
A 1 121 ARG 121 261 261 ARG ARG A . n 
A 1 122 LEU 122 262 262 LEU LEU A . n 
A 1 123 LYS 123 263 263 LYS LYS A . n 
A 1 124 LYS 124 264 264 LYS LYS A . n 
A 1 125 VAL 125 265 265 VAL VAL A . n 
A 1 126 ILE 126 266 266 ILE ILE A . n 
A 1 127 GLN 127 267 267 GLN GLN A . n 
A 1 128 ASP 128 268 268 ASP ASP A . n 
A 1 129 CYS 129 269 269 CYS CYS A . n 
A 1 130 GLU 130 270 270 GLU GLU A . n 
A 1 131 ASP 131 271 271 ASP ASP A . n 
A 1 132 GLU 132 272 272 GLU GLU A . n 
A 1 133 ASN 133 273 273 ASN ASN A . n 
A 1 134 ILE 134 274 274 ILE ILE A . n 
A 1 135 GLN 135 275 275 GLN GLN A . n 
A 1 136 ARG 136 276 276 ARG ARG A . n 
A 1 137 PHE 137 277 277 PHE PHE A . n 
A 1 138 SER 138 278 278 SER SER A . n 
A 1 139 ILE 139 279 279 ILE ILE A . n 
A 1 140 ALA 140 280 280 ALA ALA A . n 
A 1 141 ILE 141 281 281 ILE ILE A . n 
A 1 142 LEU 142 282 282 LEU LEU A . n 
A 1 143 GLY 143 283 283 GLY GLY A . n 
A 1 144 SER 144 284 284 SER SER A . n 
A 1 145 TYR 145 285 285 TYR TYR A . n 
A 1 146 ASN 146 286 286 ASN ASN A . n 
A 1 147 ARG 147 287 287 ARG ARG A . n 
A 1 148 GLY 148 288 288 GLY GLY A . n 
A 1 149 ASN 149 289 289 ASN ASN A . n 
A 1 150 LEU 150 290 290 LEU LEU A . n 
A 1 151 SER 151 291 291 SER SER A . n 
A 1 152 THR 152 292 292 THR THR A . n 
A 1 153 GLU 153 293 293 GLU GLU A . n 
A 1 154 LYS 154 294 294 LYS LYS A . n 
A 1 155 PHE 155 295 295 PHE PHE A . n 
A 1 156 VAL 156 296 296 VAL VAL A . n 
A 1 157 GLU 157 297 297 GLU GLU A . n 
A 1 158 GLU 158 298 298 GLU GLU A . n 
A 1 159 ILE 159 299 299 ILE ILE A . n 
A 1 160 LYS 160 300 300 LYS LYS A . n 
A 1 161 SER 161 301 301 SER SER A . n 
A 1 162 ILE 162 302 302 ILE ILE A . n 
A 1 163 ALA 163 303 303 ALA ALA A . n 
A 1 164 SER 164 304 304 SER SER A . n 
A 1 165 GLU 165 305 305 GLU GLU A . n 
A 1 166 PRO 166 306 306 PRO PRO A . n 
A 1 167 THR 167 307 307 THR THR A . n 
A 1 168 GLU 168 308 308 GLU GLU A . n 
A 1 169 LYS 169 309 309 LYS LYS A . n 
A 1 170 HIS 170 310 310 HIS HIS A . n 
A 1 171 PHE 171 311 311 PHE PHE A . n 
A 1 172 PHE 172 312 312 PHE PHE A . n 
A 1 173 ASN 173 313 313 ASN ASN A . n 
A 1 174 VAL 174 314 314 VAL VAL A . n 
A 1 175 SER 175 315 315 SER SER A . n 
A 1 176 ASP 176 316 316 ASP ASP A . n 
A 1 177 GLU 177 317 317 GLU GLU A . n 
A 1 178 LEU 178 318 318 LEU LEU A . n 
A 1 179 ALA 179 319 319 ALA ALA A . n 
A 1 180 LEU 180 320 320 LEU LEU A . n 
A 1 181 VAL 181 321 321 VAL VAL A . n 
A 1 182 THR 182 322 322 THR THR A . n 
A 1 183 ILE 183 323 323 ILE ILE A . n 
A 1 184 VAL 184 324 324 VAL VAL A . n 
A 1 185 LYS 185 325 325 LYS LYS A . n 
A 1 186 THR 186 326 326 THR THR A . n 
A 1 187 LEU 187 327 327 LEU LEU A . n 
A 1 188 GLY 188 328 328 GLY GLY A . n 
A 1 189 GLU 189 329 329 GLU GLU A . n 
A 1 190 ARG 190 330 330 ARG ARG A . n 
A 1 191 ILE 191 331 331 ILE ILE A . n 
A 1 192 PHE 192 332 332 PHE PHE A . n 
A 1 193 ALA 193 333 333 ALA ALA A . n 
# 
loop_
_pdbx_nonpoly_scheme.asym_id 
_pdbx_nonpoly_scheme.entity_id 
_pdbx_nonpoly_scheme.mon_id 
_pdbx_nonpoly_scheme.ndb_seq_num 
_pdbx_nonpoly_scheme.pdb_seq_num 
_pdbx_nonpoly_scheme.auth_seq_num 
_pdbx_nonpoly_scheme.pdb_mon_id 
_pdbx_nonpoly_scheme.auth_mon_id 
_pdbx_nonpoly_scheme.pdb_strand_id 
_pdbx_nonpoly_scheme.pdb_ins_code 
B 2 MG  1  101 1  MG  MG  A . 
C 3 HOH 1  1   1  HOH TIP A . 
C 3 HOH 2  2   2  HOH TIP A . 
C 3 HOH 3  3   3  HOH TIP A . 
C 3 HOH 4  4   4  HOH TIP A . 
C 3 HOH 5  5   5  HOH TIP A . 
C 3 HOH 6  6   6  HOH TIP A . 
C 3 HOH 7  7   7  HOH TIP A . 
C 3 HOH 8  8   8  HOH TIP A . 
C 3 HOH 9  9   9  HOH TIP A . 
C 3 HOH 10 10  10 HOH TIP A . 
C 3 HOH 11 11  11 HOH TIP A . 
C 3 HOH 12 12  12 HOH TIP A . 
C 3 HOH 13 13  13 HOH TIP A . 
C 3 HOH 14 14  14 HOH TIP A . 
C 3 HOH 15 15  15 HOH TIP A . 
C 3 HOH 16 16  16 HOH TIP A . 
C 3 HOH 17 17  17 HOH TIP A . 
C 3 HOH 18 18  18 HOH TIP A . 
C 3 HOH 19 19  19 HOH TIP A . 
C 3 HOH 20 20  20 HOH TIP A . 
C 3 HOH 21 21  21 HOH TIP A . 
C 3 HOH 22 22  22 HOH TIP A . 
C 3 HOH 23 23  23 HOH TIP A . 
C 3 HOH 24 24  24 HOH TIP A . 
C 3 HOH 25 25  25 HOH TIP A . 
C 3 HOH 26 26  26 HOH TIP A . 
C 3 HOH 27 27  27 HOH TIP A . 
C 3 HOH 28 28  28 HOH TIP A . 
C 3 HOH 29 29  29 HOH TIP A . 
C 3 HOH 30 30  30 HOH TIP A . 
C 3 HOH 31 31  31 HOH TIP A . 
C 3 HOH 32 32  32 HOH TIP A . 
C 3 HOH 33 33  33 HOH TIP A . 
C 3 HOH 34 34  34 HOH TIP A . 
C 3 HOH 35 35  35 HOH TIP A . 
C 3 HOH 36 36  36 HOH TIP A . 
C 3 HOH 37 37  37 HOH TIP A . 
C 3 HOH 38 38  38 HOH TIP A . 
C 3 HOH 39 39  39 HOH TIP A . 
C 3 HOH 40 40  40 HOH TIP A . 
C 3 HOH 41 41  41 HOH TIP A . 
C 3 HOH 42 42  42 HOH TIP A . 
C 3 HOH 43 43  43 HOH TIP A . 
C 3 HOH 44 44  44 HOH TIP A . 
C 3 HOH 45 45  45 HOH TIP A . 
C 3 HOH 46 46  46 HOH TIP A . 
C 3 HOH 47 47  47 HOH TIP A . 
C 3 HOH 48 48  48 HOH TIP A . 
C 3 HOH 49 49  49 HOH TIP A . 
C 3 HOH 50 50  50 HOH TIP A . 
C 3 HOH 51 51  51 HOH TIP A . 
C 3 HOH 52 52  52 HOH TIP A . 
C 3 HOH 53 53  53 HOH TIP A . 
C 3 HOH 54 54  54 HOH TIP A . 
C 3 HOH 55 55  55 HOH TIP A . 
C 3 HOH 56 56  56 HOH TIP A . 
C 3 HOH 57 57  57 HOH TIP A . 
C 3 HOH 58 58  58 HOH TIP A . 
C 3 HOH 59 59  59 HOH TIP A . 
C 3 HOH 60 60  60 HOH TIP A . 
C 3 HOH 61 61  61 HOH TIP A . 
C 3 HOH 62 62  62 HOH TIP A . 
C 3 HOH 63 63  63 HOH TIP A . 
C 3 HOH 64 64  64 HOH TIP A . 
C 3 HOH 65 65  65 HOH TIP A . 
C 3 HOH 66 66  66 HOH TIP A . 
C 3 HOH 67 67  67 HOH TIP A . 
C 3 HOH 68 68  68 HOH TIP A . 
C 3 HOH 69 69  69 HOH TIP A . 
C 3 HOH 70 70  70 HOH TIP A . 
C 3 HOH 71 71  71 HOH TIP A . 
C 3 HOH 72 72  72 HOH TIP A . 
C 3 HOH 73 73  73 HOH TIP A . 
C 3 HOH 74 74  74 HOH TIP A . 
C 3 HOH 75 75  75 HOH TIP A . 
C 3 HOH 76 76  76 HOH TIP A . 
C 3 HOH 77 77  77 HOH TIP A . 
C 3 HOH 78 78  78 HOH TIP A . 
C 3 HOH 79 79  79 HOH TIP A . 
C 3 HOH 80 80  80 HOH TIP A . 
C 3 HOH 81 81  81 HOH TIP A . 
C 3 HOH 82 82  82 HOH TIP A . 
C 3 HOH 83 83  83 HOH TIP A . 
C 3 HOH 84 84  84 HOH TIP A . 
C 3 HOH 85 85  85 HOH TIP A . 
C 3 HOH 86 86  86 HOH TIP A . 
C 3 HOH 87 87  87 HOH TIP A . 
C 3 HOH 88 88  88 HOH TIP A . 
C 3 HOH 89 89  89 HOH TIP A . 
C 3 HOH 90 90  90 HOH TIP A . 
C 3 HOH 91 91  91 HOH TIP A . 
C 3 HOH 92 92  92 HOH TIP A . 
C 3 HOH 93 93  93 HOH TIP A . 
C 3 HOH 94 94  94 HOH TIP A . 
# 
loop_
_software.name 
_software.classification 
_software.version 
_software.citation_id 
_software.pdbx_ordinal 
DENZO     'data reduction' . ? 1 
SCALEPACK 'data scaling'   . ? 2 
CNS       refinement       . ? 3 
CNS       phasing          . ? 4 
# 
_cell.entry_id           1QCY 
_cell.length_a           74.457 
_cell.length_b           81.858 
_cell.length_c           37.316 
_cell.angle_alpha        90.00 
_cell.angle_beta         90.78 
_cell.angle_gamma        90.00 
_cell.Z_PDB              4 
_cell.pdbx_unique_axis   ? 
# 
_symmetry.entry_id                         1QCY 
_symmetry.space_group_name_H-M             'C 1 2 1' 
_symmetry.pdbx_full_space_group_name_H-M   ? 
_symmetry.cell_setting                     monoclinic 
_symmetry.Int_Tables_number                5 
_symmetry.space_group_name_Hall            ? 
# 
_exptl.entry_id          1QCY 
_exptl.method            'X-RAY DIFFRACTION' 
_exptl.crystals_number   1 
# 
_exptl_crystal.id                    1 
_exptl_crystal.density_meas          ? 
_exptl_crystal.density_Matthews      2.64 
_exptl_crystal.density_percent_sol   53.39 
_exptl_crystal.description           ? 
_exptl_crystal.F_000                 ? 
_exptl_crystal.preparation           ? 
# 
_exptl_crystal_grow.crystal_id      1 
_exptl_crystal_grow.method          'VAPOR DIFFUSION, SITTING DROP' 
_exptl_crystal_grow.temp            298.0 
_exptl_crystal_grow.temp_details    ? 
_exptl_crystal_grow.pH              8.5 
_exptl_crystal_grow.pdbx_details    'PEG 4000, Na-acetate, glycerol, pH 8.5, VAPOR DIFFUSION, SITTING DROP, temperature 298.0K' 
_exptl_crystal_grow.pdbx_pH_range   . 
# 
_diffrn.id                     1 
_diffrn.ambient_temp           100 
_diffrn.ambient_temp_details   ? 
_diffrn.crystal_id             1 
# 
_diffrn_detector.diffrn_id              1 
_diffrn_detector.detector               'IMAGE PLATE' 
_diffrn_detector.type                   'RIGAKU RAXIS IIC' 
_diffrn_detector.pdbx_collection_date   1998-09-10 
_diffrn_detector.details                ? 
# 
_diffrn_radiation.diffrn_id                        1 
_diffrn_radiation.wavelength_id                    1 
_diffrn_radiation.pdbx_monochromatic_or_laue_m_l   M 
_diffrn_radiation.monochromator                    ? 
_diffrn_radiation.pdbx_diffrn_protocol             'SINGLE WAVELENGTH' 
_diffrn_radiation.pdbx_scattering_type             x-ray 
# 
_diffrn_radiation_wavelength.id           1 
_diffrn_radiation_wavelength.wavelength   1.5418 
_diffrn_radiation_wavelength.wt           1.0 
# 
_diffrn_source.diffrn_id                   1 
_diffrn_source.source                      'ROTATING ANODE' 
_diffrn_source.type                        'RIGAKU RU200' 
_diffrn_source.pdbx_synchrotron_site       ? 
_diffrn_source.pdbx_synchrotron_beamline   ? 
_diffrn_source.pdbx_wavelength             1.5418 
_diffrn_source.pdbx_wavelength_list        ? 
# 
_reflns.entry_id                     1QCY 
_reflns.observed_criterion_sigma_I   0.0 
_reflns.observed_criterion_sigma_F   0.0 
_reflns.d_resolution_low             500.0 
_reflns.d_resolution_high            2.3 
_reflns.number_obs                   9471 
_reflns.number_all                   ? 
_reflns.percent_possible_obs         94.8 
_reflns.pdbx_Rmerge_I_obs            0.058 
_reflns.pdbx_Rsym_value              ? 
_reflns.pdbx_netI_over_sigmaI        ? 
_reflns.B_iso_Wilson_estimate        ? 
_reflns.pdbx_redundancy              ? 
_reflns.R_free_details               ? 
_reflns.limit_h_max                  ? 
_reflns.limit_h_min                  ? 
_reflns.limit_k_max                  ? 
_reflns.limit_k_min                  ? 
_reflns.limit_l_max                  ? 
_reflns.limit_l_min                  ? 
_reflns.observed_criterion_F_max     ? 
_reflns.observed_criterion_F_min     ? 
_reflns.pdbx_chi_squared             ? 
_reflns.pdbx_scaling_rejects         ? 
_reflns.pdbx_diffrn_id               1 
_reflns.pdbx_ordinal                 1 
# 
_reflns_shell.d_res_high             2.3 
_reflns_shell.d_res_low              2.38 
_reflns_shell.percent_possible_all   90.9 
_reflns_shell.Rmerge_I_obs           ? 
_reflns_shell.pdbx_Rsym_value        ? 
_reflns_shell.meanI_over_sigI_obs    ? 
_reflns_shell.pdbx_redundancy        ? 
_reflns_shell.percent_possible_obs   ? 
_reflns_shell.number_unique_all      796 
_reflns_shell.number_measured_all    ? 
_reflns_shell.number_measured_obs    ? 
_reflns_shell.number_unique_obs      ? 
_reflns_shell.pdbx_chi_squared       ? 
_reflns_shell.pdbx_diffrn_id         ? 
_reflns_shell.pdbx_ordinal           1 
# 
_refine.entry_id                                 1QCY 
_refine.ls_number_reflns_obs                     9471 
_refine.ls_number_reflns_all                     ? 
_refine.pdbx_ls_sigma_I                          ? 
_refine.pdbx_ls_sigma_F                          0.0 
_refine.pdbx_data_cutoff_high_absF               374683.35 
_refine.pdbx_data_cutoff_low_absF                0.00 
_refine.ls_d_res_low                             500.0 
_refine.ls_d_res_high                            2.30 
_refine.ls_percent_reflns_obs                    94.8 
_refine.ls_R_factor_obs                          ? 
_refine.ls_R_factor_all                          ? 
_refine.ls_R_factor_R_work                       0.2 
_refine.ls_R_factor_R_free                       0.258 
_refine.ls_R_factor_R_free_error                 0.008 
_refine.ls_R_factor_R_free_error_details         ? 
_refine.ls_percent_reflns_R_free                 10.5 
_refine.ls_number_reflns_R_free                  995 
_refine.ls_number_parameters                     ? 
_refine.ls_number_restraints                     ? 
_refine.occupancy_min                            ? 
_refine.occupancy_max                            ? 
_refine.B_iso_mean                               24.8 
_refine.aniso_B[1][1]                            2.52 
_refine.aniso_B[2][2]                            -0.49 
_refine.aniso_B[3][3]                            -2.03 
_refine.aniso_B[1][2]                            0.00 
_refine.aniso_B[1][3]                            -3.92 
_refine.aniso_B[2][3]                            0.00 
_refine.solvent_model_details                    'FLAT MODEL' 
_refine.solvent_model_param_ksol                 0.340 
_refine.solvent_model_param_bsol                 29.22 
_refine.pdbx_ls_cross_valid_method               THROUGHOUT 
_refine.details                                  ? 
_refine.pdbx_starting_model                      ? 
_refine.pdbx_method_to_determine_struct          ? 
_refine.pdbx_isotropic_thermal_model             RESTRAINED 
_refine.pdbx_stereochemistry_target_values       ? 
_refine.pdbx_stereochem_target_val_spec_case     ? 
_refine.pdbx_overall_ESU_R                       ? 
_refine.overall_SU_ML                            ? 
_refine.ls_redundancy_reflns_obs                 ? 
_refine.pdbx_R_Free_selection_details            random 
_refine.overall_SU_B                             ? 
_refine.pdbx_overall_ESU_R_Free                  ? 
_refine.pdbx_data_cutoff_high_rms_absF           ? 
_refine.B_iso_min                                ? 
_refine.B_iso_max                                ? 
_refine.correlation_coeff_Fo_to_Fc               ? 
_refine.overall_SU_R_Cruickshank_DPI             ? 
_refine.overall_SU_R_free                        ? 
_refine.correlation_coeff_Fo_to_Fc_free          ? 
_refine.pdbx_solvent_vdw_probe_radii             ? 
_refine.pdbx_solvent_ion_probe_radii             ? 
_refine.pdbx_solvent_shrinkage_radii             ? 
_refine.ls_wR_factor_R_free                      ? 
_refine.ls_wR_factor_R_work                      ? 
_refine.overall_FOM_free_R_set                   ? 
_refine.overall_FOM_work_R_set                   ? 
_refine.pdbx_refine_id                           'X-RAY DIFFRACTION' 
_refine.pdbx_diffrn_id                           1 
_refine.pdbx_TLS_residual_ADP_flag               ? 
_refine.pdbx_overall_phase_error                 ? 
_refine.pdbx_overall_SU_R_free_Cruickshank_DPI   ? 
_refine.pdbx_overall_SU_R_Blow_DPI               ? 
_refine.pdbx_overall_SU_R_free_Blow_DPI          ? 
# 
_refine_analyze.entry_id                        1QCY 
_refine_analyze.Luzzati_coordinate_error_obs    0.25 
_refine_analyze.Luzzati_sigma_a_obs             0.13 
_refine_analyze.Luzzati_d_res_low_obs           6.00 
_refine_analyze.Luzzati_coordinate_error_free   0.34 
_refine_analyze.Luzzati_sigma_a_free            0.22 
_refine_analyze.Luzzati_d_res_low_free          ? 
_refine_analyze.number_disordered_residues      ? 
_refine_analyze.occupancy_sum_hydrogen          ? 
_refine_analyze.occupancy_sum_non_hydrogen      ? 
_refine_analyze.pdbx_Luzzati_d_res_high_obs     ? 
_refine_analyze.pdbx_refine_id                  'X-RAY DIFFRACTION' 
# 
_refine_hist.pdbx_refine_id                   'X-RAY DIFFRACTION' 
_refine_hist.cycle_id                         LAST 
_refine_hist.pdbx_number_atoms_protein        1514 
_refine_hist.pdbx_number_atoms_nucleic_acid   0 
_refine_hist.pdbx_number_atoms_ligand         1 
_refine_hist.number_atoms_solvent             94 
_refine_hist.number_atoms_total               1609 
_refine_hist.d_res_high                       2.30 
_refine_hist.d_res_low                        500.0 
# 
loop_
_refine_ls_restr.type 
_refine_ls_restr.dev_ideal 
_refine_ls_restr.dev_ideal_target 
_refine_ls_restr.weight 
_refine_ls_restr.number 
_refine_ls_restr.pdbx_refine_id 
_refine_ls_restr.pdbx_restraint_function 
c_bond_d                0.005 ?    ? ? 'X-RAY DIFFRACTION' ? 
c_bond_d_na             ?     ?    ? ? 'X-RAY DIFFRACTION' ? 
c_bond_d_prot           ?     ?    ? ? 'X-RAY DIFFRACTION' ? 
c_angle_d               1.20  ?    ? ? 'X-RAY DIFFRACTION' ? 
c_angle_d_na            ?     ?    ? ? 'X-RAY DIFFRACTION' ? 
c_angle_d_prot          ?     ?    ? ? 'X-RAY DIFFRACTION' ? 
c_angle_deg             ?     ?    ? ? 'X-RAY DIFFRACTION' ? 
c_angle_deg_na          ?     ?    ? ? 'X-RAY DIFFRACTION' ? 
c_angle_deg_prot        ?     ?    ? ? 'X-RAY DIFFRACTION' ? 
c_dihedral_angle_d      23.1  ?    ? ? 'X-RAY DIFFRACTION' ? 
c_dihedral_angle_d_na   ?     ?    ? ? 'X-RAY DIFFRACTION' ? 
c_dihedral_angle_d_prot ?     ?    ? ? 'X-RAY DIFFRACTION' ? 
c_improper_angle_d      0.74  ?    ? ? 'X-RAY DIFFRACTION' ? 
c_improper_angle_d_na   ?     ?    ? ? 'X-RAY DIFFRACTION' ? 
c_improper_angle_d_prot ?     ?    ? ? 'X-RAY DIFFRACTION' ? 
c_mcbond_it             1.38  1.50 ? ? 'X-RAY DIFFRACTION' ? 
c_mcangle_it            2.21  2.00 ? ? 'X-RAY DIFFRACTION' ? 
c_scbond_it             2.25  2.00 ? ? 'X-RAY DIFFRACTION' ? 
c_scangle_it            3.25  2.50 ? ? 'X-RAY DIFFRACTION' ? 
# 
_refine_ls_shell.pdbx_total_number_of_bins_used   10 
_refine_ls_shell.d_res_high                       2.30 
_refine_ls_shell.d_res_low                        2.38 
_refine_ls_shell.number_reflns_R_work             796 
_refine_ls_shell.R_factor_R_work                  0.196 
_refine_ls_shell.percent_reflns_obs               90.9 
_refine_ls_shell.R_factor_R_free                  0.287 
_refine_ls_shell.R_factor_R_free_error            0.030 
_refine_ls_shell.percent_reflns_R_free            10.6 
_refine_ls_shell.number_reflns_R_free             94 
_refine_ls_shell.redundancy_reflns_obs            ? 
_refine_ls_shell.number_reflns_all                ? 
_refine_ls_shell.number_reflns_obs                ? 
_refine_ls_shell.pdbx_refine_id                   'X-RAY DIFFRACTION' 
_refine_ls_shell.R_factor_all                     ? 
# 
loop_
_pdbx_xplor_file.serial_no 
_pdbx_xplor_file.param_file 
_pdbx_xplor_file.topol_file 
_pdbx_xplor_file.pdbx_refine_id 
1 PROTEIN_REP.PARAM PROTEIN.TOP 'X-RAY DIFFRACTION' 
2 WATER_REP.PARAM   ?           'X-RAY DIFFRACTION' 
3 ION.PARAM         ?           'X-RAY DIFFRACTION' 
# 
_struct.entry_id                  1QCY 
_struct.title                     'THE CRYSTAL STRUCTURE OF THE I-DOMAIN OF HUMAN INTEGRIN ALPHA1BETA1' 
_struct.pdbx_model_details        ? 
_struct.pdbx_CASP_flag            ? 
_struct.pdbx_model_type_details   ? 
# 
_struct_keywords.entry_id        1QCY 
_struct_keywords.pdbx_keywords   'CELL ADHESION' 
_struct_keywords.text            'DINUCLEOTIDE BINDING FOLD, ROSSMANN FOLD, CELL ADHESION' 
# 
loop_
_struct_asym.id 
_struct_asym.pdbx_blank_PDB_chainid_flag 
_struct_asym.pdbx_modified 
_struct_asym.entity_id 
_struct_asym.details 
A N N 1 ? 
B N N 2 ? 
C N N 3 ? 
# 
_struct_ref.id                         1 
_struct_ref.db_name                    UNP 
_struct_ref.db_code                    ITA1_HUMAN 
_struct_ref.entity_id                  1 
_struct_ref.pdbx_db_accession          P56199 
_struct_ref.pdbx_align_begin           ? 
_struct_ref.pdbx_seq_one_letter_code   ? 
_struct_ref.pdbx_db_isoform            ? 
# 
_struct_ref_seq.align_id                      1 
_struct_ref_seq.ref_id                        1 
_struct_ref_seq.pdbx_PDB_id_code              1QCY 
_struct_ref_seq.pdbx_strand_id                A 
_struct_ref_seq.seq_align_beg                 1 
_struct_ref_seq.pdbx_seq_align_beg_ins_code   ? 
_struct_ref_seq.seq_align_end                 193 
_struct_ref_seq.pdbx_seq_align_end_ins_code   ? 
_struct_ref_seq.pdbx_db_accession             P56199 
_struct_ref_seq.db_align_beg                  141 
_struct_ref_seq.pdbx_db_align_beg_ins_code    ? 
_struct_ref_seq.db_align_end                  333 
_struct_ref_seq.pdbx_db_align_end_ins_code    ? 
_struct_ref_seq.pdbx_auth_seq_align_beg       141 
_struct_ref_seq.pdbx_auth_seq_align_end       333 
# 
_struct_ref_seq_dif.align_id                     1 
_struct_ref_seq_dif.pdbx_pdb_id_code             1QCY 
_struct_ref_seq_dif.mon_id                       ALA 
_struct_ref_seq_dif.pdbx_pdb_strand_id           A 
_struct_ref_seq_dif.seq_num                      78 
_struct_ref_seq_dif.pdbx_pdb_ins_code            ? 
_struct_ref_seq_dif.pdbx_seq_db_name             UNP 
_struct_ref_seq_dif.pdbx_seq_db_accession_code   P56199 
_struct_ref_seq_dif.db_mon_id                    ARG 
_struct_ref_seq_dif.pdbx_seq_db_seq_num          218 
_struct_ref_seq_dif.details                      'SEE REMARK 999' 
_struct_ref_seq_dif.pdbx_auth_seq_num            218 
_struct_ref_seq_dif.pdbx_ordinal                 1 
# 
_pdbx_struct_assembly.id                   1 
_pdbx_struct_assembly.details              author_defined_assembly 
_pdbx_struct_assembly.method_details       ? 
_pdbx_struct_assembly.oligomeric_details   monomeric 
_pdbx_struct_assembly.oligomeric_count     1 
# 
_pdbx_struct_assembly_gen.assembly_id       1 
_pdbx_struct_assembly_gen.oper_expression   1 
_pdbx_struct_assembly_gen.asym_id_list      A,B,C 
# 
_pdbx_struct_oper_list.id                   1 
_pdbx_struct_oper_list.type                 'identity operation' 
_pdbx_struct_oper_list.name                 1_555 
_pdbx_struct_oper_list.symmetry_operation   x,y,z 
_pdbx_struct_oper_list.matrix[1][1]         1.0000000000 
_pdbx_struct_oper_list.matrix[1][2]         0.0000000000 
_pdbx_struct_oper_list.matrix[1][3]         0.0000000000 
_pdbx_struct_oper_list.vector[1]            0.0000000000 
_pdbx_struct_oper_list.matrix[2][1]         0.0000000000 
_pdbx_struct_oper_list.matrix[2][2]         1.0000000000 
_pdbx_struct_oper_list.matrix[2][3]         0.0000000000 
_pdbx_struct_oper_list.vector[2]            0.0000000000 
_pdbx_struct_oper_list.matrix[3][1]         0.0000000000 
_pdbx_struct_oper_list.matrix[3][2]         0.0000000000 
_pdbx_struct_oper_list.matrix[3][3]         1.0000000000 
_pdbx_struct_oper_list.vector[3]            0.0000000000 
# 
_struct_biol.id                    1 
_struct_biol.details               'I-domain is a fragment of alpha1 subunit of the large integrin heterodimer' 
_struct_biol.pdbx_parent_biol_id   ? 
# 
loop_
_struct_conf.conf_type_id 
_struct_conf.id 
_struct_conf.pdbx_PDB_helix_id 
_struct_conf.beg_label_comp_id 
_struct_conf.beg_label_asym_id 
_struct_conf.beg_label_seq_id 
_struct_conf.pdbx_beg_PDB_ins_code 
_struct_conf.end_label_comp_id 
_struct_conf.end_label_asym_id 
_struct_conf.end_label_seq_id 
_struct_conf.pdbx_end_PDB_ins_code 
_struct_conf.beg_auth_comp_id 
_struct_conf.beg_auth_asym_id 
_struct_conf.beg_auth_seq_id 
_struct_conf.end_auth_comp_id 
_struct_conf.end_auth_asym_id 
_struct_conf.end_auth_seq_id 
_struct_conf.pdbx_PDB_helix_class 
_struct_conf.details 
_struct_conf.pdbx_PDB_helix_length 
HELX_P HELX_P1 1 PRO A 17  ? ARG A 31  ? PRO A 157 ARG A 171 1 ? 15 
HELX_P HELX_P2 2 SER A 61  ? ILE A 72  ? SER A 201 ILE A 212 1 ? 12 
HELX_P HELX_P3 3 MET A 81  ? GLU A 92  ? MET A 221 GLU A 232 1 ? 12 
HELX_P HELX_P4 4 THR A 95  ? GLY A 99  ? THR A 235 GLY A 239 5 ? 5  
HELX_P HELX_P5 5 ARG A 121 ? GLU A 132 ? ARG A 261 GLU A 272 1 ? 12 
HELX_P HELX_P6 6 LEU A 142 ? GLY A 148 ? LEU A 282 GLY A 288 1 ? 7  
HELX_P HELX_P7 7 THR A 152 ? ALA A 163 ? THR A 292 ALA A 303 1 ? 12 
HELX_P HELX_P8 8 ASP A 176 ? THR A 182 ? ASP A 316 THR A 322 5 ? 7  
HELX_P HELX_P9 9 ILE A 183 ? ALA A 193 ? ILE A 323 ALA A 333 1 ? 11 
# 
_struct_conf_type.id          HELX_P 
_struct_conf_type.criteria    ? 
_struct_conf_type.reference   ? 
# 
loop_
_struct_conn.id 
_struct_conn.conn_type_id 
_struct_conn.pdbx_leaving_atom_flag 
_struct_conn.pdbx_PDB_id 
_struct_conn.ptnr1_label_asym_id 
_struct_conn.ptnr1_label_comp_id 
_struct_conn.ptnr1_label_seq_id 
_struct_conn.ptnr1_label_atom_id 
_struct_conn.pdbx_ptnr1_label_alt_id 
_struct_conn.pdbx_ptnr1_PDB_ins_code 
_struct_conn.pdbx_ptnr1_standard_comp_id 
_struct_conn.ptnr1_symmetry 
_struct_conn.ptnr2_label_asym_id 
_struct_conn.ptnr2_label_comp_id 
_struct_conn.ptnr2_label_seq_id 
_struct_conn.ptnr2_label_atom_id 
_struct_conn.pdbx_ptnr2_label_alt_id 
_struct_conn.pdbx_ptnr2_PDB_ins_code 
_struct_conn.ptnr1_auth_asym_id 
_struct_conn.ptnr1_auth_comp_id 
_struct_conn.ptnr1_auth_seq_id 
_struct_conn.ptnr2_auth_asym_id 
_struct_conn.ptnr2_auth_comp_id 
_struct_conn.ptnr2_auth_seq_id 
_struct_conn.ptnr2_symmetry 
_struct_conn.pdbx_ptnr3_label_atom_id 
_struct_conn.pdbx_ptnr3_label_seq_id 
_struct_conn.pdbx_ptnr3_label_comp_id 
_struct_conn.pdbx_ptnr3_label_asym_id 
_struct_conn.pdbx_ptnr3_label_alt_id 
_struct_conn.pdbx_ptnr3_PDB_ins_code 
_struct_conn.details 
_struct_conn.pdbx_dist_value 
_struct_conn.pdbx_value_order 
_struct_conn.pdbx_role 
metalc1 metalc ? ? C HOH . O  ? ? ? 1_555 B MG  .   MG  ? ? A HOH 5   A MG  101 1_555 ? ? ? ? ? ? ? 2.449 ? ? 
metalc2 metalc ? ? C HOH . O  ? ? ? 1_555 B MG  .   MG  ? ? A HOH 47  A MG  101 1_555 ? ? ? ? ? ? ? 2.601 ? ? 
metalc3 metalc ? ? C HOH . O  ? ? ? 1_555 B MG  .   MG  ? ? A HOH 48  A MG  101 1_555 ? ? ? ? ? ? ? 2.542 ? ? 
metalc4 metalc ? ? B MG  . MG ? ? ? 1_555 A SER 12  OG  ? ? A MG  101 A SER 152 1_555 ? ? ? ? ? ? ? 2.815 ? ? 
metalc5 metalc ? ? B MG  . MG ? ? ? 1_555 A SER 14  OG  ? ? A MG  101 A SER 154 1_555 ? ? ? ? ? ? ? 2.408 ? ? 
metalc6 metalc ? ? B MG  . MG ? ? ? 1_555 A ASP 113 OD1 ? ? A MG  101 A ASP 253 1_555 ? ? ? ? ? ? ? 2.644 ? ? 
# 
_struct_conn_type.id          metalc 
_struct_conn_type.criteria    ? 
_struct_conn_type.reference   ? 
# 
loop_
_pdbx_struct_conn_angle.id 
_pdbx_struct_conn_angle.ptnr1_label_atom_id 
_pdbx_struct_conn_angle.ptnr1_label_alt_id 
_pdbx_struct_conn_angle.ptnr1_label_asym_id 
_pdbx_struct_conn_angle.ptnr1_label_comp_id 
_pdbx_struct_conn_angle.ptnr1_label_seq_id 
_pdbx_struct_conn_angle.ptnr1_auth_atom_id 
_pdbx_struct_conn_angle.ptnr1_auth_asym_id 
_pdbx_struct_conn_angle.ptnr1_auth_comp_id 
_pdbx_struct_conn_angle.ptnr1_auth_seq_id 
_pdbx_struct_conn_angle.ptnr1_PDB_ins_code 
_pdbx_struct_conn_angle.ptnr1_symmetry 
_pdbx_struct_conn_angle.ptnr2_label_atom_id 
_pdbx_struct_conn_angle.ptnr2_label_alt_id 
_pdbx_struct_conn_angle.ptnr2_label_asym_id 
_pdbx_struct_conn_angle.ptnr2_label_comp_id 
_pdbx_struct_conn_angle.ptnr2_label_seq_id 
_pdbx_struct_conn_angle.ptnr2_auth_atom_id 
_pdbx_struct_conn_angle.ptnr2_auth_asym_id 
_pdbx_struct_conn_angle.ptnr2_auth_comp_id 
_pdbx_struct_conn_angle.ptnr2_auth_seq_id 
_pdbx_struct_conn_angle.ptnr2_PDB_ins_code 
_pdbx_struct_conn_angle.ptnr2_symmetry 
_pdbx_struct_conn_angle.ptnr3_label_atom_id 
_pdbx_struct_conn_angle.ptnr3_label_alt_id 
_pdbx_struct_conn_angle.ptnr3_label_asym_id 
_pdbx_struct_conn_angle.ptnr3_label_comp_id 
_pdbx_struct_conn_angle.ptnr3_label_seq_id 
_pdbx_struct_conn_angle.ptnr3_auth_atom_id 
_pdbx_struct_conn_angle.ptnr3_auth_asym_id 
_pdbx_struct_conn_angle.ptnr3_auth_comp_id 
_pdbx_struct_conn_angle.ptnr3_auth_seq_id 
_pdbx_struct_conn_angle.ptnr3_PDB_ins_code 
_pdbx_struct_conn_angle.ptnr3_symmetry 
_pdbx_struct_conn_angle.value 
_pdbx_struct_conn_angle.value_esd 
1  O  ? C HOH .  ? A HOH 5   ? 1_555 MG ? B MG . ? A MG 101 ? 1_555 O   ? C HOH .   ? A HOH 47  ? 1_555 96.5  ? 
2  O  ? C HOH .  ? A HOH 5   ? 1_555 MG ? B MG . ? A MG 101 ? 1_555 O   ? C HOH .   ? A HOH 48  ? 1_555 114.3 ? 
3  O  ? C HOH .  ? A HOH 47  ? 1_555 MG ? B MG . ? A MG 101 ? 1_555 O   ? C HOH .   ? A HOH 48  ? 1_555 86.0  ? 
4  O  ? C HOH .  ? A HOH 5   ? 1_555 MG ? B MG . ? A MG 101 ? 1_555 OG  ? A SER 12  ? A SER 152 ? 1_555 71.1  ? 
5  O  ? C HOH .  ? A HOH 47  ? 1_555 MG ? B MG . ? A MG 101 ? 1_555 OG  ? A SER 12  ? A SER 152 ? 1_555 160.9 ? 
6  O  ? C HOH .  ? A HOH 48  ? 1_555 MG ? B MG . ? A MG 101 ? 1_555 OG  ? A SER 12  ? A SER 152 ? 1_555 112.2 ? 
7  O  ? C HOH .  ? A HOH 5   ? 1_555 MG ? B MG . ? A MG 101 ? 1_555 OG  ? A SER 14  ? A SER 154 ? 1_555 146.3 ? 
8  O  ? C HOH .  ? A HOH 47  ? 1_555 MG ? B MG . ? A MG 101 ? 1_555 OG  ? A SER 14  ? A SER 154 ? 1_555 95.6  ? 
9  O  ? C HOH .  ? A HOH 48  ? 1_555 MG ? B MG . ? A MG 101 ? 1_555 OG  ? A SER 14  ? A SER 154 ? 1_555 97.9  ? 
10 OG ? A SER 12 ? A SER 152 ? 1_555 MG ? B MG . ? A MG 101 ? 1_555 OG  ? A SER 14  ? A SER 154 ? 1_555 88.0  ? 
11 O  ? C HOH .  ? A HOH 5   ? 1_555 MG ? B MG . ? A MG 101 ? 1_555 OD1 ? A ASP 113 ? A ASP 253 ? 1_555 70.4  ? 
12 O  ? C HOH .  ? A HOH 47  ? 1_555 MG ? B MG . ? A MG 101 ? 1_555 OD1 ? A ASP 113 ? A ASP 253 ? 1_555 90.9  ? 
13 O  ? C HOH .  ? A HOH 48  ? 1_555 MG ? B MG . ? A MG 101 ? 1_555 OD1 ? A ASP 113 ? A ASP 253 ? 1_555 174.7 ? 
14 OG ? A SER 12 ? A SER 152 ? 1_555 MG ? B MG . ? A MG 101 ? 1_555 OD1 ? A ASP 113 ? A ASP 253 ? 1_555 71.4  ? 
15 OG ? A SER 14 ? A SER 154 ? 1_555 MG ? B MG . ? A MG 101 ? 1_555 OD1 ? A ASP 113 ? A ASP 253 ? 1_555 78.1  ? 
# 
loop_
_struct_mon_prot_cis.pdbx_id 
_struct_mon_prot_cis.label_comp_id 
_struct_mon_prot_cis.label_seq_id 
_struct_mon_prot_cis.label_asym_id 
_struct_mon_prot_cis.label_alt_id 
_struct_mon_prot_cis.pdbx_PDB_ins_code 
_struct_mon_prot_cis.auth_comp_id 
_struct_mon_prot_cis.auth_seq_id 
_struct_mon_prot_cis.auth_asym_id 
_struct_mon_prot_cis.pdbx_label_comp_id_2 
_struct_mon_prot_cis.pdbx_label_seq_id_2 
_struct_mon_prot_cis.pdbx_label_asym_id_2 
_struct_mon_prot_cis.pdbx_PDB_ins_code_2 
_struct_mon_prot_cis.pdbx_auth_comp_id_2 
_struct_mon_prot_cis.pdbx_auth_seq_id_2 
_struct_mon_prot_cis.pdbx_auth_asym_id_2 
_struct_mon_prot_cis.pdbx_PDB_model_num 
_struct_mon_prot_cis.pdbx_omega_angle 
1 TYR 16  A . ? TYR 156 A PRO 17  A ? PRO 157 A 1 -0.30 
2 GLU 165 A . ? GLU 305 A PRO 166 A ? PRO 306 A 1 0.57  
# 
_struct_sheet.id               A 
_struct_sheet.type             ? 
_struct_sheet.number_strands   6 
_struct_sheet.details          ? 
# 
loop_
_struct_sheet_order.sheet_id 
_struct_sheet_order.range_id_1 
_struct_sheet_order.range_id_2 
_struct_sheet_order.offset 
_struct_sheet_order.sense 
A 1 2 ? anti-parallel 
A 2 3 ? parallel      
A 3 4 ? parallel      
A 4 5 ? parallel      
A 5 6 ? parallel      
# 
loop_
_struct_sheet_range.sheet_id 
_struct_sheet_range.id 
_struct_sheet_range.beg_label_comp_id 
_struct_sheet_range.beg_label_asym_id 
_struct_sheet_range.beg_label_seq_id 
_struct_sheet_range.pdbx_beg_PDB_ins_code 
_struct_sheet_range.end_label_comp_id 
_struct_sheet_range.end_label_asym_id 
_struct_sheet_range.end_label_seq_id 
_struct_sheet_range.pdbx_end_PDB_ins_code 
_struct_sheet_range.beg_auth_comp_id 
_struct_sheet_range.beg_auth_asym_id 
_struct_sheet_range.beg_auth_seq_id 
_struct_sheet_range.end_auth_comp_id 
_struct_sheet_range.end_auth_asym_id 
_struct_sheet_range.end_auth_seq_id 
A 1 VAL A 50  ? PHE A 54  ? VAL A 190 PHE A 194 
A 2 GLN A 40  ? TYR A 46  ? GLN A 180 TYR A 186 
A 3 LEU A 3   ? ASP A 10  ? LEU A 143 ASP A 150 
A 4 LYS A 105 ? THR A 112 ? LYS A 245 THR A 252 
A 5 ILE A 134 ? ILE A 141 ? ILE A 274 ILE A 281 
A 6 PHE A 171 ? VAL A 174 ? PHE A 311 VAL A 314 
# 
loop_
_pdbx_struct_sheet_hbond.sheet_id 
_pdbx_struct_sheet_hbond.range_id_1 
_pdbx_struct_sheet_hbond.range_id_2 
_pdbx_struct_sheet_hbond.range_1_label_atom_id 
_pdbx_struct_sheet_hbond.range_1_label_comp_id 
_pdbx_struct_sheet_hbond.range_1_label_asym_id 
_pdbx_struct_sheet_hbond.range_1_label_seq_id 
_pdbx_struct_sheet_hbond.range_1_PDB_ins_code 
_pdbx_struct_sheet_hbond.range_1_auth_atom_id 
_pdbx_struct_sheet_hbond.range_1_auth_comp_id 
_pdbx_struct_sheet_hbond.range_1_auth_asym_id 
_pdbx_struct_sheet_hbond.range_1_auth_seq_id 
_pdbx_struct_sheet_hbond.range_2_label_atom_id 
_pdbx_struct_sheet_hbond.range_2_label_comp_id 
_pdbx_struct_sheet_hbond.range_2_label_asym_id 
_pdbx_struct_sheet_hbond.range_2_label_seq_id 
_pdbx_struct_sheet_hbond.range_2_PDB_ins_code 
_pdbx_struct_sheet_hbond.range_2_auth_atom_id 
_pdbx_struct_sheet_hbond.range_2_auth_comp_id 
_pdbx_struct_sheet_hbond.range_2_auth_asym_id 
_pdbx_struct_sheet_hbond.range_2_auth_seq_id 
A 1 2 O PHE A 54  ? O PHE A 194 N ILE A 43  ? N ILE A 183 
A 2 3 N GLN A 40  ? N GLN A 180 O LEU A 3   ? O LEU A 143 
A 3 4 N ASP A 4   ? N ASP A 144 O LYS A 105 ? O LYS A 245 
A 4 5 N MET A 108 ? N MET A 248 O GLN A 135 ? O GLN A 275 
A 5 6 N ALA A 140 ? N ALA A 280 O PHE A 172 ? O PHE A 312 
# 
_struct_site.id                   AC1 
_struct_site.pdbx_evidence_code   Software 
_struct_site.pdbx_auth_asym_id    A 
_struct_site.pdbx_auth_comp_id    MG 
_struct_site.pdbx_auth_seq_id     101 
_struct_site.pdbx_auth_ins_code   ? 
_struct_site.pdbx_num_residues    6 
_struct_site.details              'BINDING SITE FOR RESIDUE MG A 101' 
# 
loop_
_struct_site_gen.id 
_struct_site_gen.site_id 
_struct_site_gen.pdbx_num_res 
_struct_site_gen.label_comp_id 
_struct_site_gen.label_asym_id 
_struct_site_gen.label_seq_id 
_struct_site_gen.pdbx_auth_ins_code 
_struct_site_gen.auth_comp_id 
_struct_site_gen.auth_asym_id 
_struct_site_gen.auth_seq_id 
_struct_site_gen.label_atom_id 
_struct_site_gen.label_alt_id 
_struct_site_gen.symmetry 
_struct_site_gen.details 
1 AC1 6 HOH C .   ? HOH A 5   . ? 1_555 ? 
2 AC1 6 HOH C .   ? HOH A 47  . ? 1_555 ? 
3 AC1 6 HOH C .   ? HOH A 48  . ? 1_555 ? 
4 AC1 6 SER A 12  ? SER A 152 . ? 1_555 ? 
5 AC1 6 SER A 14  ? SER A 154 . ? 1_555 ? 
6 AC1 6 ASP A 113 ? ASP A 253 . ? 1_555 ? 
# 
loop_
_pdbx_validate_torsion.id 
_pdbx_validate_torsion.PDB_model_num 
_pdbx_validate_torsion.auth_comp_id 
_pdbx_validate_torsion.auth_asym_id 
_pdbx_validate_torsion.auth_seq_id 
_pdbx_validate_torsion.PDB_ins_code 
_pdbx_validate_torsion.label_alt_id 
_pdbx_validate_torsion.phi 
_pdbx_validate_torsion.psi 
1 1 GLN A 178 ? ? -114.98 -133.95 
2 1 MET A 221 ? ? -104.39 69.11   
3 1 ASP A 258 ? ? -108.62 41.95   
4 1 THR A 307 ? ? 121.15  -57.50  
# 
loop_
_chem_comp_atom.comp_id 
_chem_comp_atom.atom_id 
_chem_comp_atom.type_symbol 
_chem_comp_atom.pdbx_aromatic_flag 
_chem_comp_atom.pdbx_stereo_config 
_chem_comp_atom.pdbx_ordinal 
ALA N    N  N N 1   
ALA CA   C  N S 2   
ALA C    C  N N 3   
ALA O    O  N N 4   
ALA CB   C  N N 5   
ALA OXT  O  N N 6   
ALA H    H  N N 7   
ALA H2   H  N N 8   
ALA HA   H  N N 9   
ALA HB1  H  N N 10  
ALA HB2  H  N N 11  
ALA HB3  H  N N 12  
ALA HXT  H  N N 13  
ARG N    N  N N 14  
ARG CA   C  N S 15  
ARG C    C  N N 16  
ARG O    O  N N 17  
ARG CB   C  N N 18  
ARG CG   C  N N 19  
ARG CD   C  N N 20  
ARG NE   N  N N 21  
ARG CZ   C  N N 22  
ARG NH1  N  N N 23  
ARG NH2  N  N N 24  
ARG OXT  O  N N 25  
ARG H    H  N N 26  
ARG H2   H  N N 27  
ARG HA   H  N N 28  
ARG HB2  H  N N 29  
ARG HB3  H  N N 30  
ARG HG2  H  N N 31  
ARG HG3  H  N N 32  
ARG HD2  H  N N 33  
ARG HD3  H  N N 34  
ARG HE   H  N N 35  
ARG HH11 H  N N 36  
ARG HH12 H  N N 37  
ARG HH21 H  N N 38  
ARG HH22 H  N N 39  
ARG HXT  H  N N 40  
ASN N    N  N N 41  
ASN CA   C  N S 42  
ASN C    C  N N 43  
ASN O    O  N N 44  
ASN CB   C  N N 45  
ASN CG   C  N N 46  
ASN OD1  O  N N 47  
ASN ND2  N  N N 48  
ASN OXT  O  N N 49  
ASN H    H  N N 50  
ASN H2   H  N N 51  
ASN HA   H  N N 52  
ASN HB2  H  N N 53  
ASN HB3  H  N N 54  
ASN HD21 H  N N 55  
ASN HD22 H  N N 56  
ASN HXT  H  N N 57  
ASP N    N  N N 58  
ASP CA   C  N S 59  
ASP C    C  N N 60  
ASP O    O  N N 61  
ASP CB   C  N N 62  
ASP CG   C  N N 63  
ASP OD1  O  N N 64  
ASP OD2  O  N N 65  
ASP OXT  O  N N 66  
ASP H    H  N N 67  
ASP H2   H  N N 68  
ASP HA   H  N N 69  
ASP HB2  H  N N 70  
ASP HB3  H  N N 71  
ASP HD2  H  N N 72  
ASP HXT  H  N N 73  
CYS N    N  N N 74  
CYS CA   C  N R 75  
CYS C    C  N N 76  
CYS O    O  N N 77  
CYS CB   C  N N 78  
CYS SG   S  N N 79  
CYS OXT  O  N N 80  
CYS H    H  N N 81  
CYS H2   H  N N 82  
CYS HA   H  N N 83  
CYS HB2  H  N N 84  
CYS HB3  H  N N 85  
CYS HG   H  N N 86  
CYS HXT  H  N N 87  
GLN N    N  N N 88  
GLN CA   C  N S 89  
GLN C    C  N N 90  
GLN O    O  N N 91  
GLN CB   C  N N 92  
GLN CG   C  N N 93  
GLN CD   C  N N 94  
GLN OE1  O  N N 95  
GLN NE2  N  N N 96  
GLN OXT  O  N N 97  
GLN H    H  N N 98  
GLN H2   H  N N 99  
GLN HA   H  N N 100 
GLN HB2  H  N N 101 
GLN HB3  H  N N 102 
GLN HG2  H  N N 103 
GLN HG3  H  N N 104 
GLN HE21 H  N N 105 
GLN HE22 H  N N 106 
GLN HXT  H  N N 107 
GLU N    N  N N 108 
GLU CA   C  N S 109 
GLU C    C  N N 110 
GLU O    O  N N 111 
GLU CB   C  N N 112 
GLU CG   C  N N 113 
GLU CD   C  N N 114 
GLU OE1  O  N N 115 
GLU OE2  O  N N 116 
GLU OXT  O  N N 117 
GLU H    H  N N 118 
GLU H2   H  N N 119 
GLU HA   H  N N 120 
GLU HB2  H  N N 121 
GLU HB3  H  N N 122 
GLU HG2  H  N N 123 
GLU HG3  H  N N 124 
GLU HE2  H  N N 125 
GLU HXT  H  N N 126 
GLY N    N  N N 127 
GLY CA   C  N N 128 
GLY C    C  N N 129 
GLY O    O  N N 130 
GLY OXT  O  N N 131 
GLY H    H  N N 132 
GLY H2   H  N N 133 
GLY HA2  H  N N 134 
GLY HA3  H  N N 135 
GLY HXT  H  N N 136 
HIS N    N  N N 137 
HIS CA   C  N S 138 
HIS C    C  N N 139 
HIS O    O  N N 140 
HIS CB   C  N N 141 
HIS CG   C  Y N 142 
HIS ND1  N  Y N 143 
HIS CD2  C  Y N 144 
HIS CE1  C  Y N 145 
HIS NE2  N  Y N 146 
HIS OXT  O  N N 147 
HIS H    H  N N 148 
HIS H2   H  N N 149 
HIS HA   H  N N 150 
HIS HB2  H  N N 151 
HIS HB3  H  N N 152 
HIS HD1  H  N N 153 
HIS HD2  H  N N 154 
HIS HE1  H  N N 155 
HIS HE2  H  N N 156 
HIS HXT  H  N N 157 
HOH O    O  N N 158 
HOH H1   H  N N 159 
HOH H2   H  N N 160 
ILE N    N  N N 161 
ILE CA   C  N S 162 
ILE C    C  N N 163 
ILE O    O  N N 164 
ILE CB   C  N S 165 
ILE CG1  C  N N 166 
ILE CG2  C  N N 167 
ILE CD1  C  N N 168 
ILE OXT  O  N N 169 
ILE H    H  N N 170 
ILE H2   H  N N 171 
ILE HA   H  N N 172 
ILE HB   H  N N 173 
ILE HG12 H  N N 174 
ILE HG13 H  N N 175 
ILE HG21 H  N N 176 
ILE HG22 H  N N 177 
ILE HG23 H  N N 178 
ILE HD11 H  N N 179 
ILE HD12 H  N N 180 
ILE HD13 H  N N 181 
ILE HXT  H  N N 182 
LEU N    N  N N 183 
LEU CA   C  N S 184 
LEU C    C  N N 185 
LEU O    O  N N 186 
LEU CB   C  N N 187 
LEU CG   C  N N 188 
LEU CD1  C  N N 189 
LEU CD2  C  N N 190 
LEU OXT  O  N N 191 
LEU H    H  N N 192 
LEU H2   H  N N 193 
LEU HA   H  N N 194 
LEU HB2  H  N N 195 
LEU HB3  H  N N 196 
LEU HG   H  N N 197 
LEU HD11 H  N N 198 
LEU HD12 H  N N 199 
LEU HD13 H  N N 200 
LEU HD21 H  N N 201 
LEU HD22 H  N N 202 
LEU HD23 H  N N 203 
LEU HXT  H  N N 204 
LYS N    N  N N 205 
LYS CA   C  N S 206 
LYS C    C  N N 207 
LYS O    O  N N 208 
LYS CB   C  N N 209 
LYS CG   C  N N 210 
LYS CD   C  N N 211 
LYS CE   C  N N 212 
LYS NZ   N  N N 213 
LYS OXT  O  N N 214 
LYS H    H  N N 215 
LYS H2   H  N N 216 
LYS HA   H  N N 217 
LYS HB2  H  N N 218 
LYS HB3  H  N N 219 
LYS HG2  H  N N 220 
LYS HG3  H  N N 221 
LYS HD2  H  N N 222 
LYS HD3  H  N N 223 
LYS HE2  H  N N 224 
LYS HE3  H  N N 225 
LYS HZ1  H  N N 226 
LYS HZ2  H  N N 227 
LYS HZ3  H  N N 228 
LYS HXT  H  N N 229 
MET N    N  N N 230 
MET CA   C  N S 231 
MET C    C  N N 232 
MET O    O  N N 233 
MET CB   C  N N 234 
MET CG   C  N N 235 
MET SD   S  N N 236 
MET CE   C  N N 237 
MET OXT  O  N N 238 
MET H    H  N N 239 
MET H2   H  N N 240 
MET HA   H  N N 241 
MET HB2  H  N N 242 
MET HB3  H  N N 243 
MET HG2  H  N N 244 
MET HG3  H  N N 245 
MET HE1  H  N N 246 
MET HE2  H  N N 247 
MET HE3  H  N N 248 
MET HXT  H  N N 249 
MG  MG   MG N N 250 
PHE N    N  N N 251 
PHE CA   C  N S 252 
PHE C    C  N N 253 
PHE O    O  N N 254 
PHE CB   C  N N 255 
PHE CG   C  Y N 256 
PHE CD1  C  Y N 257 
PHE CD2  C  Y N 258 
PHE CE1  C  Y N 259 
PHE CE2  C  Y N 260 
PHE CZ   C  Y N 261 
PHE OXT  O  N N 262 
PHE H    H  N N 263 
PHE H2   H  N N 264 
PHE HA   H  N N 265 
PHE HB2  H  N N 266 
PHE HB3  H  N N 267 
PHE HD1  H  N N 268 
PHE HD2  H  N N 269 
PHE HE1  H  N N 270 
PHE HE2  H  N N 271 
PHE HZ   H  N N 272 
PHE HXT  H  N N 273 
PRO N    N  N N 274 
PRO CA   C  N S 275 
PRO C    C  N N 276 
PRO O    O  N N 277 
PRO CB   C  N N 278 
PRO CG   C  N N 279 
PRO CD   C  N N 280 
PRO OXT  O  N N 281 
PRO H    H  N N 282 
PRO HA   H  N N 283 
PRO HB2  H  N N 284 
PRO HB3  H  N N 285 
PRO HG2  H  N N 286 
PRO HG3  H  N N 287 
PRO HD2  H  N N 288 
PRO HD3  H  N N 289 
PRO HXT  H  N N 290 
SER N    N  N N 291 
SER CA   C  N S 292 
SER C    C  N N 293 
SER O    O  N N 294 
SER CB   C  N N 295 
SER OG   O  N N 296 
SER OXT  O  N N 297 
SER H    H  N N 298 
SER H2   H  N N 299 
SER HA   H  N N 300 
SER HB2  H  N N 301 
SER HB3  H  N N 302 
SER HG   H  N N 303 
SER HXT  H  N N 304 
THR N    N  N N 305 
THR CA   C  N S 306 
THR C    C  N N 307 
THR O    O  N N 308 
THR CB   C  N R 309 
THR OG1  O  N N 310 
THR CG2  C  N N 311 
THR OXT  O  N N 312 
THR H    H  N N 313 
THR H2   H  N N 314 
THR HA   H  N N 315 
THR HB   H  N N 316 
THR HG1  H  N N 317 
THR HG21 H  N N 318 
THR HG22 H  N N 319 
THR HG23 H  N N 320 
THR HXT  H  N N 321 
TRP N    N  N N 322 
TRP CA   C  N S 323 
TRP C    C  N N 324 
TRP O    O  N N 325 
TRP CB   C  N N 326 
TRP CG   C  Y N 327 
TRP CD1  C  Y N 328 
TRP CD2  C  Y N 329 
TRP NE1  N  Y N 330 
TRP CE2  C  Y N 331 
TRP CE3  C  Y N 332 
TRP CZ2  C  Y N 333 
TRP CZ3  C  Y N 334 
TRP CH2  C  Y N 335 
TRP OXT  O  N N 336 
TRP H    H  N N 337 
TRP H2   H  N N 338 
TRP HA   H  N N 339 
TRP HB2  H  N N 340 
TRP HB3  H  N N 341 
TRP HD1  H  N N 342 
TRP HE1  H  N N 343 
TRP HE3  H  N N 344 
TRP HZ2  H  N N 345 
TRP HZ3  H  N N 346 
TRP HH2  H  N N 347 
TRP HXT  H  N N 348 
TYR N    N  N N 349 
TYR CA   C  N S 350 
TYR C    C  N N 351 
TYR O    O  N N 352 
TYR CB   C  N N 353 
TYR CG   C  Y N 354 
TYR CD1  C  Y N 355 
TYR CD2  C  Y N 356 
TYR CE1  C  Y N 357 
TYR CE2  C  Y N 358 
TYR CZ   C  Y N 359 
TYR OH   O  N N 360 
TYR OXT  O  N N 361 
TYR H    H  N N 362 
TYR H2   H  N N 363 
TYR HA   H  N N 364 
TYR HB2  H  N N 365 
TYR HB3  H  N N 366 
TYR HD1  H  N N 367 
TYR HD2  H  N N 368 
TYR HE1  H  N N 369 
TYR HE2  H  N N 370 
TYR HH   H  N N 371 
TYR HXT  H  N N 372 
VAL N    N  N N 373 
VAL CA   C  N S 374 
VAL C    C  N N 375 
VAL O    O  N N 376 
VAL CB   C  N N 377 
VAL CG1  C  N N 378 
VAL CG2  C  N N 379 
VAL OXT  O  N N 380 
VAL H    H  N N 381 
VAL H2   H  N N 382 
VAL HA   H  N N 383 
VAL HB   H  N N 384 
VAL HG11 H  N N 385 
VAL HG12 H  N N 386 
VAL HG13 H  N N 387 
VAL HG21 H  N N 388 
VAL HG22 H  N N 389 
VAL HG23 H  N N 390 
VAL HXT  H  N N 391 
# 
loop_
_chem_comp_bond.comp_id 
_chem_comp_bond.atom_id_1 
_chem_comp_bond.atom_id_2 
_chem_comp_bond.value_order 
_chem_comp_bond.pdbx_aromatic_flag 
_chem_comp_bond.pdbx_stereo_config 
_chem_comp_bond.pdbx_ordinal 
ALA N   CA   sing N N 1   
ALA N   H    sing N N 2   
ALA N   H2   sing N N 3   
ALA CA  C    sing N N 4   
ALA CA  CB   sing N N 5   
ALA CA  HA   sing N N 6   
ALA C   O    doub N N 7   
ALA C   OXT  sing N N 8   
ALA CB  HB1  sing N N 9   
ALA CB  HB2  sing N N 10  
ALA CB  HB3  sing N N 11  
ALA OXT HXT  sing N N 12  
ARG N   CA   sing N N 13  
ARG N   H    sing N N 14  
ARG N   H2   sing N N 15  
ARG CA  C    sing N N 16  
ARG CA  CB   sing N N 17  
ARG CA  HA   sing N N 18  
ARG C   O    doub N N 19  
ARG C   OXT  sing N N 20  
ARG CB  CG   sing N N 21  
ARG CB  HB2  sing N N 22  
ARG CB  HB3  sing N N 23  
ARG CG  CD   sing N N 24  
ARG CG  HG2  sing N N 25  
ARG CG  HG3  sing N N 26  
ARG CD  NE   sing N N 27  
ARG CD  HD2  sing N N 28  
ARG CD  HD3  sing N N 29  
ARG NE  CZ   sing N N 30  
ARG NE  HE   sing N N 31  
ARG CZ  NH1  sing N N 32  
ARG CZ  NH2  doub N N 33  
ARG NH1 HH11 sing N N 34  
ARG NH1 HH12 sing N N 35  
ARG NH2 HH21 sing N N 36  
ARG NH2 HH22 sing N N 37  
ARG OXT HXT  sing N N 38  
ASN N   CA   sing N N 39  
ASN N   H    sing N N 40  
ASN N   H2   sing N N 41  
ASN CA  C    sing N N 42  
ASN CA  CB   sing N N 43  
ASN CA  HA   sing N N 44  
ASN C   O    doub N N 45  
ASN C   OXT  sing N N 46  
ASN CB  CG   sing N N 47  
ASN CB  HB2  sing N N 48  
ASN CB  HB3  sing N N 49  
ASN CG  OD1  doub N N 50  
ASN CG  ND2  sing N N 51  
ASN ND2 HD21 sing N N 52  
ASN ND2 HD22 sing N N 53  
ASN OXT HXT  sing N N 54  
ASP N   CA   sing N N 55  
ASP N   H    sing N N 56  
ASP N   H2   sing N N 57  
ASP CA  C    sing N N 58  
ASP CA  CB   sing N N 59  
ASP CA  HA   sing N N 60  
ASP C   O    doub N N 61  
ASP C   OXT  sing N N 62  
ASP CB  CG   sing N N 63  
ASP CB  HB2  sing N N 64  
ASP CB  HB3  sing N N 65  
ASP CG  OD1  doub N N 66  
ASP CG  OD2  sing N N 67  
ASP OD2 HD2  sing N N 68  
ASP OXT HXT  sing N N 69  
CYS N   CA   sing N N 70  
CYS N   H    sing N N 71  
CYS N   H2   sing N N 72  
CYS CA  C    sing N N 73  
CYS CA  CB   sing N N 74  
CYS CA  HA   sing N N 75  
CYS C   O    doub N N 76  
CYS C   OXT  sing N N 77  
CYS CB  SG   sing N N 78  
CYS CB  HB2  sing N N 79  
CYS CB  HB3  sing N N 80  
CYS SG  HG   sing N N 81  
CYS OXT HXT  sing N N 82  
GLN N   CA   sing N N 83  
GLN N   H    sing N N 84  
GLN N   H2   sing N N 85  
GLN CA  C    sing N N 86  
GLN CA  CB   sing N N 87  
GLN CA  HA   sing N N 88  
GLN C   O    doub N N 89  
GLN C   OXT  sing N N 90  
GLN CB  CG   sing N N 91  
GLN CB  HB2  sing N N 92  
GLN CB  HB3  sing N N 93  
GLN CG  CD   sing N N 94  
GLN CG  HG2  sing N N 95  
GLN CG  HG3  sing N N 96  
GLN CD  OE1  doub N N 97  
GLN CD  NE2  sing N N 98  
GLN NE2 HE21 sing N N 99  
GLN NE2 HE22 sing N N 100 
GLN OXT HXT  sing N N 101 
GLU N   CA   sing N N 102 
GLU N   H    sing N N 103 
GLU N   H2   sing N N 104 
GLU CA  C    sing N N 105 
GLU CA  CB   sing N N 106 
GLU CA  HA   sing N N 107 
GLU C   O    doub N N 108 
GLU C   OXT  sing N N 109 
GLU CB  CG   sing N N 110 
GLU CB  HB2  sing N N 111 
GLU CB  HB3  sing N N 112 
GLU CG  CD   sing N N 113 
GLU CG  HG2  sing N N 114 
GLU CG  HG3  sing N N 115 
GLU CD  OE1  doub N N 116 
GLU CD  OE2  sing N N 117 
GLU OE2 HE2  sing N N 118 
GLU OXT HXT  sing N N 119 
GLY N   CA   sing N N 120 
GLY N   H    sing N N 121 
GLY N   H2   sing N N 122 
GLY CA  C    sing N N 123 
GLY CA  HA2  sing N N 124 
GLY CA  HA3  sing N N 125 
GLY C   O    doub N N 126 
GLY C   OXT  sing N N 127 
GLY OXT HXT  sing N N 128 
HIS N   CA   sing N N 129 
HIS N   H    sing N N 130 
HIS N   H2   sing N N 131 
HIS CA  C    sing N N 132 
HIS CA  CB   sing N N 133 
HIS CA  HA   sing N N 134 
HIS C   O    doub N N 135 
HIS C   OXT  sing N N 136 
HIS CB  CG   sing N N 137 
HIS CB  HB2  sing N N 138 
HIS CB  HB3  sing N N 139 
HIS CG  ND1  sing Y N 140 
HIS CG  CD2  doub Y N 141 
HIS ND1 CE1  doub Y N 142 
HIS ND1 HD1  sing N N 143 
HIS CD2 NE2  sing Y N 144 
HIS CD2 HD2  sing N N 145 
HIS CE1 NE2  sing Y N 146 
HIS CE1 HE1  sing N N 147 
HIS NE2 HE2  sing N N 148 
HIS OXT HXT  sing N N 149 
HOH O   H1   sing N N 150 
HOH O   H2   sing N N 151 
ILE N   CA   sing N N 152 
ILE N   H    sing N N 153 
ILE N   H2   sing N N 154 
ILE CA  C    sing N N 155 
ILE CA  CB   sing N N 156 
ILE CA  HA   sing N N 157 
ILE C   O    doub N N 158 
ILE C   OXT  sing N N 159 
ILE CB  CG1  sing N N 160 
ILE CB  CG2  sing N N 161 
ILE CB  HB   sing N N 162 
ILE CG1 CD1  sing N N 163 
ILE CG1 HG12 sing N N 164 
ILE CG1 HG13 sing N N 165 
ILE CG2 HG21 sing N N 166 
ILE CG2 HG22 sing N N 167 
ILE CG2 HG23 sing N N 168 
ILE CD1 HD11 sing N N 169 
ILE CD1 HD12 sing N N 170 
ILE CD1 HD13 sing N N 171 
ILE OXT HXT  sing N N 172 
LEU N   CA   sing N N 173 
LEU N   H    sing N N 174 
LEU N   H2   sing N N 175 
LEU CA  C    sing N N 176 
LEU CA  CB   sing N N 177 
LEU CA  HA   sing N N 178 
LEU C   O    doub N N 179 
LEU C   OXT  sing N N 180 
LEU CB  CG   sing N N 181 
LEU CB  HB2  sing N N 182 
LEU CB  HB3  sing N N 183 
LEU CG  CD1  sing N N 184 
LEU CG  CD2  sing N N 185 
LEU CG  HG   sing N N 186 
LEU CD1 HD11 sing N N 187 
LEU CD1 HD12 sing N N 188 
LEU CD1 HD13 sing N N 189 
LEU CD2 HD21 sing N N 190 
LEU CD2 HD22 sing N N 191 
LEU CD2 HD23 sing N N 192 
LEU OXT HXT  sing N N 193 
LYS N   CA   sing N N 194 
LYS N   H    sing N N 195 
LYS N   H2   sing N N 196 
LYS CA  C    sing N N 197 
LYS CA  CB   sing N N 198 
LYS CA  HA   sing N N 199 
LYS C   O    doub N N 200 
LYS C   OXT  sing N N 201 
LYS CB  CG   sing N N 202 
LYS CB  HB2  sing N N 203 
LYS CB  HB3  sing N N 204 
LYS CG  CD   sing N N 205 
LYS CG  HG2  sing N N 206 
LYS CG  HG3  sing N N 207 
LYS CD  CE   sing N N 208 
LYS CD  HD2  sing N N 209 
LYS CD  HD3  sing N N 210 
LYS CE  NZ   sing N N 211 
LYS CE  HE2  sing N N 212 
LYS CE  HE3  sing N N 213 
LYS NZ  HZ1  sing N N 214 
LYS NZ  HZ2  sing N N 215 
LYS NZ  HZ3  sing N N 216 
LYS OXT HXT  sing N N 217 
MET N   CA   sing N N 218 
MET N   H    sing N N 219 
MET N   H2   sing N N 220 
MET CA  C    sing N N 221 
MET CA  CB   sing N N 222 
MET CA  HA   sing N N 223 
MET C   O    doub N N 224 
MET C   OXT  sing N N 225 
MET CB  CG   sing N N 226 
MET CB  HB2  sing N N 227 
MET CB  HB3  sing N N 228 
MET CG  SD   sing N N 229 
MET CG  HG2  sing N N 230 
MET CG  HG3  sing N N 231 
MET SD  CE   sing N N 232 
MET CE  HE1  sing N N 233 
MET CE  HE2  sing N N 234 
MET CE  HE3  sing N N 235 
MET OXT HXT  sing N N 236 
PHE N   CA   sing N N 237 
PHE N   H    sing N N 238 
PHE N   H2   sing N N 239 
PHE CA  C    sing N N 240 
PHE CA  CB   sing N N 241 
PHE CA  HA   sing N N 242 
PHE C   O    doub N N 243 
PHE C   OXT  sing N N 244 
PHE CB  CG   sing N N 245 
PHE CB  HB2  sing N N 246 
PHE CB  HB3  sing N N 247 
PHE CG  CD1  doub Y N 248 
PHE CG  CD2  sing Y N 249 
PHE CD1 CE1  sing Y N 250 
PHE CD1 HD1  sing N N 251 
PHE CD2 CE2  doub Y N 252 
PHE CD2 HD2  sing N N 253 
PHE CE1 CZ   doub Y N 254 
PHE CE1 HE1  sing N N 255 
PHE CE2 CZ   sing Y N 256 
PHE CE2 HE2  sing N N 257 
PHE CZ  HZ   sing N N 258 
PHE OXT HXT  sing N N 259 
PRO N   CA   sing N N 260 
PRO N   CD   sing N N 261 
PRO N   H    sing N N 262 
PRO CA  C    sing N N 263 
PRO CA  CB   sing N N 264 
PRO CA  HA   sing N N 265 
PRO C   O    doub N N 266 
PRO C   OXT  sing N N 267 
PRO CB  CG   sing N N 268 
PRO CB  HB2  sing N N 269 
PRO CB  HB3  sing N N 270 
PRO CG  CD   sing N N 271 
PRO CG  HG2  sing N N 272 
PRO CG  HG3  sing N N 273 
PRO CD  HD2  sing N N 274 
PRO CD  HD3  sing N N 275 
PRO OXT HXT  sing N N 276 
SER N   CA   sing N N 277 
SER N   H    sing N N 278 
SER N   H2   sing N N 279 
SER CA  C    sing N N 280 
SER CA  CB   sing N N 281 
SER CA  HA   sing N N 282 
SER C   O    doub N N 283 
SER C   OXT  sing N N 284 
SER CB  OG   sing N N 285 
SER CB  HB2  sing N N 286 
SER CB  HB3  sing N N 287 
SER OG  HG   sing N N 288 
SER OXT HXT  sing N N 289 
THR N   CA   sing N N 290 
THR N   H    sing N N 291 
THR N   H2   sing N N 292 
THR CA  C    sing N N 293 
THR CA  CB   sing N N 294 
THR CA  HA   sing N N 295 
THR C   O    doub N N 296 
THR C   OXT  sing N N 297 
THR CB  OG1  sing N N 298 
THR CB  CG2  sing N N 299 
THR CB  HB   sing N N 300 
THR OG1 HG1  sing N N 301 
THR CG2 HG21 sing N N 302 
THR CG2 HG22 sing N N 303 
THR CG2 HG23 sing N N 304 
THR OXT HXT  sing N N 305 
TRP N   CA   sing N N 306 
TRP N   H    sing N N 307 
TRP N   H2   sing N N 308 
TRP CA  C    sing N N 309 
TRP CA  CB   sing N N 310 
TRP CA  HA   sing N N 311 
TRP C   O    doub N N 312 
TRP C   OXT  sing N N 313 
TRP CB  CG   sing N N 314 
TRP CB  HB2  sing N N 315 
TRP CB  HB3  sing N N 316 
TRP CG  CD1  doub Y N 317 
TRP CG  CD2  sing Y N 318 
TRP CD1 NE1  sing Y N 319 
TRP CD1 HD1  sing N N 320 
TRP CD2 CE2  doub Y N 321 
TRP CD2 CE3  sing Y N 322 
TRP NE1 CE2  sing Y N 323 
TRP NE1 HE1  sing N N 324 
TRP CE2 CZ2  sing Y N 325 
TRP CE3 CZ3  doub Y N 326 
TRP CE3 HE3  sing N N 327 
TRP CZ2 CH2  doub Y N 328 
TRP CZ2 HZ2  sing N N 329 
TRP CZ3 CH2  sing Y N 330 
TRP CZ3 HZ3  sing N N 331 
TRP CH2 HH2  sing N N 332 
TRP OXT HXT  sing N N 333 
TYR N   CA   sing N N 334 
TYR N   H    sing N N 335 
TYR N   H2   sing N N 336 
TYR CA  C    sing N N 337 
TYR CA  CB   sing N N 338 
TYR CA  HA   sing N N 339 
TYR C   O    doub N N 340 
TYR C   OXT  sing N N 341 
TYR CB  CG   sing N N 342 
TYR CB  HB2  sing N N 343 
TYR CB  HB3  sing N N 344 
TYR CG  CD1  doub Y N 345 
TYR CG  CD2  sing Y N 346 
TYR CD1 CE1  sing Y N 347 
TYR CD1 HD1  sing N N 348 
TYR CD2 CE2  doub Y N 349 
TYR CD2 HD2  sing N N 350 
TYR CE1 CZ   doub Y N 351 
TYR CE1 HE1  sing N N 352 
TYR CE2 CZ   sing Y N 353 
TYR CE2 HE2  sing N N 354 
TYR CZ  OH   sing N N 355 
TYR OH  HH   sing N N 356 
TYR OXT HXT  sing N N 357 
VAL N   CA   sing N N 358 
VAL N   H    sing N N 359 
VAL N   H2   sing N N 360 
VAL CA  C    sing N N 361 
VAL CA  CB   sing N N 362 
VAL CA  HA   sing N N 363 
VAL C   O    doub N N 364 
VAL C   OXT  sing N N 365 
VAL CB  CG1  sing N N 366 
VAL CB  CG2  sing N N 367 
VAL CB  HB   sing N N 368 
VAL CG1 HG11 sing N N 369 
VAL CG1 HG12 sing N N 370 
VAL CG1 HG13 sing N N 371 
VAL CG2 HG21 sing N N 372 
VAL CG2 HG22 sing N N 373 
VAL CG2 HG23 sing N N 374 
VAL OXT HXT  sing N N 375 
# 
_atom_sites.entry_id                    1QCY 
_atom_sites.fract_transf_matrix[1][1]   0.00136189 
_atom_sites.fract_transf_matrix[1][2]   0.00968329 
_atom_sites.fract_transf_matrix[1][3]   0.00920895 
_atom_sites.fract_transf_matrix[2][1]   -0.01191019 
_atom_sites.fract_transf_matrix[2][2]   0.00255415 
_atom_sites.fract_transf_matrix[2][3]   -0.00092433 
_atom_sites.fract_transf_matrix[3][1]   -0.00526594 
_atom_sites.fract_transf_matrix[3][2]   -0.01744245 
_atom_sites.fract_transf_matrix[3][3]   0.01965514 
_atom_sites.fract_transf_vector[1]      0.287672 
_atom_sites.fract_transf_vector[2]      -0.060466 
_atom_sites.fract_transf_vector[3]      0.176396 
# 
loop_
_atom_type.symbol 
C  
MG 
N  
O  
S  
# 
loop_
_atom_site.group_PDB 
_atom_site.id 
_atom_site.type_symbol 
_atom_site.label_atom_id 
_atom_site.label_alt_id 
_atom_site.label_comp_id 
_atom_site.label_asym_id 
_atom_site.label_entity_id 
_atom_site.label_seq_id 
_atom_site.pdbx_PDB_ins_code 
_atom_site.Cartn_x 
_atom_site.Cartn_y 
_atom_site.Cartn_z 
_atom_site.occupancy 
_atom_site.B_iso_or_equiv 
_atom_site.pdbx_formal_charge 
_atom_site.auth_seq_id 
_atom_site.auth_comp_id 
_atom_site.auth_asym_id 
_atom_site.auth_atom_id 
_atom_site.pdbx_PDB_model_num 
ATOM   1    N  N   . THR A 1 1   ? 11.520  -11.258 -14.274 1.00 38.56 ? 141 THR A N   1 
ATOM   2    C  CA  . THR A 1 1   ? 11.106  -9.867  -14.627 1.00 37.91 ? 141 THR A CA  1 
ATOM   3    C  C   . THR A 1 1   ? 11.158  -8.978  -13.392 1.00 36.45 ? 141 THR A C   1 
ATOM   4    O  O   . THR A 1 1   ? 10.864  -9.428  -12.283 1.00 34.91 ? 141 THR A O   1 
ATOM   5    C  CB  . THR A 1 1   ? 9.671   -9.831  -15.175 1.00 38.67 ? 141 THR A CB  1 
ATOM   6    O  OG1 . THR A 1 1   ? 8.750   -10.077 -14.108 1.00 40.21 ? 141 THR A OG1 1 
ATOM   7    C  CG2 . THR A 1 1   ? 9.485   -10.897 -16.245 1.00 39.75 ? 141 THR A CG2 1 
ATOM   8    N  N   . GLN A 1 2   ? 11.530  -7.716  -13.587 1.00 34.61 ? 142 GLN A N   1 
ATOM   9    C  CA  . GLN A 1 2   ? 11.611  -6.783  -12.476 1.00 32.71 ? 142 GLN A CA  1 
ATOM   10   C  C   . GLN A 1 2   ? 10.235  -6.342  -11.989 1.00 30.86 ? 142 GLN A C   1 
ATOM   11   O  O   . GLN A 1 2   ? 9.210   -6.783  -12.515 1.00 31.88 ? 142 GLN A O   1 
ATOM   12   C  CB  . GLN A 1 2   ? 12.454  -5.576  -12.868 1.00 33.98 ? 142 GLN A CB  1 
ATOM   13   C  CG  . GLN A 1 2   ? 13.910  -5.929  -13.089 1.00 35.73 ? 142 GLN A CG  1 
ATOM   14   C  CD  . GLN A 1 2   ? 14.471  -6.788  -11.969 1.00 37.07 ? 142 GLN A CD  1 
ATOM   15   O  OE1 . GLN A 1 2   ? 14.393  -6.428  -10.794 1.00 35.57 ? 142 GLN A OE1 1 
ATOM   16   N  NE2 . GLN A 1 2   ? 15.041  -7.934  -12.331 1.00 37.43 ? 142 GLN A NE2 1 
ATOM   17   N  N   . LEU A 1 3   ? 10.208  -5.474  -10.983 1.00 27.50 ? 143 LEU A N   1 
ATOM   18   C  CA  . LEU A 1 3   ? 8.943   -5.028  -10.421 1.00 24.19 ? 143 LEU A CA  1 
ATOM   19   C  C   . LEU A 1 3   ? 8.863   -3.551  -10.051 1.00 23.00 ? 143 LEU A C   1 
ATOM   20   O  O   . LEU A 1 3   ? 9.776   -2.994  -9.436  1.00 20.26 ? 143 LEU A O   1 
ATOM   21   C  CB  . LEU A 1 3   ? 8.622   -5.839  -9.164  1.00 23.92 ? 143 LEU A CB  1 
ATOM   22   C  CG  . LEU A 1 3   ? 8.593   -7.368  -9.189  1.00 26.46 ? 143 LEU A CG  1 
ATOM   23   C  CD1 . LEU A 1 3   ? 8.560   -7.880  -7.759  1.00 27.60 ? 143 LEU A CD1 1 
ATOM   24   C  CD2 . LEU A 1 3   ? 7.388   -7.867  -9.956  1.00 25.81 ? 143 LEU A CD2 1 
ATOM   25   N  N   . ASP A 1 4   ? 7.751   -2.933  -10.435 1.00 21.21 ? 144 ASP A N   1 
ATOM   26   C  CA  . ASP A 1 4   ? 7.461   -1.549  -10.097 1.00 19.74 ? 144 ASP A CA  1 
ATOM   27   C  C   . ASP A 1 4   ? 6.463   -1.718  -8.958  1.00 20.28 ? 144 ASP A C   1 
ATOM   28   O  O   . ASP A 1 4   ? 5.349   -2.206  -9.171  1.00 20.30 ? 144 ASP A O   1 
ATOM   29   C  CB  . ASP A 1 4   ? 6.780   -0.807  -11.256 1.00 18.71 ? 144 ASP A CB  1 
ATOM   30   C  CG  . ASP A 1 4   ? 7.761   -0.325  -12.306 1.00 19.23 ? 144 ASP A CG  1 
ATOM   31   O  OD1 . ASP A 1 4   ? 8.954   -0.153  -11.980 1.00 16.14 ? 144 ASP A OD1 1 
ATOM   32   O  OD2 . ASP A 1 4   ? 7.330   -0.092  -13.456 1.00 19.97 ? 144 ASP A OD2 1 
ATOM   33   N  N   . ILE A 1 5   ? 6.868   -1.338  -7.752  1.00 19.15 ? 145 ILE A N   1 
ATOM   34   C  CA  . ILE A 1 5   ? 6.009   -1.473  -6.587  1.00 16.28 ? 145 ILE A CA  1 
ATOM   35   C  C   . ILE A 1 5   ? 5.525   -0.124  -6.094  1.00 17.04 ? 145 ILE A C   1 
ATOM   36   O  O   . ILE A 1 5   ? 6.312   0.811   -5.909  1.00 15.37 ? 145 ILE A O   1 
ATOM   37   C  CB  . ILE A 1 5   ? 6.746   -2.162  -5.422  1.00 16.78 ? 145 ILE A CB  1 
ATOM   38   C  CG1 . ILE A 1 5   ? 7.310   -3.508  -5.884  1.00 15.34 ? 145 ILE A CG1 1 
ATOM   39   C  CG2 . ILE A 1 5   ? 5.796   -2.356  -4.245  1.00 14.66 ? 145 ILE A CG2 1 
ATOM   40   C  CD1 . ILE A 1 5   ? 8.005   -4.293  -4.784  1.00 14.76 ? 145 ILE A CD1 1 
ATOM   41   N  N   . VAL A 1 6   ? 4.218   -0.029  -5.883  1.00 15.67 ? 146 VAL A N   1 
ATOM   42   C  CA  . VAL A 1 6   ? 3.627   1.197   -5.386  1.00 15.26 ? 146 VAL A CA  1 
ATOM   43   C  C   . VAL A 1 6   ? 2.878   0.882   -4.104  1.00 14.35 ? 146 VAL A C   1 
ATOM   44   O  O   . VAL A 1 6   ? 1.920   0.100   -4.097  1.00 15.33 ? 146 VAL A O   1 
ATOM   45   C  CB  . VAL A 1 6   ? 2.653   1.831   -6.407  1.00 16.15 ? 146 VAL A CB  1 
ATOM   46   C  CG1 . VAL A 1 6   ? 1.937   3.028   -5.766  1.00 13.80 ? 146 VAL A CG1 1 
ATOM   47   C  CG2 . VAL A 1 6   ? 3.425   2.289   -7.647  1.00 13.95 ? 146 VAL A CG2 1 
ATOM   48   N  N   . ILE A 1 7   ? 3.344   1.481   -3.015  1.00 13.84 ? 147 ILE A N   1 
ATOM   49   C  CA  . ILE A 1 7   ? 2.739   1.294   -1.711  1.00 13.25 ? 147 ILE A CA  1 
ATOM   50   C  C   . ILE A 1 7   ? 1.747   2.434   -1.511  1.00 14.34 ? 147 ILE A C   1 
ATOM   51   O  O   . ILE A 1 7   ? 2.080   3.605   -1.725  1.00 14.61 ? 147 ILE A O   1 
ATOM   52   C  CB  . ILE A 1 7   ? 3.817   1.304   -0.614  1.00 12.39 ? 147 ILE A CB  1 
ATOM   53   C  CG1 . ILE A 1 7   ? 4.858   0.224   -0.921  1.00 14.39 ? 147 ILE A CG1 1 
ATOM   54   C  CG2 . ILE A 1 7   ? 3.194   1.025   0.742   1.00 14.17 ? 147 ILE A CG2 1 
ATOM   55   C  CD1 . ILE A 1 7   ? 6.042   0.209   0.044   1.00 17.27 ? 147 ILE A CD1 1 
ATOM   56   N  N   . VAL A 1 8   ? 0.524   2.078   -1.133  1.00 12.91 ? 148 VAL A N   1 
ATOM   57   C  CA  . VAL A 1 8   ? -0.544  3.044   -0.923  1.00 12.98 ? 148 VAL A CA  1 
ATOM   58   C  C   . VAL A 1 8   ? -0.884  3.016   0.560   1.00 13.36 ? 148 VAL A C   1 
ATOM   59   O  O   . VAL A 1 8   ? -1.428  2.034   1.058   1.00 12.80 ? 148 VAL A O   1 
ATOM   60   C  CB  . VAL A 1 8   ? -1.778  2.663   -1.771  1.00 13.46 ? 148 VAL A CB  1 
ATOM   61   C  CG1 . VAL A 1 8   ? -2.860  3.727   -1.657  1.00 11.84 ? 148 VAL A CG1 1 
ATOM   62   C  CG2 . VAL A 1 8   ? -1.358  2.485   -3.226  1.00 14.33 ? 148 VAL A CG2 1 
ATOM   63   N  N   . LEU A 1 9   ? -0.552  4.099   1.257   1.00 13.80 ? 149 LEU A N   1 
ATOM   64   C  CA  . LEU A 1 9   ? -0.770  4.194   2.693   1.00 14.02 ? 149 LEU A CA  1 
ATOM   65   C  C   . LEU A 1 9   ? -1.906  5.092   3.149   1.00 14.37 ? 149 LEU A C   1 
ATOM   66   O  O   . LEU A 1 9   ? -1.967  6.270   2.802   1.00 16.25 ? 149 LEU A O   1 
ATOM   67   C  CB  . LEU A 1 9   ? 0.506   4.685   3.386   1.00 12.22 ? 149 LEU A CB  1 
ATOM   68   C  CG  . LEU A 1 9   ? 1.790   3.870   3.256   1.00 14.91 ? 149 LEU A CG  1 
ATOM   69   C  CD1 . LEU A 1 9   ? 2.930   4.649   3.894   1.00 10.96 ? 149 LEU A CD1 1 
ATOM   70   C  CD2 . LEU A 1 9   ? 1.615   2.493   3.918   1.00 11.32 ? 149 LEU A CD2 1 
ATOM   71   N  N   . ASP A 1 10  ? -2.803  4.518   3.936   1.00 12.42 ? 150 ASP A N   1 
ATOM   72   C  CA  . ASP A 1 10  ? -3.900  5.258   4.525   1.00 13.46 ? 150 ASP A CA  1 
ATOM   73   C  C   . ASP A 1 10  ? -3.182  6.121   5.573   1.00 15.36 ? 150 ASP A C   1 
ATOM   74   O  O   . ASP A 1 10  ? -2.380  5.602   6.349   1.00 14.07 ? 150 ASP A O   1 
ATOM   75   C  CB  . ASP A 1 10  ? -4.855  4.279   5.213   1.00 16.20 ? 150 ASP A CB  1 
ATOM   76   C  CG  . ASP A 1 10  ? -5.986  4.971   5.960   1.00 16.41 ? 150 ASP A CG  1 
ATOM   77   O  OD1 . ASP A 1 10  ? -5.931  6.200   6.155   1.00 17.85 ? 150 ASP A OD1 1 
ATOM   78   O  OD2 . ASP A 1 10  ? -6.933  4.268   6.368   1.00 20.20 ? 150 ASP A OD2 1 
ATOM   79   N  N   . GLY A 1 11  ? -3.455  7.425   5.595   1.00 15.23 ? 151 GLY A N   1 
ATOM   80   C  CA  . GLY A 1 11  ? -2.795  8.296   6.555   1.00 16.03 ? 151 GLY A CA  1 
ATOM   81   C  C   . GLY A 1 11  ? -3.683  8.816   7.673   1.00 17.16 ? 151 GLY A C   1 
ATOM   82   O  O   . GLY A 1 11  ? -3.268  9.673   8.453   1.00 17.17 ? 151 GLY A O   1 
ATOM   83   N  N   . SER A 1 12  ? -4.900  8.290   7.760   1.00 18.08 ? 152 SER A N   1 
ATOM   84   C  CA  . SER A 1 12  ? -5.862  8.709   8.776   1.00 20.14 ? 152 SER A CA  1 
ATOM   85   C  C   . SER A 1 12  ? -5.278  8.741   10.186  1.00 20.19 ? 152 SER A C   1 
ATOM   86   O  O   . SER A 1 12  ? -4.415  7.937   10.541  1.00 18.10 ? 152 SER A O   1 
ATOM   87   C  CB  . SER A 1 12  ? -7.085  7.797   8.744   1.00 19.79 ? 152 SER A CB  1 
ATOM   88   O  OG  . SER A 1 12  ? -6.686  6.446   8.837   1.00 28.13 ? 152 SER A OG  1 
ATOM   89   N  N   . ASN A 1 13  ? -5.782  9.678   10.981  1.00 19.57 ? 153 ASN A N   1 
ATOM   90   C  CA  . ASN A 1 13  ? -5.336  9.885   12.350  1.00 20.73 ? 153 ASN A CA  1 
ATOM   91   C  C   . ASN A 1 13  ? -5.540  8.723   13.312  1.00 19.48 ? 153 ASN A C   1 
ATOM   92   O  O   . ASN A 1 13  ? -4.826  8.613   14.308  1.00 19.04 ? 153 ASN A O   1 
ATOM   93   C  CB  . ASN A 1 13  ? -6.013  11.132  12.914  1.00 22.20 ? 153 ASN A CB  1 
ATOM   94   C  CG  . ASN A 1 13  ? -5.866  12.322  12.001  1.00 25.80 ? 153 ASN A CG  1 
ATOM   95   O  OD1 . ASN A 1 13  ? -6.766  12.636  11.216  1.00 27.76 ? 153 ASN A OD1 1 
ATOM   96   N  ND2 . ASN A 1 13  ? -4.715  12.979  12.073  1.00 26.62 ? 153 ASN A ND2 1 
ATOM   97   N  N   . SER A 1 14  ? -6.510  7.860   13.034  1.00 17.77 ? 154 SER A N   1 
ATOM   98   C  CA  . SER A 1 14  ? -6.754  6.727   13.917  1.00 17.48 ? 154 SER A CA  1 
ATOM   99   C  C   . SER A 1 14  ? -5.556  5.764   13.959  1.00 15.17 ? 154 SER A C   1 
ATOM   100  O  O   . SER A 1 14  ? -5.389  5.014   14.923  1.00 15.19 ? 154 SER A O   1 
ATOM   101  C  CB  . SER A 1 14  ? -8.016  5.979   13.473  1.00 15.49 ? 154 SER A CB  1 
ATOM   102  O  OG  . SER A 1 14  ? -7.874  5.502   12.147  1.00 19.97 ? 154 SER A OG  1 
ATOM   103  N  N   . ILE A 1 15  ? -4.721  5.789   12.920  1.00 14.72 ? 155 ILE A N   1 
ATOM   104  C  CA  . ILE A 1 15  ? -3.545  4.910   12.865  1.00 13.31 ? 155 ILE A CA  1 
ATOM   105  C  C   . ILE A 1 15  ? -2.456  5.466   13.774  1.00 15.00 ? 155 ILE A C   1 
ATOM   106  O  O   . ILE A 1 15  ? -1.908  6.541   13.513  1.00 13.57 ? 155 ILE A O   1 
ATOM   107  C  CB  . ILE A 1 15  ? -2.993  4.790   11.440  1.00 11.17 ? 155 ILE A CB  1 
ATOM   108  C  CG1 . ILE A 1 15  ? -4.056  4.162   10.527  1.00 14.03 ? 155 ILE A CG1 1 
ATOM   109  C  CG2 . ILE A 1 15  ? -1.712  3.960   11.454  1.00 11.64 ? 155 ILE A CG2 1 
ATOM   110  C  CD1 . ILE A 1 15  ? -3.693  4.136   9.052   1.00 11.19 ? 155 ILE A CD1 1 
ATOM   111  N  N   . TYR A 1 16  ? -2.141  4.717   14.827  1.00 13.33 ? 156 TYR A N   1 
ATOM   112  C  CA  . TYR A 1 16  ? -1.154  5.135   15.817  1.00 14.38 ? 156 TYR A CA  1 
ATOM   113  C  C   . TYR A 1 16  ? -0.388  3.938   16.372  1.00 14.64 ? 156 TYR A C   1 
ATOM   114  O  O   . TYR A 1 16  ? -0.978  2.890   16.660  1.00 14.54 ? 156 TYR A O   1 
ATOM   115  C  CB  . TYR A 1 16  ? -1.878  5.835   16.971  1.00 15.52 ? 156 TYR A CB  1 
ATOM   116  C  CG  . TYR A 1 16  ? -0.978  6.475   17.999  1.00 17.15 ? 156 TYR A CG  1 
ATOM   117  C  CD1 . TYR A 1 16  ? -0.381  7.710   17.754  1.00 14.38 ? 156 TYR A CD1 1 
ATOM   118  C  CD2 . TYR A 1 16  ? -0.742  5.859   19.227  1.00 14.36 ? 156 TYR A CD2 1 
ATOM   119  C  CE1 . TYR A 1 16  ? 0.424   8.315   18.701  1.00 14.37 ? 156 TYR A CE1 1 
ATOM   120  C  CE2 . TYR A 1 16  ? 0.066   6.459   20.184  1.00 16.09 ? 156 TYR A CE2 1 
ATOM   121  C  CZ  . TYR A 1 16  ? 0.644   7.688   19.914  1.00 16.30 ? 156 TYR A CZ  1 
ATOM   122  O  OH  . TYR A 1 16  ? 1.437   8.298   20.861  1.00 17.53 ? 156 TYR A OH  1 
ATOM   123  N  N   . PRO A 1 17  ? 0.938   4.071   16.540  1.00 13.90 ? 157 PRO A N   1 
ATOM   124  C  CA  . PRO A 1 17  ? 1.778   5.238   16.251  1.00 11.65 ? 157 PRO A CA  1 
ATOM   125  C  C   . PRO A 1 17  ? 2.338   5.140   14.832  1.00 12.64 ? 157 PRO A C   1 
ATOM   126  O  O   . PRO A 1 17  ? 2.619   4.043   14.349  1.00 12.23 ? 157 PRO A O   1 
ATOM   127  C  CB  . PRO A 1 17  ? 2.865   5.128   17.301  1.00 12.59 ? 157 PRO A CB  1 
ATOM   128  C  CG  . PRO A 1 17  ? 3.099   3.630   17.339  1.00 12.21 ? 157 PRO A CG  1 
ATOM   129  C  CD  . PRO A 1 17  ? 1.691   3.062   17.313  1.00 12.81 ? 157 PRO A CD  1 
ATOM   130  N  N   . TRP A 1 18  ? 2.503   6.285   14.177  1.00 14.25 ? 158 TRP A N   1 
ATOM   131  C  CA  . TRP A 1 18  ? 3.008   6.324   12.812  1.00 15.63 ? 158 TRP A CA  1 
ATOM   132  C  C   . TRP A 1 18  ? 4.361   5.632   12.674  1.00 17.98 ? 158 TRP A C   1 
ATOM   133  O  O   . TRP A 1 18  ? 4.718   5.177   11.586  1.00 19.27 ? 158 TRP A O   1 
ATOM   134  C  CB  . TRP A 1 18  ? 3.097   7.772   12.314  1.00 14.62 ? 158 TRP A CB  1 
ATOM   135  C  CG  . TRP A 1 18  ? 3.342   7.881   10.840  1.00 13.77 ? 158 TRP A CG  1 
ATOM   136  C  CD1 . TRP A 1 18  ? 4.458   8.374   10.228  1.00 15.18 ? 158 TRP A CD1 1 
ATOM   137  C  CD2 . TRP A 1 18  ? 2.460   7.464   9.794   1.00 13.33 ? 158 TRP A CD2 1 
ATOM   138  N  NE1 . TRP A 1 18  ? 4.326   8.291   8.858   1.00 13.49 ? 158 TRP A NE1 1 
ATOM   139  C  CE2 . TRP A 1 18  ? 3.105   7.734   8.566   1.00 13.42 ? 158 TRP A CE2 1 
ATOM   140  C  CE3 . TRP A 1 18  ? 1.182   6.886   9.771   1.00 13.06 ? 158 TRP A CE3 1 
ATOM   141  C  CZ2 . TRP A 1 18  ? 2.518   7.449   7.331   1.00 12.82 ? 158 TRP A CZ2 1 
ATOM   142  C  CZ3 . TRP A 1 18  ? 0.597   6.604   8.542   1.00 13.27 ? 158 TRP A CZ3 1 
ATOM   143  C  CH2 . TRP A 1 18  ? 1.265   6.886   7.339   1.00 12.72 ? 158 TRP A CH2 1 
ATOM   144  N  N   . ASP A 1 19  ? 5.109   5.548   13.773  1.00 20.17 ? 159 ASP A N   1 
ATOM   145  C  CA  . ASP A 1 19  ? 6.412   4.882   13.758  1.00 21.17 ? 159 ASP A CA  1 
ATOM   146  C  C   . ASP A 1 19  ? 6.277   3.421   13.335  1.00 18.65 ? 159 ASP A C   1 
ATOM   147  O  O   . ASP A 1 19  ? 7.211   2.843   12.788  1.00 17.19 ? 159 ASP A O   1 
ATOM   148  C  CB  . ASP A 1 19  ? 7.072   4.933   15.140  1.00 25.35 ? 159 ASP A CB  1 
ATOM   149  C  CG  . ASP A 1 19  ? 7.533   6.322   15.513  1.00 34.04 ? 159 ASP A CG  1 
ATOM   150  O  OD1 . ASP A 1 19  ? 8.058   7.030   14.621  1.00 35.98 ? 159 ASP A OD1 1 
ATOM   151  O  OD2 . ASP A 1 19  ? 7.383   6.701   16.698  1.00 38.19 ? 159 ASP A OD2 1 
ATOM   152  N  N   . SER A 1 20  ? 5.120   2.825   13.612  1.00 16.38 ? 160 SER A N   1 
ATOM   153  C  CA  . SER A 1 20  ? 4.871   1.430   13.251  1.00 16.69 ? 160 SER A CA  1 
ATOM   154  C  C   . SER A 1 20  ? 4.792   1.278   11.744  1.00 14.16 ? 160 SER A C   1 
ATOM   155  O  O   . SER A 1 20  ? 5.251   0.289   11.186  1.00 14.24 ? 160 SER A O   1 
ATOM   156  C  CB  . SER A 1 20  ? 3.566   0.938   13.873  1.00 17.31 ? 160 SER A CB  1 
ATOM   157  O  OG  . SER A 1 20  ? 3.782   0.578   15.221  1.00 19.66 ? 160 SER A OG  1 
ATOM   158  N  N   . VAL A 1 21  ? 4.208   2.271   11.090  1.00 13.70 ? 161 VAL A N   1 
ATOM   159  C  CA  . VAL A 1 21  ? 4.091   2.247   9.645   1.00 12.28 ? 161 VAL A CA  1 
ATOM   160  C  C   . VAL A 1 21  ? 5.453   2.458   8.992   1.00 13.33 ? 161 VAL A C   1 
ATOM   161  O  O   . VAL A 1 21  ? 5.817   1.735   8.061   1.00 14.29 ? 161 VAL A O   1 
ATOM   162  C  CB  . VAL A 1 21  ? 3.120   3.326   9.157   1.00 12.46 ? 161 VAL A CB  1 
ATOM   163  C  CG1 . VAL A 1 21  ? 3.175   3.428   7.642   1.00 11.12 ? 161 VAL A CG1 1 
ATOM   164  C  CG2 . VAL A 1 21  ? 1.709   2.995   9.639   1.00 8.20  ? 161 VAL A CG2 1 
ATOM   165  N  N   . THR A 1 22  ? 6.220   3.435   9.464   1.00 12.50 ? 162 THR A N   1 
ATOM   166  C  CA  . THR A 1 22  ? 7.527   3.643   8.854   1.00 14.79 ? 162 THR A CA  1 
ATOM   167  C  C   . THR A 1 22  ? 8.471   2.475   9.166   1.00 14.87 ? 162 THR A C   1 
ATOM   168  O  O   . THR A 1 22  ? 9.326   2.141   8.355   1.00 15.27 ? 162 THR A O   1 
ATOM   169  C  CB  . THR A 1 22  ? 8.169   4.985   9.280   1.00 13.14 ? 162 THR A CB  1 
ATOM   170  O  OG1 . THR A 1 22  ? 8.191   5.091   10.708  1.00 14.71 ? 162 THR A OG1 1 
ATOM   171  C  CG2 . THR A 1 22  ? 7.378   6.155   8.690   1.00 15.18 ? 162 THR A CG2 1 
ATOM   172  N  N   . ALA A 1 23  ? 8.306   1.841   10.325  1.00 14.22 ? 163 ALA A N   1 
ATOM   173  C  CA  . ALA A 1 23  ? 9.156   0.700   10.674  1.00 15.98 ? 163 ALA A CA  1 
ATOM   174  C  C   . ALA A 1 23  ? 8.825   -0.436  9.705   1.00 14.84 ? 163 ALA A C   1 
ATOM   175  O  O   . ALA A 1 23  ? 9.702   -1.178  9.261   1.00 14.42 ? 163 ALA A O   1 
ATOM   176  C  CB  . ALA A 1 23  ? 8.897   0.258   12.113  1.00 14.67 ? 163 ALA A CB  1 
ATOM   177  N  N   . PHE A 1 24  ? 7.542   -0.550  9.383   1.00 14.90 ? 164 PHE A N   1 
ATOM   178  C  CA  . PHE A 1 24  ? 7.054   -1.565  8.457   1.00 14.42 ? 164 PHE A CA  1 
ATOM   179  C  C   . PHE A 1 24  ? 7.667   -1.319  7.070   1.00 14.82 ? 164 PHE A C   1 
ATOM   180  O  O   . PHE A 1 24  ? 8.151   -2.246  6.428   1.00 16.23 ? 164 PHE A O   1 
ATOM   181  C  CB  . PHE A 1 24  ? 5.522   -1.497  8.399   1.00 11.64 ? 164 PHE A CB  1 
ATOM   182  C  CG  . PHE A 1 24  ? 4.920   -2.139  7.177   1.00 12.39 ? 164 PHE A CG  1 
ATOM   183  C  CD1 . PHE A 1 24  ? 4.840   -3.525  7.061   1.00 13.48 ? 164 PHE A CD1 1 
ATOM   184  C  CD2 . PHE A 1 24  ? 4.441   -1.352  6.138   1.00 11.98 ? 164 PHE A CD2 1 
ATOM   185  C  CE1 . PHE A 1 24  ? 4.292   -4.121  5.924   1.00 14.08 ? 164 PHE A CE1 1 
ATOM   186  C  CE2 . PHE A 1 24  ? 3.889   -1.935  4.992   1.00 17.63 ? 164 PHE A CE2 1 
ATOM   187  C  CZ  . PHE A 1 24  ? 3.815   -3.328  4.886   1.00 14.61 ? 164 PHE A CZ  1 
ATOM   188  N  N   . LEU A 1 25  ? 7.647   -0.069  6.619   1.00 14.99 ? 165 LEU A N   1 
ATOM   189  C  CA  . LEU A 1 25  ? 8.212   0.298   5.323   1.00 17.08 ? 165 LEU A CA  1 
ATOM   190  C  C   . LEU A 1 25  ? 9.714   0.007   5.285   1.00 18.21 ? 165 LEU A C   1 
ATOM   191  O  O   . LEU A 1 25  ? 10.219  -0.555  4.317   1.00 17.27 ? 165 LEU A O   1 
ATOM   192  C  CB  . LEU A 1 25  ? 7.991   1.790   5.052   1.00 18.04 ? 165 LEU A CB  1 
ATOM   193  C  CG  . LEU A 1 25  ? 6.771   2.296   4.279   1.00 18.40 ? 165 LEU A CG  1 
ATOM   194  C  CD1 . LEU A 1 25  ? 5.603   1.334   4.366   1.00 20.76 ? 165 LEU A CD1 1 
ATOM   195  C  CD2 . LEU A 1 25  ? 6.396   3.660   4.836   1.00 17.80 ? 165 LEU A CD2 1 
ATOM   196  N  N   . ASN A 1 26  ? 10.420  0.405   6.340   1.00 17.65 ? 166 ASN A N   1 
ATOM   197  C  CA  . ASN A 1 26  ? 11.866  0.191   6.428   1.00 19.50 ? 166 ASN A CA  1 
ATOM   198  C  C   . ASN A 1 26  ? 12.229  -1.289  6.315   1.00 20.17 ? 166 ASN A C   1 
ATOM   199  O  O   . ASN A 1 26  ? 13.107  -1.669  5.541   1.00 19.96 ? 166 ASN A O   1 
ATOM   200  C  CB  . ASN A 1 26  ? 12.403  0.735   7.754   1.00 20.82 ? 166 ASN A CB  1 
ATOM   201  C  CG  . ASN A 1 26  ? 13.906  0.563   7.891   1.00 20.04 ? 166 ASN A CG  1 
ATOM   202  O  OD1 . ASN A 1 26  ? 14.679  1.256   7.238   1.00 22.00 ? 166 ASN A OD1 1 
ATOM   203  N  ND2 . ASN A 1 26  ? 14.324  -0.374  8.735   1.00 21.45 ? 166 ASN A ND2 1 
ATOM   204  N  N   . ASP A 1 27  ? 11.552  -2.118  7.101   1.00 20.70 ? 167 ASP A N   1 
ATOM   205  C  CA  . ASP A 1 27  ? 11.811  -3.550  7.094   1.00 20.23 ? 167 ASP A CA  1 
ATOM   206  C  C   . ASP A 1 27  ? 11.474  -4.183  5.748   1.00 20.55 ? 167 ASP A C   1 
ATOM   207  O  O   . ASP A 1 27  ? 12.234  -5.003  5.240   1.00 18.94 ? 167 ASP A O   1 
ATOM   208  C  CB  . ASP A 1 27  ? 11.025  -4.219  8.219   1.00 20.88 ? 167 ASP A CB  1 
ATOM   209  C  CG  . ASP A 1 27  ? 11.526  -3.814  9.602   1.00 21.93 ? 167 ASP A CG  1 
ATOM   210  O  OD1 . ASP A 1 27  ? 12.144  -2.736  9.733   1.00 23.73 ? 167 ASP A OD1 1 
ATOM   211  O  OD2 . ASP A 1 27  ? 11.293  -4.565  10.567  1.00 23.94 ? 167 ASP A OD2 1 
ATOM   212  N  N   . LEU A 1 28  ? 10.347  -3.803  5.155   1.00 20.69 ? 168 LEU A N   1 
ATOM   213  C  CA  . LEU A 1 28  ? 9.988   -4.380  3.861   1.00 19.87 ? 168 LEU A CA  1 
ATOM   214  C  C   . LEU A 1 28  ? 10.955  -3.955  2.765   1.00 20.44 ? 168 LEU A C   1 
ATOM   215  O  O   . LEU A 1 28  ? 11.337  -4.761  1.916   1.00 19.10 ? 168 LEU A O   1 
ATOM   216  C  CB  . LEU A 1 28  ? 8.580   -3.965  3.439   1.00 17.32 ? 168 LEU A CB  1 
ATOM   217  C  CG  . LEU A 1 28  ? 8.126   -4.551  2.094   1.00 17.56 ? 168 LEU A CG  1 
ATOM   218  C  CD1 . LEU A 1 28  ? 7.975   -6.066  2.217   1.00 16.71 ? 168 LEU A CD1 1 
ATOM   219  C  CD2 . LEU A 1 28  ? 6.799   -3.937  1.682   1.00 18.58 ? 168 LEU A CD2 1 
ATOM   220  N  N   . LEU A 1 29  ? 11.358  -2.689  2.794   1.00 20.31 ? 169 LEU A N   1 
ATOM   221  C  CA  . LEU A 1 29  ? 12.237  -2.155  1.767   1.00 22.57 ? 169 LEU A CA  1 
ATOM   222  C  C   . LEU A 1 29  ? 13.727  -2.508  1.845   1.00 24.33 ? 169 LEU A C   1 
ATOM   223  O  O   . LEU A 1 29  ? 14.356  -2.766  0.813   1.00 25.03 ? 169 LEU A O   1 
ATOM   224  C  CB  . LEU A 1 29  ? 12.066  -0.633  1.703   1.00 19.66 ? 169 LEU A CB  1 
ATOM   225  C  CG  . LEU A 1 29  ? 10.627  -0.140  1.509   1.00 18.61 ? 169 LEU A CG  1 
ATOM   226  C  CD1 . LEU A 1 29  ? 10.627  1.364   1.455   1.00 15.40 ? 169 LEU A CD1 1 
ATOM   227  C  CD2 . LEU A 1 29  ? 10.016  -0.715  0.231   1.00 18.54 ? 169 LEU A CD2 1 
ATOM   228  N  N   . LYS A 1 30  ? 14.293  -2.543  3.046   1.00 26.06 ? 170 LYS A N   1 
ATOM   229  C  CA  . LYS A 1 30  ? 15.720  -2.830  3.176   1.00 28.75 ? 170 LYS A CA  1 
ATOM   230  C  C   . LYS A 1 30  ? 16.170  -4.160  2.571   1.00 30.53 ? 170 LYS A C   1 
ATOM   231  O  O   . LYS A 1 30  ? 17.358  -4.362  2.316   1.00 29.83 ? 170 LYS A O   1 
ATOM   232  C  CB  . LYS A 1 30  ? 16.152  -2.758  4.643   1.00 28.73 ? 170 LYS A CB  1 
ATOM   233  C  CG  . LYS A 1 30  ? 15.587  -3.842  5.536   1.00 30.46 ? 170 LYS A CG  1 
ATOM   234  C  CD  . LYS A 1 30  ? 16.081  -3.658  6.962   1.00 29.99 ? 170 LYS A CD  1 
ATOM   235  C  CE  . LYS A 1 30  ? 15.376  -4.612  7.904   1.00 32.51 ? 170 LYS A CE  1 
ATOM   236  N  NZ  . LYS A 1 30  ? 15.749  -4.365  9.331   1.00 36.26 ? 170 LYS A NZ  1 
ATOM   237  N  N   . ARG A 1 31  ? 15.231  -5.063  2.329   1.00 31.67 ? 171 ARG A N   1 
ATOM   238  C  CA  . ARG A 1 31  ? 15.586  -6.348  1.749   1.00 34.35 ? 171 ARG A CA  1 
ATOM   239  C  C   . ARG A 1 31  ? 15.261  -6.399  0.260   1.00 34.97 ? 171 ARG A C   1 
ATOM   240  O  O   . ARG A 1 31  ? 14.811  -7.423  -0.258  1.00 35.59 ? 171 ARG A O   1 
ATOM   241  C  CB  . ARG A 1 31  ? 14.859  -7.473  2.482   1.00 37.77 ? 171 ARG A CB  1 
ATOM   242  C  CG  . ARG A 1 31  ? 15.270  -7.625  3.937   1.00 41.86 ? 171 ARG A CG  1 
ATOM   243  C  CD  . ARG A 1 31  ? 14.654  -8.870  4.525   1.00 46.34 ? 171 ARG A CD  1 
ATOM   244  N  NE  . ARG A 1 31  ? 13.206  -8.864  4.361   1.00 50.18 ? 171 ARG A NE  1 
ATOM   245  C  CZ  . ARG A 1 31  ? 12.423  -9.911  4.594   1.00 53.21 ? 171 ARG A CZ  1 
ATOM   246  N  NH1 . ARG A 1 31  ? 12.949  -11.060 5.004   1.00 54.40 ? 171 ARG A NH1 1 
ATOM   247  N  NH2 . ARG A 1 31  ? 11.114  -9.812  4.407   1.00 54.62 ? 171 ARG A NH2 1 
ATOM   248  N  N   . MET A 1 32  ? 15.493  -5.285  -0.427  1.00 32.77 ? 172 MET A N   1 
ATOM   249  C  CA  . MET A 1 32  ? 15.224  -5.199  -1.856  1.00 31.11 ? 172 MET A CA  1 
ATOM   250  C  C   . MET A 1 32  ? 16.395  -4.556  -2.574  1.00 29.33 ? 172 MET A C   1 
ATOM   251  O  O   . MET A 1 32  ? 17.141  -3.775  -1.985  1.00 26.59 ? 172 MET A O   1 
ATOM   252  C  CB  . MET A 1 32  ? 13.967  -4.356  -2.127  1.00 31.25 ? 172 MET A CB  1 
ATOM   253  C  CG  . MET A 1 32  ? 12.629  -5.017  -1.795  1.00 31.37 ? 172 MET A CG  1 
ATOM   254  S  SD  . MET A 1 32  ? 11.217  -3.964  -2.291  1.00 31.63 ? 172 MET A SD  1 
ATOM   255  C  CE  . MET A 1 32  ? 10.058  -4.248  -0.936  1.00 30.83 ? 172 MET A CE  1 
ATOM   256  N  N   . ASP A 1 33  ? 16.561  -4.895  -3.847  1.00 28.58 ? 173 ASP A N   1 
ATOM   257  C  CA  . ASP A 1 33  ? 17.614  -4.293  -4.644  1.00 29.24 ? 173 ASP A CA  1 
ATOM   258  C  C   . ASP A 1 33  ? 16.915  -3.266  -5.533  1.00 27.96 ? 173 ASP A C   1 
ATOM   259  O  O   . ASP A 1 33  ? 16.404  -3.596  -6.602  1.00 28.76 ? 173 ASP A O   1 
ATOM   260  C  CB  . ASP A 1 33  ? 18.336  -5.349  -5.488  1.00 30.22 ? 173 ASP A CB  1 
ATOM   261  C  CG  . ASP A 1 33  ? 19.448  -4.754  -6.337  1.00 31.68 ? 173 ASP A CG  1 
ATOM   262  O  OD1 . ASP A 1 33  ? 20.084  -3.777  -5.884  1.00 32.71 ? 173 ASP A OD1 1 
ATOM   263  O  OD2 . ASP A 1 33  ? 19.694  -5.265  -7.450  1.00 32.80 ? 173 ASP A OD2 1 
ATOM   264  N  N   . ILE A 1 34  ? 16.882  -2.021  -5.067  1.00 26.81 ? 174 ILE A N   1 
ATOM   265  C  CA  . ILE A 1 34  ? 16.222  -0.936  -5.787  1.00 25.28 ? 174 ILE A CA  1 
ATOM   266  C  C   . ILE A 1 34  ? 17.112  -0.331  -6.866  1.00 26.54 ? 174 ILE A C   1 
ATOM   267  O  O   . ILE A 1 34  ? 18.267  0.006   -6.610  1.00 27.29 ? 174 ILE A O   1 
ATOM   268  C  CB  . ILE A 1 34  ? 15.814  0.199   -4.820  1.00 23.95 ? 174 ILE A CB  1 
ATOM   269  C  CG1 . ILE A 1 34  ? 15.135  -0.383  -3.575  1.00 23.52 ? 174 ILE A CG1 1 
ATOM   270  C  CG2 . ILE A 1 34  ? 14.907  1.181   -5.530  1.00 20.78 ? 174 ILE A CG2 1 
ATOM   271  C  CD1 . ILE A 1 34  ? 13.865  -1.128  -3.847  1.00 25.05 ? 174 ILE A CD1 1 
ATOM   272  N  N   . GLY A 1 35  ? 16.559  -0.181  -8.067  1.00 26.83 ? 175 GLY A N   1 
ATOM   273  C  CA  . GLY A 1 35  ? 17.313  0.395   -9.168  1.00 27.52 ? 175 GLY A CA  1 
ATOM   274  C  C   . GLY A 1 35  ? 16.511  0.462   -10.459 1.00 27.18 ? 175 GLY A C   1 
ATOM   275  O  O   . GLY A 1 35  ? 15.569  -0.306  -10.631 1.00 27.52 ? 175 GLY A O   1 
ATOM   276  N  N   . PRO A 1 36  ? 16.871  1.359   -11.393 1.00 29.58 ? 176 PRO A N   1 
ATOM   277  C  CA  . PRO A 1 36  ? 16.163  1.507   -12.674 1.00 30.65 ? 176 PRO A CA  1 
ATOM   278  C  C   . PRO A 1 36  ? 16.067  0.193   -13.449 1.00 31.98 ? 176 PRO A C   1 
ATOM   279  O  O   . PRO A 1 36  ? 15.136  -0.017  -14.228 1.00 33.03 ? 176 PRO A O   1 
ATOM   280  C  CB  . PRO A 1 36  ? 17.006  2.537   -13.424 1.00 32.06 ? 176 PRO A CB  1 
ATOM   281  C  CG  . PRO A 1 36  ? 17.679  3.315   -12.321 1.00 32.39 ? 176 PRO A CG  1 
ATOM   282  C  CD  . PRO A 1 36  ? 18.052  2.239   -11.345 1.00 28.59 ? 176 PRO A CD  1 
ATOM   283  N  N   . LYS A 1 37  ? 17.036  -0.689  -13.236 1.00 32.06 ? 177 LYS A N   1 
ATOM   284  C  CA  . LYS A 1 37  ? 17.053  -1.969  -13.928 1.00 33.02 ? 177 LYS A CA  1 
ATOM   285  C  C   . LYS A 1 37  ? 16.679  -3.081  -12.963 1.00 31.85 ? 177 LYS A C   1 
ATOM   286  O  O   . LYS A 1 37  ? 16.593  -4.247  -13.336 1.00 32.20 ? 177 LYS A O   1 
ATOM   287  C  CB  . LYS A 1 37  ? 18.442  -2.207  -14.531 1.00 33.54 ? 177 LYS A CB  1 
ATOM   288  C  CG  . LYS A 1 37  ? 18.879  -1.060  -15.442 1.00 38.00 ? 177 LYS A CG  1 
ATOM   289  C  CD  . LYS A 1 37  ? 20.365  -1.096  -15.802 1.00 41.90 ? 177 LYS A CD  1 
ATOM   290  C  CE  . LYS A 1 37  ? 20.681  -2.165  -16.832 1.00 43.42 ? 177 LYS A CE  1 
ATOM   291  N  NZ  . LYS A 1 37  ? 22.102  -2.094  -17.285 1.00 45.47 ? 177 LYS A NZ  1 
ATOM   292  N  N   . GLN A 1 38  ? 16.442  -2.703  -11.714 1.00 31.69 ? 178 GLN A N   1 
ATOM   293  C  CA  . GLN A 1 38  ? 16.071  -3.665  -10.688 1.00 30.61 ? 178 GLN A CA  1 
ATOM   294  C  C   . GLN A 1 38  ? 14.653  -3.388  -10.207 1.00 29.44 ? 178 GLN A C   1 
ATOM   295  O  O   . GLN A 1 38  ? 13.745  -3.193  -11.013 1.00 27.05 ? 178 GLN A O   1 
ATOM   296  C  CB  . GLN A 1 38  ? 17.058  -3.585  -9.521  1.00 33.53 ? 178 GLN A CB  1 
ATOM   297  C  CG  . GLN A 1 38  ? 18.471  -4.047  -9.871  1.00 35.54 ? 178 GLN A CG  1 
ATOM   298  C  CD  . GLN A 1 38  ? 19.094  -3.231  -10.986 1.00 39.67 ? 178 GLN A CD  1 
ATOM   299  O  OE1 . GLN A 1 38  ? 19.196  -2.005  -10.891 1.00 41.71 ? 178 GLN A OE1 1 
ATOM   300  N  NE2 . GLN A 1 38  ? 19.512  -3.904  -12.052 1.00 40.59 ? 178 GLN A NE2 1 
ATOM   301  N  N   . THR A 1 39  ? 14.453  -3.389  -8.894  1.00 27.77 ? 179 THR A N   1 
ATOM   302  C  CA  . THR A 1 39  ? 13.134  -3.111  -8.355  1.00 24.35 ? 179 THR A CA  1 
ATOM   303  C  C   . THR A 1 39  ? 12.986  -1.606  -8.187  1.00 23.88 ? 179 THR A C   1 
ATOM   304  O  O   . THR A 1 39  ? 13.953  -0.909  -7.865  1.00 23.44 ? 179 THR A O   1 
ATOM   305  C  CB  . THR A 1 39  ? 12.919  -3.764  -6.970  1.00 25.03 ? 179 THR A CB  1 
ATOM   306  O  OG1 . THR A 1 39  ? 12.984  -5.189  -7.089  1.00 22.40 ? 179 THR A OG1 1 
ATOM   307  C  CG2 . THR A 1 39  ? 11.552  -3.380  -6.409  1.00 25.24 ? 179 THR A CG2 1 
ATOM   308  N  N   . GLN A 1 40  ? 11.784  -1.104  -8.440  1.00 21.55 ? 180 GLN A N   1 
ATOM   309  C  CA  . GLN A 1 40  ? 11.507  0.311   -8.253  1.00 21.23 ? 180 GLN A CA  1 
ATOM   310  C  C   . GLN A 1 40  ? 10.357  0.430   -7.268  1.00 20.16 ? 180 GLN A C   1 
ATOM   311  O  O   . GLN A 1 40  ? 9.417   -0.369  -7.280  1.00 18.16 ? 180 GLN A O   1 
ATOM   312  C  CB  . GLN A 1 40  ? 11.127  0.999   -9.563  1.00 20.88 ? 180 GLN A CB  1 
ATOM   313  C  CG  . GLN A 1 40  ? 12.300  1.338   -10.463 1.00 20.49 ? 180 GLN A CG  1 
ATOM   314  C  CD  . GLN A 1 40  ? 11.931  2.393   -11.473 1.00 21.31 ? 180 GLN A CD  1 
ATOM   315  O  OE1 . GLN A 1 40  ? 10.857  2.343   -12.073 1.00 22.45 ? 180 GLN A OE1 1 
ATOM   316  N  NE2 . GLN A 1 40  ? 12.819  3.362   -11.671 1.00 20.67 ? 180 GLN A NE2 1 
ATOM   317  N  N   . VAL A 1 41  ? 10.444  1.423   -6.399  1.00 19.20 ? 181 VAL A N   1 
ATOM   318  C  CA  . VAL A 1 41  ? 9.403   1.638   -5.415  1.00 17.16 ? 181 VAL A CA  1 
ATOM   319  C  C   . VAL A 1 41  ? 8.899   3.064   -5.490  1.00 15.54 ? 181 VAL A C   1 
ATOM   320  O  O   . VAL A 1 41  ? 9.667   4.003   -5.696  1.00 15.62 ? 181 VAL A O   1 
ATOM   321  C  CB  . VAL A 1 41  ? 9.908   1.365   -3.980  1.00 13.42 ? 181 VAL A CB  1 
ATOM   322  C  CG1 . VAL A 1 41  ? 8.830   1.723   -2.966  1.00 15.94 ? 181 VAL A CG1 1 
ATOM   323  C  CG2 . VAL A 1 41  ? 10.277  -0.093  -3.826  1.00 18.01 ? 181 VAL A CG2 1 
ATOM   324  N  N   . GLY A 1 42  ? 7.591   3.198   -5.336  1.00 16.16 ? 182 GLY A N   1 
ATOM   325  C  CA  . GLY A 1 42  ? 6.939   4.492   -5.327  1.00 14.70 ? 182 GLY A CA  1 
ATOM   326  C  C   . GLY A 1 42  ? 5.973   4.420   -4.158  1.00 15.12 ? 182 GLY A C   1 
ATOM   327  O  O   . GLY A 1 42  ? 5.431   3.347   -3.874  1.00 15.47 ? 182 GLY A O   1 
ATOM   328  N  N   . ILE A 1 43  ? 5.767   5.533   -3.460  1.00 14.55 ? 183 ILE A N   1 
ATOM   329  C  CA  . ILE A 1 43  ? 4.849   5.541   -2.339  1.00 15.67 ? 183 ILE A CA  1 
ATOM   330  C  C   . ILE A 1 43  ? 3.830   6.679   -2.424  1.00 15.15 ? 183 ILE A C   1 
ATOM   331  O  O   . ILE A 1 43  ? 4.172   7.823   -2.713  1.00 15.96 ? 183 ILE A O   1 
ATOM   332  C  CB  . ILE A 1 43  ? 5.599   5.630   -0.998  1.00 16.10 ? 183 ILE A CB  1 
ATOM   333  C  CG1 . ILE A 1 43  ? 6.475   4.385   -0.815  1.00 15.50 ? 183 ILE A CG1 1 
ATOM   334  C  CG2 . ILE A 1 43  ? 4.595   5.769   0.141   1.00 14.65 ? 183 ILE A CG2 1 
ATOM   335  C  CD1 . ILE A 1 43  ? 7.247   4.336   0.486   1.00 16.67 ? 183 ILE A CD1 1 
ATOM   336  N  N   . VAL A 1 44  ? 2.573   6.325   -2.180  1.00 14.00 ? 184 VAL A N   1 
ATOM   337  C  CA  . VAL A 1 44  ? 1.452   7.253   -2.200  1.00 15.49 ? 184 VAL A CA  1 
ATOM   338  C  C   . VAL A 1 44  ? 0.728   7.199   -0.854  1.00 15.01 ? 184 VAL A C   1 
ATOM   339  O  O   . VAL A 1 44  ? 0.483   6.115   -0.328  1.00 15.60 ? 184 VAL A O   1 
ATOM   340  C  CB  . VAL A 1 44  ? 0.436   6.861   -3.291  1.00 17.20 ? 184 VAL A CB  1 
ATOM   341  C  CG1 . VAL A 1 44  ? -0.832  7.666   -3.129  1.00 17.48 ? 184 VAL A CG1 1 
ATOM   342  C  CG2 . VAL A 1 44  ? 1.038   7.070   -4.669  1.00 16.95 ? 184 VAL A CG2 1 
ATOM   343  N  N   . GLN A 1 45  ? 0.401   8.361   -0.300  1.00 13.70 ? 185 GLN A N   1 
ATOM   344  C  CA  . GLN A 1 45  ? -0.328  8.413   0.958   1.00 13.72 ? 185 GLN A CA  1 
ATOM   345  C  C   . GLN A 1 45  ? -1.666  9.091   0.715   1.00 14.18 ? 185 GLN A C   1 
ATOM   346  O  O   . GLN A 1 45  ? -1.746  10.100  0.017   1.00 14.31 ? 185 GLN A O   1 
ATOM   347  C  CB  . GLN A 1 45  ? 0.434   9.196   2.036   1.00 16.84 ? 185 GLN A CB  1 
ATOM   348  C  CG  . GLN A 1 45  ? -0.386  9.353   3.338   1.00 17.52 ? 185 GLN A CG  1 
ATOM   349  C  CD  . GLN A 1 45  ? 0.391   9.978   4.500   1.00 17.10 ? 185 GLN A CD  1 
ATOM   350  O  OE1 . GLN A 1 45  ? -0.130  10.093  5.613   1.00 15.83 ? 185 GLN A OE1 1 
ATOM   351  N  NE2 . GLN A 1 45  ? 1.634   10.382  4.245   1.00 11.90 ? 185 GLN A NE2 1 
ATOM   352  N  N   . TYR A 1 46  ? -2.721  8.532   1.289   1.00 13.75 ? 186 TYR A N   1 
ATOM   353  C  CA  . TYR A 1 46  ? -4.037  9.111   1.125   1.00 14.39 ? 186 TYR A CA  1 
ATOM   354  C  C   . TYR A 1 46  ? -4.782  9.227   2.450   1.00 14.24 ? 186 TYR A C   1 
ATOM   355  O  O   . TYR A 1 46  ? -4.590  8.439   3.380   1.00 13.03 ? 186 TYR A O   1 
ATOM   356  C  CB  . TYR A 1 46  ? -4.867  8.274   0.142   1.00 12.76 ? 186 TYR A CB  1 
ATOM   357  C  CG  . TYR A 1 46  ? -5.349  6.963   0.720   1.00 14.53 ? 186 TYR A CG  1 
ATOM   358  C  CD1 . TYR A 1 46  ? -6.576  6.879   1.379   1.00 12.24 ? 186 TYR A CD1 1 
ATOM   359  C  CD2 . TYR A 1 46  ? -4.568  5.808   0.627   1.00 13.47 ? 186 TYR A CD2 1 
ATOM   360  C  CE1 . TYR A 1 46  ? -7.016  5.677   1.928   1.00 14.18 ? 186 TYR A CE1 1 
ATOM   361  C  CE2 . TYR A 1 46  ? -4.996  4.602   1.172   1.00 11.26 ? 186 TYR A CE2 1 
ATOM   362  C  CZ  . TYR A 1 46  ? -6.220  4.541   1.817   1.00 14.84 ? 186 TYR A CZ  1 
ATOM   363  O  OH  . TYR A 1 46  ? -6.664  3.344   2.329   1.00 13.52 ? 186 TYR A OH  1 
ATOM   364  N  N   . GLY A 1 47  ? -5.632  10.235  2.513   1.00 15.68 ? 187 GLY A N   1 
ATOM   365  C  CA  . GLY A 1 47  ? -6.456  10.473  3.679   1.00 20.04 ? 187 GLY A CA  1 
ATOM   366  C  C   . GLY A 1 47  ? -7.751  10.855  3.008   1.00 23.31 ? 187 GLY A C   1 
ATOM   367  O  O   . GLY A 1 47  ? -8.457  9.996   2.472   1.00 23.98 ? 187 GLY A O   1 
ATOM   368  N  N   . GLU A 1 48  ? -8.039  12.147  2.998   1.00 25.37 ? 188 GLU A N   1 
ATOM   369  C  CA  . GLU A 1 48  ? -9.234  12.651  2.345   1.00 30.11 ? 188 GLU A CA  1 
ATOM   370  C  C   . GLU A 1 48  ? -8.826  12.966  0.904   1.00 30.61 ? 188 GLU A C   1 
ATOM   371  O  O   . GLU A 1 48  ? -9.658  13.017  -0.006  1.00 31.96 ? 188 GLU A O   1 
ATOM   372  C  CB  . GLU A 1 48  ? -9.727  13.894  3.086   1.00 33.20 ? 188 GLU A CB  1 
ATOM   373  C  CG  . GLU A 1 48  ? -9.816  13.642  4.594   1.00 37.17 ? 188 GLU A CG  1 
ATOM   374  C  CD  . GLU A 1 48  ? -10.294 14.843  5.386   1.00 38.41 ? 188 GLU A CD  1 
ATOM   375  O  OE1 . GLU A 1 48  ? -9.678  15.921  5.268   1.00 38.26 ? 188 GLU A OE1 1 
ATOM   376  O  OE2 . GLU A 1 48  ? -11.280 14.699  6.137   1.00 40.84 ? 188 GLU A OE2 1 
ATOM   377  N  N   . ASN A 1 49  ? -7.524  13.165  0.709   1.00 30.86 ? 189 ASN A N   1 
ATOM   378  C  CA  . ASN A 1 49  ? -6.962  13.432  -0.612  1.00 29.19 ? 189 ASN A CA  1 
ATOM   379  C  C   . ASN A 1 49  ? -5.750  12.525  -0.825  1.00 26.68 ? 189 ASN A C   1 
ATOM   380  O  O   . ASN A 1 49  ? -5.439  11.692  0.030   1.00 24.09 ? 189 ASN A O   1 
ATOM   381  C  CB  . ASN A 1 49  ? -6.563  14.909  -0.767  1.00 33.65 ? 189 ASN A CB  1 
ATOM   382  C  CG  . ASN A 1 49  ? -5.895  15.474  0.470   1.00 38.40 ? 189 ASN A CG  1 
ATOM   383  O  OD1 . ASN A 1 49  ? -6.567  15.950  1.390   1.00 42.45 ? 189 ASN A OD1 1 
ATOM   384  N  ND2 . ASN A 1 49  ? -4.566  15.429  0.501   1.00 39.19 ? 189 ASN A ND2 1 
ATOM   385  N  N   . VAL A 1 50  ? -5.070  12.689  -1.955  1.00 22.67 ? 190 VAL A N   1 
ATOM   386  C  CA  . VAL A 1 50  ? -3.917  11.854  -2.267  1.00 21.83 ? 190 VAL A CA  1 
ATOM   387  C  C   . VAL A 1 50  ? -2.626  12.627  -2.513  1.00 20.08 ? 190 VAL A C   1 
ATOM   388  O  O   . VAL A 1 50  ? -2.629  13.665  -3.165  1.00 20.45 ? 190 VAL A O   1 
ATOM   389  C  CB  . VAL A 1 50  ? -4.195  11.001  -3.511  1.00 22.68 ? 190 VAL A CB  1 
ATOM   390  C  CG1 . VAL A 1 50  ? -2.971  10.167  -3.851  1.00 23.45 ? 190 VAL A CG1 1 
ATOM   391  C  CG2 . VAL A 1 50  ? -5.414  10.123  -3.274  1.00 21.76 ? 190 VAL A CG2 1 
ATOM   392  N  N   . THR A 1 51  ? -1.518  12.100  -2.004  1.00 18.27 ? 191 THR A N   1 
ATOM   393  C  CA  . THR A 1 51  ? -0.223  12.740  -2.184  1.00 19.25 ? 191 THR A CA  1 
ATOM   394  C  C   . THR A 1 51  ? 0.864   11.750  -2.591  1.00 18.78 ? 191 THR A C   1 
ATOM   395  O  O   . THR A 1 51  ? 1.075   10.748  -1.917  1.00 20.19 ? 191 THR A O   1 
ATOM   396  C  CB  . THR A 1 51  ? 0.259   13.423  -0.889  1.00 18.15 ? 191 THR A CB  1 
ATOM   397  O  OG1 . THR A 1 51  ? -0.715  14.375  -0.448  1.00 19.64 ? 191 THR A OG1 1 
ATOM   398  C  CG2 . THR A 1 51  ? 1.588   14.134  -1.140  1.00 16.97 ? 191 THR A CG2 1 
ATOM   399  N  N   . HIS A 1 52  ? 1.554   12.036  -3.686  1.00 17.51 ? 192 HIS A N   1 
ATOM   400  C  CA  . HIS A 1 52  ? 2.645   11.181  -4.138  1.00 18.86 ? 192 HIS A CA  1 
ATOM   401  C  C   . HIS A 1 52  ? 3.855   11.531  -3.274  1.00 18.66 ? 192 HIS A C   1 
ATOM   402  O  O   . HIS A 1 52  ? 4.444   12.590  -3.454  1.00 18.89 ? 192 HIS A O   1 
ATOM   403  C  CB  . HIS A 1 52  ? 2.978   11.464  -5.606  1.00 17.68 ? 192 HIS A CB  1 
ATOM   404  C  CG  . HIS A 1 52  ? 1.965   10.939  -6.570  1.00 16.95 ? 192 HIS A CG  1 
ATOM   405  N  ND1 . HIS A 1 52  ? 2.066   9.693   -7.150  1.00 19.91 ? 192 HIS A ND1 1 
ATOM   406  C  CD2 . HIS A 1 52  ? 0.812   11.475  -7.033  1.00 20.31 ? 192 HIS A CD2 1 
ATOM   407  C  CE1 . HIS A 1 52  ? 1.019   9.484   -7.927  1.00 19.82 ? 192 HIS A CE1 1 
ATOM   408  N  NE2 . HIS A 1 52  ? 0.242   10.550  -7.874  1.00 20.76 ? 192 HIS A NE2 1 
ATOM   409  N  N   . GLU A 1 53  ? 4.223   10.662  -2.334  1.00 18.69 ? 193 GLU A N   1 
ATOM   410  C  CA  . GLU A 1 53  ? 5.371   10.944  -1.471  1.00 17.98 ? 193 GLU A CA  1 
ATOM   411  C  C   . GLU A 1 53  ? 6.633   10.948  -2.330  1.00 18.10 ? 193 GLU A C   1 
ATOM   412  O  O   . GLU A 1 53  ? 7.505   11.798  -2.159  1.00 18.43 ? 193 GLU A O   1 
ATOM   413  C  CB  . GLU A 1 53  ? 5.452   9.919   -0.347  1.00 17.33 ? 193 GLU A CB  1 
ATOM   414  C  CG  . GLU A 1 53  ? 4.192   9.898   0.524   1.00 19.95 ? 193 GLU A CG  1 
ATOM   415  C  CD  . GLU A 1 53  ? 3.994   11.183  1.331   1.00 19.56 ? 193 GLU A CD  1 
ATOM   416  O  OE1 . GLU A 1 53  ? 4.679   12.189  1.056   1.00 24.42 ? 193 GLU A OE1 1 
ATOM   417  O  OE2 . GLU A 1 53  ? 3.141   11.184  2.236   1.00 15.14 ? 193 GLU A OE2 1 
ATOM   418  N  N   . PHE A 1 54  ? 6.721   9.988   -3.246  1.00 16.66 ? 194 PHE A N   1 
ATOM   419  C  CA  . PHE A 1 54  ? 7.818   9.921   -4.204  1.00 17.58 ? 194 PHE A CA  1 
ATOM   420  C  C   . PHE A 1 54  ? 7.525   8.931   -5.332  1.00 16.71 ? 194 PHE A C   1 
ATOM   421  O  O   . PHE A 1 54  ? 6.949   7.867   -5.107  1.00 16.67 ? 194 PHE A O   1 
ATOM   422  C  CB  . PHE A 1 54  ? 9.185   9.661   -3.521  1.00 17.25 ? 194 PHE A CB  1 
ATOM   423  C  CG  . PHE A 1 54  ? 9.320   8.326   -2.836  1.00 19.44 ? 194 PHE A CG  1 
ATOM   424  C  CD1 . PHE A 1 54  ? 9.498   7.153   -3.571  1.00 18.22 ? 194 PHE A CD1 1 
ATOM   425  C  CD2 . PHE A 1 54  ? 9.354   8.254   -1.441  1.00 17.54 ? 194 PHE A CD2 1 
ATOM   426  C  CE1 . PHE A 1 54  ? 9.713   5.936   -2.930  1.00 18.20 ? 194 PHE A CE1 1 
ATOM   427  C  CE2 . PHE A 1 54  ? 9.568   7.040   -0.791  1.00 17.99 ? 194 PHE A CE2 1 
ATOM   428  C  CZ  . PHE A 1 54  ? 9.749   5.879   -1.530  1.00 17.97 ? 194 PHE A CZ  1 
ATOM   429  N  N   . ASN A 1 55  ? 7.881   9.331   -6.552  1.00 15.81 ? 195 ASN A N   1 
ATOM   430  C  CA  . ASN A 1 55  ? 7.660   8.537   -7.761  1.00 15.22 ? 195 ASN A CA  1 
ATOM   431  C  C   . ASN A 1 55  ? 8.524   7.292   -7.838  1.00 13.96 ? 195 ASN A C   1 
ATOM   432  O  O   . ASN A 1 55  ? 9.530   7.177   -7.141  1.00 15.35 ? 195 ASN A O   1 
ATOM   433  C  CB  . ASN A 1 55  ? 7.921   9.379   -9.022  1.00 12.66 ? 195 ASN A CB  1 
ATOM   434  C  CG  . ASN A 1 55  ? 7.029   10.602  -9.109  1.00 15.30 ? 195 ASN A CG  1 
ATOM   435  O  OD1 . ASN A 1 55  ? 5.927   10.628  -8.554  1.00 14.96 ? 195 ASN A OD1 1 
ATOM   436  N  ND2 . ASN A 1 55  ? 7.495   11.620  -9.825  1.00 10.95 ? 195 ASN A ND2 1 
ATOM   437  N  N   . LEU A 1 56  ? 8.130   6.377   -8.720  1.00 13.35 ? 196 LEU A N   1 
ATOM   438  C  CA  . LEU A 1 56  ? 8.843   5.118   -8.940  1.00 15.10 ? 196 LEU A CA  1 
ATOM   439  C  C   . LEU A 1 56  ? 10.307  5.273   -9.356  1.00 16.82 ? 196 LEU A C   1 
ATOM   440  O  O   . LEU A 1 56  ? 11.124  4.406   -9.054  1.00 16.49 ? 196 LEU A O   1 
ATOM   441  C  CB  . LEU A 1 56  ? 8.121   4.282   -10.002 1.00 14.38 ? 196 LEU A CB  1 
ATOM   442  C  CG  . LEU A 1 56  ? 6.832   3.566   -9.591  1.00 14.42 ? 196 LEU A CG  1 
ATOM   443  C  CD1 . LEU A 1 56  ? 6.044   3.153   -10.834 1.00 12.15 ? 196 LEU A CD1 1 
ATOM   444  C  CD2 . LEU A 1 56  ? 7.183   2.357   -8.735  1.00 13.44 ? 196 LEU A CD2 1 
ATOM   445  N  N   . ASN A 1 57  ? 10.641  6.359   -10.051 1.00 15.88 ? 197 ASN A N   1 
ATOM   446  C  CA  . ASN A 1 57  ? 12.022  6.563   -10.486 1.00 19.39 ? 197 ASN A CA  1 
ATOM   447  C  C   . ASN A 1 57  ? 12.716  7.693   -9.729  1.00 20.79 ? 197 ASN A C   1 
ATOM   448  O  O   . ASN A 1 57  ? 13.787  8.155   -10.127 1.00 21.49 ? 197 ASN A O   1 
ATOM   449  C  CB  . ASN A 1 57  ? 12.076  6.845   -11.995 1.00 17.82 ? 197 ASN A CB  1 
ATOM   450  C  CG  . ASN A 1 57  ? 11.339  8.115   -12.379 1.00 22.36 ? 197 ASN A CG  1 
ATOM   451  O  OD1 . ASN A 1 57  ? 10.678  8.742   -11.550 1.00 19.93 ? 197 ASN A OD1 1 
ATOM   452  N  ND2 . ASN A 1 57  ? 11.442  8.496   -13.646 1.00 23.31 ? 197 ASN A ND2 1 
ATOM   453  N  N   . LYS A 1 58  ? 12.105  8.134   -8.636  1.00 22.86 ? 198 LYS A N   1 
ATOM   454  C  CA  . LYS A 1 58  ? 12.684  9.200   -7.829  1.00 22.88 ? 198 LYS A CA  1 
ATOM   455  C  C   . LYS A 1 58  ? 14.022  8.736   -7.274  1.00 21.75 ? 198 LYS A C   1 
ATOM   456  O  O   . LYS A 1 58  ? 15.035  9.420   -7.415  1.00 20.32 ? 198 LYS A O   1 
ATOM   457  C  CB  . LYS A 1 58  ? 11.739  9.563   -6.678  1.00 24.69 ? 198 LYS A CB  1 
ATOM   458  C  CG  . LYS A 1 58  ? 12.319  10.532  -5.661  1.00 26.22 ? 198 LYS A CG  1 
ATOM   459  C  CD  . LYS A 1 58  ? 12.680  11.853  -6.286  1.00 29.32 ? 198 LYS A CD  1 
ATOM   460  C  CE  . LYS A 1 58  ? 13.265  12.806  -5.255  1.00 32.29 ? 198 LYS A CE  1 
ATOM   461  N  NZ  . LYS A 1 58  ? 13.592  14.129  -5.859  1.00 30.79 ? 198 LYS A NZ  1 
ATOM   462  N  N   . TYR A 1 59  ? 14.025  7.557   -6.662  1.00 21.83 ? 199 TYR A N   1 
ATOM   463  C  CA  . TYR A 1 59  ? 15.239  7.010   -6.075  1.00 23.33 ? 199 TYR A CA  1 
ATOM   464  C  C   . TYR A 1 59  ? 15.768  5.783   -6.803  1.00 23.73 ? 199 TYR A C   1 
ATOM   465  O  O   . TYR A 1 59  ? 15.027  4.842   -7.097  1.00 24.68 ? 199 TYR A O   1 
ATOM   466  C  CB  . TYR A 1 59  ? 14.993  6.700   -4.597  1.00 22.58 ? 199 TYR A CB  1 
ATOM   467  C  CG  . TYR A 1 59  ? 14.552  7.929   -3.837  1.00 24.41 ? 199 TYR A CG  1 
ATOM   468  C  CD1 . TYR A 1 59  ? 13.248  8.047   -3.351  1.00 23.97 ? 199 TYR A CD1 1 
ATOM   469  C  CD2 . TYR A 1 59  ? 15.429  9.003   -3.642  1.00 22.43 ? 199 TYR A CD2 1 
ATOM   470  C  CE1 . TYR A 1 59  ? 12.826  9.206   -2.688  1.00 22.43 ? 199 TYR A CE1 1 
ATOM   471  C  CE2 . TYR A 1 59  ? 15.017  10.163  -2.981  1.00 22.28 ? 199 TYR A CE2 1 
ATOM   472  C  CZ  . TYR A 1 59  ? 13.718  10.257  -2.507  1.00 23.14 ? 199 TYR A CZ  1 
ATOM   473  O  OH  . TYR A 1 59  ? 13.310  11.402  -1.859  1.00 23.48 ? 199 TYR A OH  1 
ATOM   474  N  N   . SER A 1 60  ? 17.068  5.807   -7.077  1.00 24.97 ? 200 SER A N   1 
ATOM   475  C  CA  . SER A 1 60  ? 17.739  4.731   -7.794  1.00 25.10 ? 200 SER A CA  1 
ATOM   476  C  C   . SER A 1 60  ? 18.482  3.710   -6.939  1.00 25.65 ? 200 SER A C   1 
ATOM   477  O  O   . SER A 1 60  ? 19.207  2.879   -7.481  1.00 29.19 ? 200 SER A O   1 
ATOM   478  C  CB  . SER A 1 60  ? 18.718  5.328   -8.799  1.00 24.92 ? 200 SER A CB  1 
ATOM   479  O  OG  . SER A 1 60  ? 19.665  6.150   -8.138  1.00 27.87 ? 200 SER A OG  1 
ATOM   480  N  N   . SER A 1 61  ? 18.321  3.757   -5.619  1.00 23.80 ? 201 SER A N   1 
ATOM   481  C  CA  . SER A 1 61  ? 19.004  2.786   -4.756  1.00 23.90 ? 201 SER A CA  1 
ATOM   482  C  C   . SER A 1 61  ? 18.199  2.474   -3.508  1.00 23.60 ? 201 SER A C   1 
ATOM   483  O  O   . SER A 1 61  ? 17.362  3.272   -3.084  1.00 21.79 ? 201 SER A O   1 
ATOM   484  C  CB  . SER A 1 61  ? 20.381  3.299   -4.326  1.00 23.05 ? 201 SER A CB  1 
ATOM   485  O  OG  . SER A 1 61  ? 20.257  4.347   -3.379  1.00 25.30 ? 201 SER A OG  1 
ATOM   486  N  N   . THR A 1 62  ? 18.466  1.315   -2.915  1.00 22.25 ? 202 THR A N   1 
ATOM   487  C  CA  . THR A 1 62  ? 17.758  0.908   -1.716  1.00 23.24 ? 202 THR A CA  1 
ATOM   488  C  C   . THR A 1 62  ? 18.005  1.902   -0.585  1.00 24.10 ? 202 THR A C   1 
ATOM   489  O  O   . THR A 1 62  ? 17.057  2.363   0.053   1.00 24.15 ? 202 THR A O   1 
ATOM   490  C  CB  . THR A 1 62  ? 18.173  -0.517  -1.270  1.00 22.81 ? 202 THR A CB  1 
ATOM   491  O  OG1 . THR A 1 62  ? 17.874  -1.449  -2.322  1.00 22.52 ? 202 THR A OG1 1 
ATOM   492  C  CG2 . THR A 1 62  ? 17.403  -0.935  -0.031  1.00 19.25 ? 202 THR A CG2 1 
ATOM   493  N  N   . GLU A 1 63  ? 19.274  2.244   -0.354  1.00 24.03 ? 203 GLU A N   1 
ATOM   494  C  CA  . GLU A 1 63  ? 19.637  3.190   0.703   1.00 24.31 ? 203 GLU A CA  1 
ATOM   495  C  C   . GLU A 1 63  ? 18.848  4.495   0.581   1.00 24.79 ? 203 GLU A C   1 
ATOM   496  O  O   . GLU A 1 63  ? 18.370  5.032   1.581   1.00 23.71 ? 203 GLU A O   1 
ATOM   497  C  CB  . GLU A 1 63  ? 21.134  3.526   0.662   1.00 23.86 ? 203 GLU A CB  1 
ATOM   498  C  CG  . GLU A 1 63  ? 22.080  2.409   1.084   1.00 25.12 ? 203 GLU A CG  1 
ATOM   499  C  CD  . GLU A 1 63  ? 22.099  1.250   0.107   1.00 25.79 ? 203 GLU A CD  1 
ATOM   500  O  OE1 . GLU A 1 63  ? 22.054  1.495   -1.119  1.00 22.91 ? 203 GLU A OE1 1 
ATOM   501  O  OE2 . GLU A 1 63  ? 22.175  0.092   0.567   1.00 26.22 ? 203 GLU A OE2 1 
ATOM   502  N  N   . GLU A 1 64  ? 18.732  5.004   -0.644  1.00 23.21 ? 204 GLU A N   1 
ATOM   503  C  CA  . GLU A 1 64  ? 18.000  6.241   -0.885  1.00 23.95 ? 204 GLU A CA  1 
ATOM   504  C  C   . GLU A 1 64  ? 16.528  6.080   -0.521  1.00 22.88 ? 204 GLU A C   1 
ATOM   505  O  O   . GLU A 1 64  ? 15.952  6.929   0.153   1.00 22.33 ? 204 GLU A O   1 
ATOM   506  C  CB  . GLU A 1 64  ? 18.146  6.667   -2.348  1.00 26.57 ? 204 GLU A CB  1 
ATOM   507  C  CG  . GLU A 1 64  ? 19.382  7.522   -2.610  1.00 31.02 ? 204 GLU A CG  1 
ATOM   508  C  CD  . GLU A 1 64  ? 19.622  7.788   -4.089  1.00 34.59 ? 204 GLU A CD  1 
ATOM   509  O  OE1 . GLU A 1 64  ? 18.644  7.997   -4.835  1.00 34.57 ? 204 GLU A OE1 1 
ATOM   510  O  OE2 . GLU A 1 64  ? 20.798  7.800   -4.508  1.00 37.56 ? 204 GLU A OE2 1 
ATOM   511  N  N   . VAL A 1 65  ? 15.926  4.981   -0.965  1.00 21.14 ? 205 VAL A N   1 
ATOM   512  C  CA  . VAL A 1 65  ? 14.535  4.712   -0.664  1.00 20.39 ? 205 VAL A CA  1 
ATOM   513  C  C   . VAL A 1 65  ? 14.338  4.693   0.853   1.00 20.95 ? 205 VAL A C   1 
ATOM   514  O  O   . VAL A 1 65  ? 13.433  5.349   1.370   1.00 20.60 ? 205 VAL A O   1 
ATOM   515  C  CB  . VAL A 1 65  ? 14.092  3.363   -1.267  1.00 20.28 ? 205 VAL A CB  1 
ATOM   516  C  CG1 . VAL A 1 65  ? 12.743  2.946   -0.702  1.00 20.26 ? 205 VAL A CG1 1 
ATOM   517  C  CG2 . VAL A 1 65  ? 14.008  3.483   -2.776  1.00 20.71 ? 205 VAL A CG2 1 
ATOM   518  N  N   . LEU A 1 66  ? 15.190  3.953   1.562   1.00 20.19 ? 206 LEU A N   1 
ATOM   519  C  CA  . LEU A 1 66  ? 15.088  3.865   3.019   1.00 20.84 ? 206 LEU A CA  1 
ATOM   520  C  C   . LEU A 1 66  ? 15.064  5.243   3.645   1.00 21.81 ? 206 LEU A C   1 
ATOM   521  O  O   . LEU A 1 66  ? 14.222  5.526   4.498   1.00 23.67 ? 206 LEU A O   1 
ATOM   522  C  CB  . LEU A 1 66  ? 16.256  3.075   3.610   1.00 19.44 ? 206 LEU A CB  1 
ATOM   523  C  CG  . LEU A 1 66  ? 16.375  1.609   3.203   1.00 19.77 ? 206 LEU A CG  1 
ATOM   524  C  CD1 . LEU A 1 66  ? 17.499  0.968   4.021   1.00 17.96 ? 206 LEU A CD1 1 
ATOM   525  C  CD2 . LEU A 1 66  ? 15.048  0.889   3.439   1.00 18.23 ? 206 LEU A CD2 1 
ATOM   526  N  N   . VAL A 1 67  ? 15.994  6.094   3.223   1.00 20.84 ? 207 VAL A N   1 
ATOM   527  C  CA  . VAL A 1 67  ? 16.072  7.456   3.733   1.00 21.75 ? 207 VAL A CA  1 
ATOM   528  C  C   . VAL A 1 67  ? 14.749  8.192   3.519   1.00 21.40 ? 207 VAL A C   1 
ATOM   529  O  O   . VAL A 1 67  ? 14.236  8.837   4.436   1.00 20.97 ? 207 VAL A O   1 
ATOM   530  C  CB  . VAL A 1 67  ? 17.227  8.249   3.046   1.00 21.60 ? 207 VAL A CB  1 
ATOM   531  C  CG1 . VAL A 1 67  ? 17.158  9.726   3.415   1.00 20.64 ? 207 VAL A CG1 1 
ATOM   532  C  CG2 . VAL A 1 67  ? 18.576  7.674   3.474   1.00 23.14 ? 207 VAL A CG2 1 
ATOM   533  N  N   . ALA A 1 68  ? 14.192  8.092   2.315   1.00 20.63 ? 208 ALA A N   1 
ATOM   534  C  CA  . ALA A 1 68  ? 12.927  8.767   2.016   1.00 20.84 ? 208 ALA A CA  1 
ATOM   535  C  C   . ALA A 1 68  ? 11.732  8.168   2.768   1.00 20.96 ? 208 ALA A C   1 
ATOM   536  O  O   . ALA A 1 68  ? 10.836  8.897   3.192   1.00 19.66 ? 208 ALA A O   1 
ATOM   537  C  CB  . ALA A 1 68  ? 12.656  8.743   0.518   1.00 19.22 ? 208 ALA A CB  1 
ATOM   538  N  N   . ALA A 1 69  ? 11.716  6.847   2.928   1.00 19.60 ? 209 ALA A N   1 
ATOM   539  C  CA  . ALA A 1 69  ? 10.611  6.188   3.622   1.00 20.50 ? 209 ALA A CA  1 
ATOM   540  C  C   . ALA A 1 69  ? 10.532  6.618   5.079   1.00 22.06 ? 209 ALA A C   1 
ATOM   541  O  O   . ALA A 1 69  ? 9.442   6.811   5.617   1.00 20.37 ? 209 ALA A O   1 
ATOM   542  C  CB  . ALA A 1 69  ? 10.752  4.679   3.530   1.00 18.77 ? 209 ALA A CB  1 
ATOM   543  N  N   . LYS A 1 70  ? 11.694  6.779   5.709   1.00 23.49 ? 210 LYS A N   1 
ATOM   544  C  CA  . LYS A 1 70  ? 11.763  7.193   7.105   1.00 25.89 ? 210 LYS A CA  1 
ATOM   545  C  C   . LYS A 1 70  ? 11.245  8.609   7.337   1.00 25.67 ? 210 LYS A C   1 
ATOM   546  O  O   . LYS A 1 70  ? 10.793  8.940   8.435   1.00 27.01 ? 210 LYS A O   1 
ATOM   547  C  CB  . LYS A 1 70  ? 13.205  7.099   7.619   1.00 27.51 ? 210 LYS A CB  1 
ATOM   548  C  CG  . LYS A 1 70  ? 13.687  5.683   7.864   1.00 28.14 ? 210 LYS A CG  1 
ATOM   549  C  CD  . LYS A 1 70  ? 15.148  5.658   8.309   1.00 30.13 ? 210 LYS A CD  1 
ATOM   550  C  CE  . LYS A 1 70  ? 15.611  4.226   8.536   1.00 31.42 ? 210 LYS A CE  1 
ATOM   551  N  NZ  . LYS A 1 70  ? 17.040  4.136   8.945   1.00 34.96 ? 210 LYS A NZ  1 
ATOM   552  N  N   . LYS A 1 71  ? 11.310  9.441   6.303   1.00 26.41 ? 211 LYS A N   1 
ATOM   553  C  CA  . LYS A 1 71  ? 10.862  10.824  6.404   1.00 26.40 ? 211 LYS A CA  1 
ATOM   554  C  C   . LYS A 1 71  ? 9.365   11.033  6.199   1.00 24.81 ? 211 LYS A C   1 
ATOM   555  O  O   . LYS A 1 71  ? 8.856   12.110  6.493   1.00 25.68 ? 211 LYS A O   1 
ATOM   556  C  CB  . LYS A 1 71  ? 11.608  11.701  5.398   1.00 29.51 ? 211 LYS A CB  1 
ATOM   557  C  CG  . LYS A 1 71  ? 13.101  11.843  5.649   1.00 33.40 ? 211 LYS A CG  1 
ATOM   558  C  CD  . LYS A 1 71  ? 13.695  12.941  4.766   1.00 34.55 ? 211 LYS A CD  1 
ATOM   559  C  CE  . LYS A 1 71  ? 13.411  12.695  3.291   1.00 34.56 ? 211 LYS A CE  1 
ATOM   560  N  NZ  . LYS A 1 71  ? 13.860  13.834  2.439   1.00 36.27 ? 211 LYS A NZ  1 
ATOM   561  N  N   . ILE A 1 72  ? 8.663   10.020  5.698   1.00 22.35 ? 212 ILE A N   1 
ATOM   562  C  CA  . ILE A 1 72  ? 7.225   10.149  5.451   1.00 21.24 ? 212 ILE A CA  1 
ATOM   563  C  C   . ILE A 1 72  ? 6.424   10.443  6.714   1.00 20.11 ? 212 ILE A C   1 
ATOM   564  O  O   . ILE A 1 72  ? 6.466   9.686   7.683   1.00 20.65 ? 212 ILE A O   1 
ATOM   565  C  CB  . ILE A 1 72  ? 6.647   8.882   4.805   1.00 21.51 ? 212 ILE A CB  1 
ATOM   566  C  CG1 . ILE A 1 72  ? 7.357   8.616   3.474   1.00 19.58 ? 212 ILE A CG1 1 
ATOM   567  C  CG2 . ILE A 1 72  ? 5.142   9.052   4.594   1.00 21.13 ? 212 ILE A CG2 1 
ATOM   568  C  CD1 . ILE A 1 72  ? 6.952   7.326   2.802   1.00 17.37 ? 212 ILE A CD1 1 
ATOM   569  N  N   . VAL A 1 73  ? 5.677   11.540  6.696   1.00 18.54 ? 213 VAL A N   1 
ATOM   570  C  CA  . VAL A 1 73  ? 4.877   11.912  7.854   1.00 18.79 ? 213 VAL A CA  1 
ATOM   571  C  C   . VAL A 1 73  ? 3.407   11.563  7.668   1.00 18.48 ? 213 VAL A C   1 
ATOM   572  O  O   . VAL A 1 73  ? 2.909   11.484  6.548   1.00 20.48 ? 213 VAL A O   1 
ATOM   573  C  CB  . VAL A 1 73  ? 4.994   13.419  8.145   1.00 18.37 ? 213 VAL A CB  1 
ATOM   574  C  CG1 . VAL A 1 73  ? 6.459   13.780  8.343   1.00 19.78 ? 213 VAL A CG1 1 
ATOM   575  C  CG2 . VAL A 1 73  ? 4.383   14.229  7.007   1.00 14.81 ? 213 VAL A CG2 1 
ATOM   576  N  N   . GLN A 1 74  ? 2.716   11.341  8.777   1.00 17.81 ? 214 GLN A N   1 
ATOM   577  C  CA  . GLN A 1 74  ? 1.301   11.022  8.722   1.00 17.92 ? 214 GLN A CA  1 
ATOM   578  C  C   . GLN A 1 74  ? 0.549   12.316  8.393   1.00 18.38 ? 214 GLN A C   1 
ATOM   579  O  O   . GLN A 1 74  ? 0.676   13.308  9.115   1.00 17.94 ? 214 GLN A O   1 
ATOM   580  C  CB  . GLN A 1 74  ? 0.863   10.446  10.067  1.00 16.08 ? 214 GLN A CB  1 
ATOM   581  C  CG  . GLN A 1 74  ? -0.608  10.127  10.178  1.00 18.25 ? 214 GLN A CG  1 
ATOM   582  C  CD  . GLN A 1 74  ? -0.914  9.282   11.397  1.00 18.29 ? 214 GLN A CD  1 
ATOM   583  O  OE1 . GLN A 1 74  ? -0.300  9.446   12.447  1.00 18.13 ? 214 GLN A OE1 1 
ATOM   584  N  NE2 . GLN A 1 74  ? -1.877  8.382   11.267  1.00 20.29 ? 214 GLN A NE2 1 
ATOM   585  N  N   . ARG A 1 75  ? -0.216  12.310  7.300   1.00 15.97 ? 215 ARG A N   1 
ATOM   586  C  CA  . ARG A 1 75  ? -0.959  13.503  6.891   1.00 17.78 ? 215 ARG A CA  1 
ATOM   587  C  C   . ARG A 1 75  ? -2.337  13.616  7.540   1.00 17.55 ? 215 ARG A C   1 
ATOM   588  O  O   . ARG A 1 75  ? -2.931  14.686  7.547   1.00 18.32 ? 215 ARG A O   1 
ATOM   589  C  CB  . ARG A 1 75  ? -1.073  13.559  5.356   1.00 15.09 ? 215 ARG A CB  1 
ATOM   590  C  CG  . ARG A 1 75  ? 0.260   13.922  4.678   1.00 18.36 ? 215 ARG A CG  1 
ATOM   591  C  CD  . ARG A 1 75  ? 0.341   13.498  3.211   1.00 16.69 ? 215 ARG A CD  1 
ATOM   592  N  NE  . ARG A 1 75  ? 1.701   13.633  2.681   1.00 16.35 ? 215 ARG A NE  1 
ATOM   593  C  CZ  . ARG A 1 75  ? 2.314   14.797  2.468   1.00 19.26 ? 215 ARG A CZ  1 
ATOM   594  N  NH1 . ARG A 1 75  ? 1.685   15.940  2.737   1.00 16.35 ? 215 ARG A NH1 1 
ATOM   595  N  NH2 . ARG A 1 75  ? 3.554   14.827  1.987   1.00 15.36 ? 215 ARG A NH2 1 
ATOM   596  N  N   . GLY A 1 76  ? -2.840  12.518  8.092   1.00 17.74 ? 216 GLY A N   1 
ATOM   597  C  CA  . GLY A 1 76  ? -4.133  12.560  8.750   1.00 20.55 ? 216 GLY A CA  1 
ATOM   598  C  C   . GLY A 1 76  ? -5.339  12.424  7.842   1.00 21.55 ? 216 GLY A C   1 
ATOM   599  O  O   . GLY A 1 76  ? -5.211  12.143  6.659   1.00 20.81 ? 216 GLY A O   1 
ATOM   600  N  N   . GLY A 1 77  ? -6.519  12.636  8.414   1.00 25.90 ? 217 GLY A N   1 
ATOM   601  C  CA  . GLY A 1 77  ? -7.755  12.524  7.661   1.00 28.60 ? 217 GLY A CA  1 
ATOM   602  C  C   . GLY A 1 77  ? -8.854  11.957  8.543   1.00 31.27 ? 217 GLY A C   1 
ATOM   603  O  O   . GLY A 1 77  ? -8.582  11.155  9.442   1.00 30.56 ? 217 GLY A O   1 
ATOM   604  N  N   . ALA A 1 78  ? -10.093 12.371  8.292   1.00 33.62 ? 218 ALA A N   1 
ATOM   605  C  CA  . ALA A 1 78  ? -11.230 11.901  9.076   1.00 35.42 ? 218 ALA A CA  1 
ATOM   606  C  C   . ALA A 1 78  ? -12.036 10.863  8.302   1.00 36.81 ? 218 ALA A C   1 
ATOM   607  O  O   . ALA A 1 78  ? -12.771 10.075  8.895   1.00 38.81 ? 218 ALA A O   1 
ATOM   608  C  CB  . ALA A 1 78  ? -12.121 13.080  9.473   1.00 35.72 ? 218 ALA A CB  1 
ATOM   609  N  N   . GLN A 1 79  ? -11.918 10.874  6.977   1.00 35.14 ? 219 GLN A N   1 
ATOM   610  C  CA  . GLN A 1 79  ? -12.619 9.885   6.168   1.00 35.46 ? 219 GLN A CA  1 
ATOM   611  C  C   . GLN A 1 79  ? -11.676 9.262   5.148   1.00 33.90 ? 219 GLN A C   1 
ATOM   612  O  O   . GLN A 1 79  ? -10.979 9.951   4.404   1.00 33.76 ? 219 GLN A O   1 
ATOM   613  C  CB  . GLN A 1 79  ? -13.852 10.487  5.484   1.00 39.17 ? 219 GLN A CB  1 
ATOM   614  C  CG  . GLN A 1 79  ? -13.604 11.665  4.575   1.00 42.53 ? 219 GLN A CG  1 
ATOM   615  C  CD  . GLN A 1 79  ? -14.889 12.123  3.908   1.00 46.23 ? 219 GLN A CD  1 
ATOM   616  O  OE1 . GLN A 1 79  ? -15.881 12.411  4.580   1.00 46.73 ? 219 GLN A OE1 1 
ATOM   617  N  NE2 . GLN A 1 79  ? -14.880 12.189  2.579   1.00 47.23 ? 219 GLN A NE2 1 
ATOM   618  N  N   . THR A 1 80  ? -11.669 7.936   5.143   1.00 31.61 ? 220 THR A N   1 
ATOM   619  C  CA  . THR A 1 80  ? -10.808 7.131   4.294   1.00 29.61 ? 220 THR A CA  1 
ATOM   620  C  C   . THR A 1 80  ? -11.280 7.003   2.846   1.00 27.09 ? 220 THR A C   1 
ATOM   621  O  O   . THR A 1 80  ? -12.320 6.401   2.583   1.00 28.89 ? 220 THR A O   1 
ATOM   622  C  CB  . THR A 1 80  ? -10.689 5.732   4.911   1.00 30.84 ? 220 THR A CB  1 
ATOM   623  O  OG1 . THR A 1 80  ? -10.601 5.873   6.332   1.00 31.28 ? 220 THR A OG1 1 
ATOM   624  C  CG2 . THR A 1 80  ? -9.451  4.997   4.399   1.00 28.97 ? 220 THR A CG2 1 
ATOM   625  N  N   . MET A 1 81  ? -10.511 7.565   1.915   1.00 23.09 ? 221 MET A N   1 
ATOM   626  C  CA  . MET A 1 81  ? -10.844 7.494   0.492   1.00 21.53 ? 221 MET A CA  1 
ATOM   627  C  C   . MET A 1 81  ? -9.925  6.473   -0.162  1.00 19.56 ? 221 MET A C   1 
ATOM   628  O  O   . MET A 1 81  ? -9.047  6.817   -0.960  1.00 19.75 ? 221 MET A O   1 
ATOM   629  C  CB  . MET A 1 81  ? -10.664 8.859   -0.183  1.00 22.64 ? 221 MET A CB  1 
ATOM   630  C  CG  . MET A 1 81  ? -11.514 9.981   0.419   1.00 27.87 ? 221 MET A CG  1 
ATOM   631  S  SD  . MET A 1 81  ? -13.296 9.692   0.286   1.00 29.26 ? 221 MET A SD  1 
ATOM   632  C  CE  . MET A 1 81  ? -13.630 10.461  -1.293  1.00 32.90 ? 221 MET A CE  1 
ATOM   633  N  N   . THR A 1 82  ? -10.145 5.211   0.188   1.00 17.12 ? 222 THR A N   1 
ATOM   634  C  CA  . THR A 1 82  ? -9.353  4.104   -0.320  1.00 14.71 ? 222 THR A CA  1 
ATOM   635  C  C   . THR A 1 82  ? -9.494  3.922   -1.823  1.00 15.74 ? 222 THR A C   1 
ATOM   636  O  O   . THR A 1 82  ? -8.520  3.608   -2.509  1.00 15.20 ? 222 THR A O   1 
ATOM   637  C  CB  . THR A 1 82  ? -9.742  2.802   0.396   1.00 13.06 ? 222 THR A CB  1 
ATOM   638  O  OG1 . THR A 1 82  ? -9.458  2.940   1.796   1.00 13.08 ? 222 THR A OG1 1 
ATOM   639  C  CG2 . THR A 1 82  ? -8.959  1.619   -0.162  1.00 10.48 ? 222 THR A CG2 1 
ATOM   640  N  N   . ALA A 1 83  ? -10.708 4.107   -2.334  1.00 15.51 ? 223 ALA A N   1 
ATOM   641  C  CA  . ALA A 1 83  ? -10.943 3.970   -3.764  1.00 14.96 ? 223 ALA A CA  1 
ATOM   642  C  C   . ALA A 1 83  ? -10.108 5.028   -4.483  1.00 15.61 ? 223 ALA A C   1 
ATOM   643  O  O   . ALA A 1 83  ? -9.415  4.730   -5.454  1.00 15.63 ? 223 ALA A O   1 
ATOM   644  C  CB  . ALA A 1 83  ? -12.417 4.160   -4.074  1.00 16.64 ? 223 ALA A CB  1 
ATOM   645  N  N   . LEU A 1 84  ? -10.176 6.262   -3.993  1.00 15.58 ? 224 LEU A N   1 
ATOM   646  C  CA  . LEU A 1 84  ? -9.422  7.361   -4.579  1.00 16.39 ? 224 LEU A CA  1 
ATOM   647  C  C   . LEU A 1 84  ? -7.917  7.081   -4.511  1.00 17.03 ? 224 LEU A C   1 
ATOM   648  O  O   . LEU A 1 84  ? -7.227  7.152   -5.521  1.00 15.36 ? 224 LEU A O   1 
ATOM   649  C  CB  . LEU A 1 84  ? -9.739  8.671   -3.851  1.00 16.87 ? 224 LEU A CB  1 
ATOM   650  C  CG  . LEU A 1 84  ? -8.964  9.899   -4.339  1.00 20.77 ? 224 LEU A CG  1 
ATOM   651  C  CD1 . LEU A 1 84  ? -9.166  10.067  -5.836  1.00 23.60 ? 224 LEU A CD1 1 
ATOM   652  C  CD2 . LEU A 1 84  ? -9.429  11.148  -3.598  1.00 21.48 ? 224 LEU A CD2 1 
ATOM   653  N  N   . GLY A 1 85  ? -7.423  6.757   -3.318  1.00 15.73 ? 225 GLY A N   1 
ATOM   654  C  CA  . GLY A 1 85  ? -6.009  6.468   -3.157  1.00 16.16 ? 225 GLY A CA  1 
ATOM   655  C  C   . GLY A 1 85  ? -5.524  5.367   -4.088  1.00 17.58 ? 225 GLY A C   1 
ATOM   656  O  O   . GLY A 1 85  ? -4.437  5.467   -4.660  1.00 16.90 ? 225 GLY A O   1 
ATOM   657  N  N   . THR A 1 86  ? -6.335  4.320   -4.246  1.00 16.25 ? 226 THR A N   1 
ATOM   658  C  CA  . THR A 1 86  ? -5.990  3.197   -5.108  1.00 16.05 ? 226 THR A CA  1 
ATOM   659  C  C   . THR A 1 86  ? -6.045  3.574   -6.594  1.00 16.96 ? 226 THR A C   1 
ATOM   660  O  O   . THR A 1 86  ? -5.120  3.283   -7.354  1.00 14.46 ? 226 THR A O   1 
ATOM   661  C  CB  . THR A 1 86  ? -6.939  2.007   -4.868  1.00 15.04 ? 226 THR A CB  1 
ATOM   662  O  OG1 . THR A 1 86  ? -6.848  1.592   -3.500  1.00 16.40 ? 226 THR A OG1 1 
ATOM   663  C  CG2 . THR A 1 86  ? -6.566  0.838   -5.764  1.00 16.02 ? 226 THR A CG2 1 
ATOM   664  N  N   . ASP A 1 87  ? -7.135  4.219   -6.996  1.00 17.13 ? 227 ASP A N   1 
ATOM   665  C  CA  . ASP A 1 87  ? -7.312  4.631   -8.380  1.00 18.48 ? 227 ASP A CA  1 
ATOM   666  C  C   . ASP A 1 87  ? -6.187  5.573   -8.813  1.00 18.10 ? 227 ASP A C   1 
ATOM   667  O  O   . ASP A 1 87  ? -5.699  5.489   -9.944  1.00 17.06 ? 227 ASP A O   1 
ATOM   668  C  CB  . ASP A 1 87  ? -8.657  5.336   -8.554  1.00 21.23 ? 227 ASP A CB  1 
ATOM   669  C  CG  . ASP A 1 87  ? -9.174  5.260   -9.977  1.00 21.86 ? 227 ASP A CG  1 
ATOM   670  O  OD1 . ASP A 1 87  ? -10.048 6.072   -10.343 1.00 23.99 ? 227 ASP A OD1 1 
ATOM   671  O  OD2 . ASP A 1 87  ? -8.717  4.375   -10.727 1.00 24.62 ? 227 ASP A OD2 1 
ATOM   672  N  N   . THR A 1 88  ? -5.781  6.464   -7.910  1.00 16.66 ? 228 THR A N   1 
ATOM   673  C  CA  . THR A 1 88  ? -4.724  7.425   -8.200  1.00 16.38 ? 228 THR A CA  1 
ATOM   674  C  C   . THR A 1 88  ? -3.388  6.728   -8.394  1.00 17.92 ? 228 THR A C   1 
ATOM   675  O  O   . THR A 1 88  ? -2.592  7.123   -9.248  1.00 19.53 ? 228 THR A O   1 
ATOM   676  C  CB  . THR A 1 88  ? -4.589  8.469   -7.075  1.00 17.04 ? 228 THR A CB  1 
ATOM   677  O  OG1 . THR A 1 88  ? -5.844  9.131   -6.894  1.00 14.99 ? 228 THR A OG1 1 
ATOM   678  C  CG2 . THR A 1 88  ? -3.517  9.512   -7.436  1.00 15.69 ? 228 THR A CG2 1 
ATOM   679  N  N   . ALA A 1 89  ? -3.136  5.698   -7.594  1.00 17.22 ? 229 ALA A N   1 
ATOM   680  C  CA  . ALA A 1 89  ? -1.899  4.943   -7.724  1.00 18.23 ? 229 ALA A CA  1 
ATOM   681  C  C   . ALA A 1 89  ? -1.900  4.290   -9.111  1.00 18.44 ? 229 ALA A C   1 
ATOM   682  O  O   . ALA A 1 89  ? -0.865  4.225   -9.777  1.00 17.56 ? 229 ALA A O   1 
ATOM   683  C  CB  . ALA A 1 89  ? -1.806  3.875   -6.631  1.00 15.28 ? 229 ALA A CB  1 
ATOM   684  N  N   . ARG A 1 90  ? -3.065  3.815   -9.545  1.00 18.81 ? 230 ARG A N   1 
ATOM   685  C  CA  . ARG A 1 90  ? -3.186  3.181   -10.860 1.00 19.02 ? 230 ARG A CA  1 
ATOM   686  C  C   . ARG A 1 90  ? -3.040  4.208   -11.977 1.00 20.69 ? 230 ARG A C   1 
ATOM   687  O  O   . ARG A 1 90  ? -2.263  4.009   -12.911 1.00 18.58 ? 230 ARG A O   1 
ATOM   688  C  CB  . ARG A 1 90  ? -4.546  2.494   -11.015 1.00 17.86 ? 230 ARG A CB  1 
ATOM   689  C  CG  . ARG A 1 90  ? -4.793  1.931   -12.419 1.00 18.37 ? 230 ARG A CG  1 
ATOM   690  C  CD  . ARG A 1 90  ? -6.198  1.345   -12.564 1.00 19.68 ? 230 ARG A CD  1 
ATOM   691  N  NE  . ARG A 1 90  ? -7.224  2.383   -12.567 1.00 20.27 ? 230 ARG A NE  1 
ATOM   692  C  CZ  . ARG A 1 90  ? -7.422  3.241   -13.566 1.00 23.14 ? 230 ARG A CZ  1 
ATOM   693  N  NH1 . ARG A 1 90  ? -6.667  3.184   -14.657 1.00 21.70 ? 230 ARG A NH1 1 
ATOM   694  N  NH2 . ARG A 1 90  ? -8.367  4.173   -13.471 1.00 22.68 ? 230 ARG A NH2 1 
ATOM   695  N  N   . LYS A 1 91  ? -3.795  5.302   -11.857 1.00 21.24 ? 231 LYS A N   1 
ATOM   696  C  CA  . LYS A 1 91  ? -3.815  6.382   -12.843 1.00 23.50 ? 231 LYS A CA  1 
ATOM   697  C  C   . LYS A 1 91  ? -2.555  7.232   -12.947 1.00 22.93 ? 231 LYS A C   1 
ATOM   698  O  O   . LYS A 1 91  ? -2.128  7.564   -14.046 1.00 23.09 ? 231 LYS A O   1 
ATOM   699  C  CB  . LYS A 1 91  ? -4.981  7.338   -12.561 1.00 27.21 ? 231 LYS A CB  1 
ATOM   700  C  CG  . LYS A 1 91  ? -6.350  6.877   -12.994 1.00 30.64 ? 231 LYS A CG  1 
ATOM   701  C  CD  . LYS A 1 91  ? -7.374  7.980   -12.724 1.00 34.02 ? 231 LYS A CD  1 
ATOM   702  C  CE  . LYS A 1 91  ? -8.756  7.612   -13.252 1.00 37.85 ? 231 LYS A CE  1 
ATOM   703  N  NZ  . LYS A 1 91  ? -9.781  8.644   -12.905 1.00 39.15 ? 231 LYS A NZ  1 
ATOM   704  N  N   . GLU A 1 92  ? -1.979  7.603   -11.806 1.00 22.82 ? 232 GLU A N   1 
ATOM   705  C  CA  . GLU A 1 92  ? -0.795  8.460   -11.798 1.00 22.17 ? 232 GLU A CA  1 
ATOM   706  C  C   . GLU A 1 92  ? 0.527   7.798   -11.423 1.00 21.18 ? 232 GLU A C   1 
ATOM   707  O  O   . GLU A 1 92  ? 1.521   7.949   -12.138 1.00 19.79 ? 232 GLU A O   1 
ATOM   708  C  CB  . GLU A 1 92  ? -1.028  9.649   -10.862 1.00 23.06 ? 232 GLU A CB  1 
ATOM   709  C  CG  . GLU A 1 92  ? -2.426  10.230  -10.942 1.00 24.06 ? 232 GLU A CG  1 
ATOM   710  C  CD  . GLU A 1 92  ? -2.539  11.592  -10.286 1.00 24.45 ? 232 GLU A CD  1 
ATOM   711  O  OE1 . GLU A 1 92  ? -1.850  11.844  -9.271  1.00 24.81 ? 232 GLU A OE1 1 
ATOM   712  O  OE2 . GLU A 1 92  ? -3.336  12.412  -10.785 1.00 28.63 ? 232 GLU A OE2 1 
ATOM   713  N  N   . ALA A 1 93  ? 0.550   7.088   -10.299 1.00 19.29 ? 233 ALA A N   1 
ATOM   714  C  CA  . ALA A 1 93  ? 1.782   6.435   -9.851  1.00 20.04 ? 233 ALA A CA  1 
ATOM   715  C  C   . ALA A 1 93  ? 2.334   5.511   -10.926 1.00 19.22 ? 233 ALA A C   1 
ATOM   716  O  O   . ALA A 1 93  ? 3.515   5.570   -11.255 1.00 20.29 ? 233 ALA A O   1 
ATOM   717  C  CB  . ALA A 1 93  ? 1.543   5.656   -8.553  1.00 17.76 ? 233 ALA A CB  1 
ATOM   718  N  N   . PHE A 1 94  ? 1.471   4.674   -11.489 1.00 18.95 ? 234 PHE A N   1 
ATOM   719  C  CA  . PHE A 1 94  ? 1.898   3.746   -12.523 1.00 19.35 ? 234 PHE A CA  1 
ATOM   720  C  C   . PHE A 1 94  ? 1.916   4.335   -13.927 1.00 20.80 ? 234 PHE A C   1 
ATOM   721  O  O   . PHE A 1 94  ? 1.265   3.813   -14.824 1.00 22.46 ? 234 PHE A O   1 
ATOM   722  C  CB  . PHE A 1 94  ? 1.012   2.499   -12.507 1.00 16.78 ? 234 PHE A CB  1 
ATOM   723  C  CG  . PHE A 1 94  ? 1.328   1.556   -11.392 1.00 15.03 ? 234 PHE A CG  1 
ATOM   724  C  CD1 . PHE A 1 94  ? 0.401   1.308   -10.387 1.00 15.07 ? 234 PHE A CD1 1 
ATOM   725  C  CD2 . PHE A 1 94  ? 2.559   0.910   -11.346 1.00 13.50 ? 234 PHE A CD2 1 
ATOM   726  C  CE1 . PHE A 1 94  ? 0.694   0.428   -9.353  1.00 14.51 ? 234 PHE A CE1 1 
ATOM   727  C  CE2 . PHE A 1 94  ? 2.865   0.028   -10.316 1.00 16.51 ? 234 PHE A CE2 1 
ATOM   728  C  CZ  . PHE A 1 94  ? 1.933   -0.216  -9.316  1.00 15.21 ? 234 PHE A CZ  1 
ATOM   729  N  N   . THR A 1 95  ? 2.666   5.415   -14.121 1.00 21.18 ? 235 THR A N   1 
ATOM   730  C  CA  . THR A 1 95  ? 2.753   6.035   -15.437 1.00 23.07 ? 235 THR A CA  1 
ATOM   731  C  C   . THR A 1 95  ? 4.198   6.336   -15.799 1.00 24.06 ? 235 THR A C   1 
ATOM   732  O  O   . THR A 1 95  ? 5.018   6.642   -14.928 1.00 23.98 ? 235 THR A O   1 
ATOM   733  C  CB  . THR A 1 95  ? 1.953   7.356   -15.518 1.00 23.24 ? 235 THR A CB  1 
ATOM   734  O  OG1 . THR A 1 95  ? 2.538   8.331   -14.648 1.00 21.03 ? 235 THR A OG1 1 
ATOM   735  C  CG2 . THR A 1 95  ? 0.511   7.127   -15.127 1.00 22.25 ? 235 THR A CG2 1 
ATOM   736  N  N   . GLU A 1 96  ? 4.500   6.246   -17.089 1.00 24.50 ? 236 GLU A N   1 
ATOM   737  C  CA  . GLU A 1 96  ? 5.842   6.509   -17.580 1.00 25.31 ? 236 GLU A CA  1 
ATOM   738  C  C   . GLU A 1 96  ? 6.352   7.843   -17.049 1.00 24.58 ? 236 GLU A C   1 
ATOM   739  O  O   . GLU A 1 96  ? 7.535   7.989   -16.732 1.00 23.68 ? 236 GLU A O   1 
ATOM   740  C  CB  . GLU A 1 96  ? 5.842   6.515   -19.109 1.00 26.26 ? 236 GLU A CB  1 
ATOM   741  C  CG  . GLU A 1 96  ? 7.095   7.108   -19.718 1.00 30.11 ? 236 GLU A CG  1 
ATOM   742  C  CD  . GLU A 1 96  ? 7.151   6.920   -21.221 1.00 33.26 ? 236 GLU A CD  1 
ATOM   743  O  OE1 . GLU A 1 96  ? 7.434   5.782   -21.663 1.00 32.48 ? 236 GLU A OE1 1 
ATOM   744  O  OE2 . GLU A 1 96  ? 6.898   7.907   -21.952 1.00 31.32 ? 236 GLU A OE2 1 
ATOM   745  N  N   . ALA A 1 97  ? 5.449   8.812   -16.954 1.00 23.19 ? 237 ALA A N   1 
ATOM   746  C  CA  . ALA A 1 97  ? 5.798   10.138  -16.460 1.00 23.99 ? 237 ALA A CA  1 
ATOM   747  C  C   . ALA A 1 97  ? 6.396   10.086  -15.055 1.00 22.77 ? 237 ALA A C   1 
ATOM   748  O  O   . ALA A 1 97  ? 7.249   10.900  -14.701 1.00 23.56 ? 237 ALA A O   1 
ATOM   749  C  CB  . ALA A 1 97  ? 4.558   11.037  -16.462 1.00 22.87 ? 237 ALA A CB  1 
ATOM   750  N  N   . ARG A 1 98  ? 5.951   9.129   -14.251 1.00 22.00 ? 238 ARG A N   1 
ATOM   751  C  CA  . ARG A 1 98  ? 6.462   9.032   -12.895 1.00 22.10 ? 238 ARG A CA  1 
ATOM   752  C  C   . ARG A 1 98  ? 7.439   7.892   -12.655 1.00 20.81 ? 238 ARG A C   1 
ATOM   753  O  O   . ARG A 1 98  ? 7.674   7.510   -11.514 1.00 20.95 ? 238 ARG A O   1 
ATOM   754  C  CB  . ARG A 1 98  ? 5.304   8.955   -11.902 1.00 21.73 ? 238 ARG A CB  1 
ATOM   755  C  CG  . ARG A 1 98  ? 4.570   10.279  -11.713 1.00 19.30 ? 238 ARG A CG  1 
ATOM   756  C  CD  . ARG A 1 98  ? 3.384   10.097  -10.792 1.00 18.26 ? 238 ARG A CD  1 
ATOM   757  N  NE  . ARG A 1 98  ? 2.594   11.309  -10.606 1.00 16.01 ? 238 ARG A NE  1 
ATOM   758  C  CZ  . ARG A 1 98  ? 2.903   12.300  -9.770  1.00 16.57 ? 238 ARG A CZ  1 
ATOM   759  N  NH1 . ARG A 1 98  ? 3.999   12.241  -9.030  1.00 12.72 ? 238 ARG A NH1 1 
ATOM   760  N  NH2 . ARG A 1 98  ? 2.095   13.347  -9.663  1.00 16.77 ? 238 ARG A NH2 1 
ATOM   761  N  N   . GLY A 1 99  ? 8.009   7.347   -13.725 1.00 19.93 ? 239 GLY A N   1 
ATOM   762  C  CA  . GLY A 1 99  ? 8.986   6.286   -13.554 1.00 17.36 ? 239 GLY A CA  1 
ATOM   763  C  C   . GLY A 1 99  ? 8.596   4.863   -13.893 1.00 15.70 ? 239 GLY A C   1 
ATOM   764  O  O   . GLY A 1 99  ? 9.475   4.017   -13.999 1.00 17.30 ? 239 GLY A O   1 
ATOM   765  N  N   . ALA A 1 100 ? 7.307   4.574   -14.046 1.00 16.11 ? 240 ALA A N   1 
ATOM   766  C  CA  . ALA A 1 100 ? 6.889   3.210   -14.387 1.00 17.70 ? 240 ALA A CA  1 
ATOM   767  C  C   . ALA A 1 100 ? 7.607   2.764   -15.664 1.00 18.27 ? 240 ALA A C   1 
ATOM   768  O  O   . ALA A 1 100 ? 7.757   3.550   -16.598 1.00 19.10 ? 240 ALA A O   1 
ATOM   769  C  CB  . ALA A 1 100 ? 5.380   3.157   -14.592 1.00 15.83 ? 240 ALA A CB  1 
ATOM   770  N  N   . ARG A 1 101 ? 8.052   1.512   -15.703 1.00 19.82 ? 241 ARG A N   1 
ATOM   771  C  CA  . ARG A 1 101 ? 8.758   0.997   -16.876 1.00 21.94 ? 241 ARG A CA  1 
ATOM   772  C  C   . ARG A 1 101 ? 7.932   0.002   -17.693 1.00 23.20 ? 241 ARG A C   1 
ATOM   773  O  O   . ARG A 1 101 ? 6.921   -0.525  -17.227 1.00 21.77 ? 241 ARG A O   1 
ATOM   774  C  CB  . ARG A 1 101 ? 10.070  0.324   -16.454 1.00 22.83 ? 241 ARG A CB  1 
ATOM   775  C  CG  . ARG A 1 101 ? 10.934  1.169   -15.536 1.00 25.19 ? 241 ARG A CG  1 
ATOM   776  C  CD  . ARG A 1 101 ? 11.047  0.515   -14.171 1.00 26.76 ? 241 ARG A CD  1 
ATOM   777  N  NE  . ARG A 1 101 ? 12.088  -0.504  -14.152 1.00 28.92 ? 241 ARG A NE  1 
ATOM   778  C  CZ  . ARG A 1 101 ? 12.243  -1.409  -13.190 1.00 28.85 ? 241 ARG A CZ  1 
ATOM   779  N  NH1 . ARG A 1 101 ? 11.415  -1.445  -12.154 1.00 28.18 ? 241 ARG A NH1 1 
ATOM   780  N  NH2 . ARG A 1 101 ? 13.248  -2.268  -13.259 1.00 29.69 ? 241 ARG A NH2 1 
ATOM   781  N  N   . ARG A 1 102 ? 8.377   -0.242  -18.919 1.00 25.68 ? 242 ARG A N   1 
ATOM   782  C  CA  . ARG A 1 102 ? 7.716   -1.183  -19.818 1.00 29.47 ? 242 ARG A CA  1 
ATOM   783  C  C   . ARG A 1 102 ? 8.244   -2.588  -19.557 1.00 28.86 ? 242 ARG A C   1 
ATOM   784  O  O   . ARG A 1 102 ? 9.380   -2.753  -19.123 1.00 28.04 ? 242 ARG A O   1 
ATOM   785  C  CB  . ARG A 1 102 ? 7.993   -0.795  -21.273 1.00 33.58 ? 242 ARG A CB  1 
ATOM   786  C  CG  . ARG A 1 102 ? 7.207   0.413   -21.769 1.00 38.77 ? 242 ARG A CG  1 
ATOM   787  C  CD  . ARG A 1 102 ? 5.731   0.066   -21.886 1.00 43.52 ? 242 ARG A CD  1 
ATOM   788  N  NE  . ARG A 1 102 ? 4.953   1.104   -22.557 1.00 48.73 ? 242 ARG A NE  1 
ATOM   789  C  CZ  . ARG A 1 102 ? 3.659   0.994   -22.849 1.00 51.99 ? 242 ARG A CZ  1 
ATOM   790  N  NH1 . ARG A 1 102 ? 2.996   -0.110  -22.527 1.00 52.52 ? 242 ARG A NH1 1 
ATOM   791  N  NH2 . ARG A 1 102 ? 3.025   1.984   -23.466 1.00 52.87 ? 242 ARG A NH2 1 
ATOM   792  N  N   . GLY A 1 103 ? 7.421   -3.600  -19.811 1.00 29.88 ? 243 GLY A N   1 
ATOM   793  C  CA  . GLY A 1 103 ? 7.860   -4.968  -19.592 1.00 29.96 ? 243 GLY A CA  1 
ATOM   794  C  C   . GLY A 1 103 ? 8.223   -5.260  -18.147 1.00 30.75 ? 243 GLY A C   1 
ATOM   795  O  O   . GLY A 1 103 ? 9.182   -5.983  -17.862 1.00 30.36 ? 243 GLY A O   1 
ATOM   796  N  N   . VAL A 1 104 ? 7.455   -4.694  -17.225 1.00 28.94 ? 244 VAL A N   1 
ATOM   797  C  CA  . VAL A 1 104 ? 7.701   -4.904  -15.809 1.00 29.01 ? 244 VAL A CA  1 
ATOM   798  C  C   . VAL A 1 104 ? 6.394   -5.242  -15.104 1.00 28.67 ? 244 VAL A C   1 
ATOM   799  O  O   . VAL A 1 104 ? 5.335   -4.740  -15.473 1.00 28.76 ? 244 VAL A O   1 
ATOM   800  C  CB  . VAL A 1 104 ? 8.318   -3.641  -15.164 1.00 29.56 ? 244 VAL A CB  1 
ATOM   801  C  CG1 . VAL A 1 104 ? 8.516   -3.858  -13.681 1.00 30.67 ? 244 VAL A CG1 1 
ATOM   802  C  CG2 . VAL A 1 104 ? 9.650   -3.311  -15.835 1.00 28.64 ? 244 VAL A CG2 1 
ATOM   803  N  N   . LYS A 1 105 ? 6.470   -6.106  -14.100 1.00 28.77 ? 245 LYS A N   1 
ATOM   804  C  CA  . LYS A 1 105 ? 5.286   -6.488  -13.344 1.00 27.86 ? 245 LYS A CA  1 
ATOM   805  C  C   . LYS A 1 105 ? 4.940   -5.364  -12.370 1.00 27.58 ? 245 LYS A C   1 
ATOM   806  O  O   . LYS A 1 105 ? 5.815   -4.839  -11.675 1.00 27.23 ? 245 LYS A O   1 
ATOM   807  C  CB  . LYS A 1 105 ? 5.542   -7.784  -12.574 1.00 28.37 ? 245 LYS A CB  1 
ATOM   808  C  CG  . LYS A 1 105 ? 4.413   -8.190  -11.636 1.00 30.04 ? 245 LYS A CG  1 
ATOM   809  C  CD  . LYS A 1 105 ? 3.083   -8.297  -12.375 1.00 31.90 ? 245 LYS A CD  1 
ATOM   810  C  CE  . LYS A 1 105 ? 1.955   -8.715  -11.441 1.00 31.68 ? 245 LYS A CE  1 
ATOM   811  N  NZ  . LYS A 1 105 ? 0.634   -8.784  -12.139 1.00 34.06 ? 245 LYS A NZ  1 
ATOM   812  N  N   . LYS A 1 106 ? 3.665   -4.998  -12.330 1.00 26.03 ? 246 LYS A N   1 
ATOM   813  C  CA  . LYS A 1 106 ? 3.194   -3.938  -11.450 1.00 25.70 ? 246 LYS A CA  1 
ATOM   814  C  C   . LYS A 1 106 ? 2.583   -4.515  -10.185 1.00 24.85 ? 246 LYS A C   1 
ATOM   815  O  O   . LYS A 1 106 ? 1.725   -5.400  -10.246 1.00 25.75 ? 246 LYS A O   1 
ATOM   816  C  CB  . LYS A 1 106 ? 2.146   -3.084  -12.163 1.00 28.05 ? 246 LYS A CB  1 
ATOM   817  C  CG  . LYS A 1 106 ? 2.655   -2.353  -13.390 1.00 28.35 ? 246 LYS A CG  1 
ATOM   818  C  CD  . LYS A 1 106 ? 1.544   -1.518  -14.013 1.00 30.87 ? 246 LYS A CD  1 
ATOM   819  C  CE  . LYS A 1 106 ? 2.013   -0.823  -15.274 1.00 33.16 ? 246 LYS A CE  1 
ATOM   820  N  NZ  . LYS A 1 106 ? 0.926   -0.003  -15.877 1.00 37.01 ? 246 LYS A NZ  1 
ATOM   821  N  N   . VAL A 1 107 ? 3.020   -4.006  -9.039  1.00 22.58 ? 247 VAL A N   1 
ATOM   822  C  CA  . VAL A 1 107 ? 2.503   -4.470  -7.758  1.00 19.81 ? 247 VAL A CA  1 
ATOM   823  C  C   . VAL A 1 107 ? 2.080   -3.299  -6.875  1.00 18.82 ? 247 VAL A C   1 
ATOM   824  O  O   . VAL A 1 107 ? 2.801   -2.310  -6.742  1.00 16.35 ? 247 VAL A O   1 
ATOM   825  C  CB  . VAL A 1 107 ? 3.557   -5.297  -6.996  1.00 19.72 ? 247 VAL A CB  1 
ATOM   826  C  CG1 . VAL A 1 107 ? 2.947   -5.878  -5.724  1.00 18.52 ? 247 VAL A CG1 1 
ATOM   827  C  CG2 . VAL A 1 107 ? 4.090   -6.406  -7.887  1.00 19.38 ? 247 VAL A CG2 1 
ATOM   828  N  N   . MET A 1 108 ? 0.902   -3.422  -6.273  1.00 18.23 ? 248 MET A N   1 
ATOM   829  C  CA  . MET A 1 108 ? 0.379   -2.391  -5.389  1.00 16.37 ? 248 MET A CA  1 
ATOM   830  C  C   . MET A 1 108 ? 0.197   -3.005  -4.006  1.00 15.30 ? 248 MET A C   1 
ATOM   831  O  O   . MET A 1 108 ? -0.258  -4.135  -3.884  1.00 17.00 ? 248 MET A O   1 
ATOM   832  C  CB  . MET A 1 108 ? -0.964  -1.879  -5.915  1.00 15.04 ? 248 MET A CB  1 
ATOM   833  C  CG  . MET A 1 108 ? -1.428  -0.587  -5.276  1.00 12.95 ? 248 MET A CG  1 
ATOM   834  S  SD  . MET A 1 108 ? -3.083  -0.117  -5.765  1.00 16.47 ? 248 MET A SD  1 
ATOM   835  C  CE  . MET A 1 108 ? -2.891  0.045   -7.596  1.00 10.75 ? 248 MET A CE  1 
ATOM   836  N  N   . VAL A 1 109 ? 0.576   -2.266  -2.971  1.00 14.94 ? 249 VAL A N   1 
ATOM   837  C  CA  . VAL A 1 109 ? 0.447   -2.730  -1.588  1.00 13.65 ? 249 VAL A CA  1 
ATOM   838  C  C   . VAL A 1 109 ? -0.394  -1.673  -0.885  1.00 14.22 ? 249 VAL A C   1 
ATOM   839  O  O   . VAL A 1 109 ? 0.043   -0.532  -0.726  1.00 14.11 ? 249 VAL A O   1 
ATOM   840  C  CB  . VAL A 1 109 ? 1.831   -2.834  -0.888  1.00 13.01 ? 249 VAL A CB  1 
ATOM   841  C  CG1 . VAL A 1 109 ? 1.666   -3.323  0.544   1.00 10.47 ? 249 VAL A CG1 1 
ATOM   842  C  CG2 . VAL A 1 109 ? 2.741   -3.774  -1.659  1.00 12.75 ? 249 VAL A CG2 1 
ATOM   843  N  N   . ILE A 1 110 ? -1.599  -2.056  -0.472  1.00 14.83 ? 250 ILE A N   1 
ATOM   844  C  CA  . ILE A 1 110 ? -2.528  -1.138  0.173   1.00 14.47 ? 250 ILE A CA  1 
ATOM   845  C  C   . ILE A 1 110 ? -2.644  -1.388  1.677   1.00 15.02 ? 250 ILE A C   1 
ATOM   846  O  O   . ILE A 1 110 ? -2.951  -2.494  2.108   1.00 16.13 ? 250 ILE A O   1 
ATOM   847  C  CB  . ILE A 1 110 ? -3.907  -1.258  -0.492  1.00 16.46 ? 250 ILE A CB  1 
ATOM   848  C  CG1 . ILE A 1 110 ? -3.722  -1.295  -2.013  1.00 18.41 ? 250 ILE A CG1 1 
ATOM   849  C  CG2 . ILE A 1 110 ? -4.789  -0.078  -0.103  1.00 14.08 ? 250 ILE A CG2 1 
ATOM   850  C  CD1 . ILE A 1 110 ? -4.992  -1.528  -2.783  1.00 23.52 ? 250 ILE A CD1 1 
ATOM   851  N  N   . VAL A 1 111 ? -2.402  -0.345  2.465   1.00 15.46 ? 251 VAL A N   1 
ATOM   852  C  CA  . VAL A 1 111 ? -2.448  -0.438  3.922   1.00 16.30 ? 251 VAL A CA  1 
ATOM   853  C  C   . VAL A 1 111 ? -3.483  0.532   4.496   1.00 16.53 ? 251 VAL A C   1 
ATOM   854  O  O   . VAL A 1 111 ? -3.377  1.737   4.299   1.00 16.39 ? 251 VAL A O   1 
ATOM   855  C  CB  . VAL A 1 111 ? -1.053  -0.115  4.533   1.00 15.21 ? 251 VAL A CB  1 
ATOM   856  C  CG1 . VAL A 1 111 ? -1.071  -0.331  6.036   1.00 12.28 ? 251 VAL A CG1 1 
ATOM   857  C  CG2 . VAL A 1 111 ? 0.014   -0.990  3.886   1.00 15.09 ? 251 VAL A CG2 1 
ATOM   858  N  N   . THR A 1 112 ? -4.471  0.006   5.217   1.00 15.43 ? 252 THR A N   1 
ATOM   859  C  CA  . THR A 1 112 ? -5.522  0.840   5.794   1.00 15.85 ? 252 THR A CA  1 
ATOM   860  C  C   . THR A 1 112 ? -6.075  0.270   7.110   1.00 15.62 ? 252 THR A C   1 
ATOM   861  O  O   . THR A 1 112 ? -5.949  -0.924  7.384   1.00 14.32 ? 252 THR A O   1 
ATOM   862  C  CB  . THR A 1 112 ? -6.678  1.002   4.786   1.00 16.89 ? 252 THR A CB  1 
ATOM   863  O  OG1 . THR A 1 112 ? -7.692  1.859   5.330   1.00 17.07 ? 252 THR A OG1 1 
ATOM   864  C  CG2 . THR A 1 112 ? -7.281  -0.365  4.462   1.00 16.74 ? 252 THR A CG2 1 
ATOM   865  N  N   . ASP A 1 113 ? -6.689  1.127   7.922   1.00 16.24 ? 253 ASP A N   1 
ATOM   866  C  CA  . ASP A 1 113 ? -7.265  0.690   9.195   1.00 18.17 ? 253 ASP A CA  1 
ATOM   867  C  C   . ASP A 1 113 ? -8.737  1.085   9.320   1.00 19.31 ? 253 ASP A C   1 
ATOM   868  O  O   . ASP A 1 113 ? -9.247  1.257   10.427  1.00 18.78 ? 253 ASP A O   1 
ATOM   869  C  CB  . ASP A 1 113 ? -6.489  1.283   10.378  1.00 15.01 ? 253 ASP A CB  1 
ATOM   870  C  CG  . ASP A 1 113 ? -6.937  2.695   10.722  1.00 16.45 ? 253 ASP A CG  1 
ATOM   871  O  OD1 . ASP A 1 113 ? -7.253  3.455   9.783   1.00 14.39 ? 253 ASP A OD1 1 
ATOM   872  O  OD2 . ASP A 1 113 ? -6.965  3.047   11.928  1.00 15.29 ? 253 ASP A OD2 1 
ATOM   873  N  N   . GLY A 1 114 ? -9.421  1.223   8.189   1.00 21.68 ? 254 GLY A N   1 
ATOM   874  C  CA  . GLY A 1 114 ? -10.828 1.588   8.241   1.00 22.11 ? 254 GLY A CA  1 
ATOM   875  C  C   . GLY A 1 114 ? -11.586 1.388   6.942   1.00 22.87 ? 254 GLY A C   1 
ATOM   876  O  O   . GLY A 1 114 ? -10.987 1.282   5.871   1.00 22.92 ? 254 GLY A O   1 
ATOM   877  N  N   . GLU A 1 115 ? -12.910 1.327   7.042   1.00 23.46 ? 255 GLU A N   1 
ATOM   878  C  CA  . GLU A 1 115 ? -13.761 1.160   5.872   1.00 23.34 ? 255 GLU A CA  1 
ATOM   879  C  C   . GLU A 1 115 ? -13.724 2.463   5.083   1.00 23.27 ? 255 GLU A C   1 
ATOM   880  O  O   . GLU A 1 115 ? -13.743 3.552   5.660   1.00 22.69 ? 255 GLU A O   1 
ATOM   881  C  CB  . GLU A 1 115 ? -15.189 0.846   6.306   1.00 24.67 ? 255 GLU A CB  1 
ATOM   882  C  CG  . GLU A 1 115 ? -15.307 -0.407  7.150   1.00 28.16 ? 255 GLU A CG  1 
ATOM   883  C  CD  . GLU A 1 115 ? -16.679 -0.559  7.778   1.00 29.81 ? 255 GLU A CD  1 
ATOM   884  O  OE1 . GLU A 1 115 ? -17.667 -0.659  7.027   1.00 33.78 ? 255 GLU A OE1 1 
ATOM   885  O  OE2 . GLU A 1 115 ? -16.768 -0.575  9.022   1.00 30.48 ? 255 GLU A OE2 1 
ATOM   886  N  N   . SER A 1 116 ? -13.677 2.352   3.762   1.00 23.63 ? 256 SER A N   1 
ATOM   887  C  CA  . SER A 1 116 ? -13.598 3.527   2.904   1.00 24.09 ? 256 SER A CA  1 
ATOM   888  C  C   . SER A 1 116 ? -14.918 4.270   2.740   1.00 25.38 ? 256 SER A C   1 
ATOM   889  O  O   . SER A 1 116 ? -15.987 3.662   2.683   1.00 23.76 ? 256 SER A O   1 
ATOM   890  C  CB  . SER A 1 116 ? -13.083 3.122   1.530   1.00 25.74 ? 256 SER A CB  1 
ATOM   891  O  OG  . SER A 1 116 ? -13.998 2.237   0.910   1.00 26.61 ? 256 SER A OG  1 
ATOM   892  N  N   . HIS A 1 117 ? -14.823 5.593   2.650   1.00 26.29 ? 257 HIS A N   1 
ATOM   893  C  CA  . HIS A 1 117 ? -15.988 6.450   2.471   1.00 28.72 ? 257 HIS A CA  1 
ATOM   894  C  C   . HIS A 1 117 ? -16.529 6.330   1.044   1.00 27.63 ? 257 HIS A C   1 
ATOM   895  O  O   . HIS A 1 117 ? -17.724 6.518   0.801   1.00 28.42 ? 257 HIS A O   1 
ATOM   896  C  CB  . HIS A 1 117 ? -15.612 7.904   2.763   1.00 32.00 ? 257 HIS A CB  1 
ATOM   897  C  CG  . HIS A 1 117 ? -16.691 8.884   2.430   1.00 36.92 ? 257 HIS A CG  1 
ATOM   898  N  ND1 . HIS A 1 117 ? -17.910 8.899   3.073   1.00 39.00 ? 257 HIS A ND1 1 
ATOM   899  C  CD2 . HIS A 1 117 ? -16.742 9.874   1.505   1.00 38.18 ? 257 HIS A CD2 1 
ATOM   900  C  CE1 . HIS A 1 117 ? -18.666 9.852   2.560   1.00 40.74 ? 257 HIS A CE1 1 
ATOM   901  N  NE2 . HIS A 1 117 ? -17.982 10.458  1.607   1.00 41.17 ? 257 HIS A NE2 1 
ATOM   902  N  N   . ASP A 1 118 ? -15.643 6.015   0.107   1.00 25.00 ? 258 ASP A N   1 
ATOM   903  C  CA  . ASP A 1 118 ? -16.012 5.863   -1.301  1.00 24.19 ? 258 ASP A CA  1 
ATOM   904  C  C   . ASP A 1 118 ? -15.963 4.398   -1.712  1.00 23.62 ? 258 ASP A C   1 
ATOM   905  O  O   . ASP A 1 118 ? -15.484 4.060   -2.795  1.00 23.15 ? 258 ASP A O   1 
ATOM   906  C  CB  . ASP A 1 118 ? -15.052 6.661   -2.186  1.00 23.46 ? 258 ASP A CB  1 
ATOM   907  C  CG  . ASP A 1 118 ? -13.601 6.257   -1.978  1.00 24.45 ? 258 ASP A CG  1 
ATOM   908  O  OD1 . ASP A 1 118 ? -12.719 6.818   -2.658  1.00 24.76 ? 258 ASP A OD1 1 
ATOM   909  O  OD2 . ASP A 1 118 ? -13.339 5.375   -1.131  1.00 27.18 ? 258 ASP A OD2 1 
ATOM   910  N  N   . ASN A 1 119 ? -16.457 3.529   -0.842  1.00 25.21 ? 259 ASN A N   1 
ATOM   911  C  CA  . ASN A 1 119 ? -16.453 2.100   -1.117  1.00 28.18 ? 259 ASN A CA  1 
ATOM   912  C  C   . ASN A 1 119 ? -17.335 1.752   -2.313  1.00 28.22 ? 259 ASN A C   1 
ATOM   913  O  O   . ASN A 1 119 ? -17.267 0.642   -2.836  1.00 28.70 ? 259 ASN A O   1 
ATOM   914  C  CB  . ASN A 1 119 ? -16.930 1.330   0.111   1.00 30.49 ? 259 ASN A CB  1 
ATOM   915  C  CG  . ASN A 1 119 ? -18.408 1.510   0.363   1.00 34.62 ? 259 ASN A CG  1 
ATOM   916  O  OD1 . ASN A 1 119 ? -18.887 2.627   0.576   1.00 35.44 ? 259 ASN A OD1 1 
ATOM   917  N  ND2 . ASN A 1 119 ? -19.148 0.408   0.332   1.00 37.97 ? 259 ASN A ND2 1 
ATOM   918  N  N   . HIS A 1 120 ? -18.164 2.697   -2.747  1.00 29.19 ? 260 HIS A N   1 
ATOM   919  C  CA  . HIS A 1 120 ? -19.041 2.451   -3.887  1.00 29.30 ? 260 HIS A CA  1 
ATOM   920  C  C   . HIS A 1 120 ? -18.254 2.430   -5.202  1.00 28.67 ? 260 HIS A C   1 
ATOM   921  O  O   . HIS A 1 120 ? -18.754 1.970   -6.228  1.00 29.52 ? 260 HIS A O   1 
ATOM   922  C  CB  . HIS A 1 120 ? -20.155 3.512   -3.949  1.00 28.56 ? 260 HIS A CB  1 
ATOM   923  C  CG  . HIS A 1 120 ? -19.667 4.899   -4.242  1.00 27.78 ? 260 HIS A CG  1 
ATOM   924  N  ND1 . HIS A 1 120 ? -18.789 5.571   -3.419  1.00 28.99 ? 260 HIS A ND1 1 
ATOM   925  C  CD2 . HIS A 1 120 ? -19.943 5.742   -5.264  1.00 26.04 ? 260 HIS A CD2 1 
ATOM   926  C  CE1 . HIS A 1 120 ? -18.544 6.769   -3.923  1.00 25.61 ? 260 HIS A CE1 1 
ATOM   927  N  NE2 . HIS A 1 120 ? -19.233 6.897   -5.041  1.00 26.64 ? 260 HIS A NE2 1 
ATOM   928  N  N   . ARG A 1 121 ? -17.018 2.918   -5.161  1.00 27.70 ? 261 ARG A N   1 
ATOM   929  C  CA  . ARG A 1 121 ? -16.164 2.952   -6.346  1.00 25.56 ? 261 ARG A CA  1 
ATOM   930  C  C   . ARG A 1 121 ? -15.198 1.772   -6.403  1.00 24.74 ? 261 ARG A C   1 
ATOM   931  O  O   . ARG A 1 121 ? -14.641 1.467   -7.462  1.00 24.31 ? 261 ARG A O   1 
ATOM   932  C  CB  . ARG A 1 121 ? -15.359 4.254   -6.379  1.00 25.42 ? 261 ARG A CB  1 
ATOM   933  C  CG  . ARG A 1 121 ? -16.204 5.513   -6.437  1.00 27.61 ? 261 ARG A CG  1 
ATOM   934  C  CD  . ARG A 1 121 ? -17.126 5.482   -7.642  1.00 29.33 ? 261 ARG A CD  1 
ATOM   935  N  NE  . ARG A 1 121 ? -16.385 5.356   -8.894  1.00 29.63 ? 261 ARG A NE  1 
ATOM   936  C  CZ  . ARG A 1 121 ? -16.715 4.521   -9.873  1.00 31.34 ? 261 ARG A CZ  1 
ATOM   937  N  NH1 . ARG A 1 121 ? -17.776 3.733   -9.742  1.00 29.35 ? 261 ARG A NH1 1 
ATOM   938  N  NH2 . ARG A 1 121 ? -15.984 4.470   -10.983 1.00 31.23 ? 261 ARG A NH2 1 
ATOM   939  N  N   . LEU A 1 122 ? -15.005 1.106   -5.268  1.00 25.77 ? 262 LEU A N   1 
ATOM   940  C  CA  . LEU A 1 122 ? -14.076 -0.025  -5.197  1.00 25.84 ? 262 LEU A CA  1 
ATOM   941  C  C   . LEU A 1 122 ? -14.245 -1.067  -6.287  1.00 25.56 ? 262 LEU A C   1 
ATOM   942  O  O   . LEU A 1 122 ? -13.257 -1.539  -6.846  1.00 27.24 ? 262 LEU A O   1 
ATOM   943  C  CB  . LEU A 1 122 ? -14.156 -0.709  -3.830  1.00 25.10 ? 262 LEU A CB  1 
ATOM   944  C  CG  . LEU A 1 122 ? -13.372 -0.024  -2.709  1.00 24.13 ? 262 LEU A CG  1 
ATOM   945  C  CD1 . LEU A 1 122 ? -13.410 -0.880  -1.447  1.00 23.27 ? 262 LEU A CD1 1 
ATOM   946  C  CD2 . LEU A 1 122 ? -11.939 0.186   -3.163  1.00 23.01 ? 262 LEU A CD2 1 
ATOM   947  N  N   . LYS A 1 123 ? -15.485 -1.435  -6.588  1.00 25.14 ? 263 LYS A N   1 
ATOM   948  C  CA  . LYS A 1 123 ? -15.738 -2.428  -7.626  1.00 25.48 ? 263 LYS A CA  1 
ATOM   949  C  C   . LYS A 1 123 ? -15.051 -2.017  -8.927  1.00 23.76 ? 263 LYS A C   1 
ATOM   950  O  O   . LYS A 1 123 ? -14.242 -2.765  -9.476  1.00 22.63 ? 263 LYS A O   1 
ATOM   951  C  CB  . LYS A 1 123 ? -17.245 -2.574  -7.860  1.00 28.18 ? 263 LYS A CB  1 
ATOM   952  C  CG  . LYS A 1 123 ? -17.626 -3.591  -8.931  1.00 29.90 ? 263 LYS A CG  1 
ATOM   953  C  CD  . LYS A 1 123 ? -17.118 -4.979  -8.583  1.00 33.86 ? 263 LYS A CD  1 
ATOM   954  C  CE  . LYS A 1 123 ? -17.597 -6.020  -9.586  1.00 37.28 ? 263 LYS A CE  1 
ATOM   955  N  NZ  . LYS A 1 123 ? -19.086 -6.163  -9.584  1.00 38.87 ? 263 LYS A NZ  1 
ATOM   956  N  N   . LYS A 1 124 ? -15.370 -0.820  -9.408  1.00 22.11 ? 264 LYS A N   1 
ATOM   957  C  CA  . LYS A 1 124 ? -14.790 -0.311  -10.640 1.00 20.93 ? 264 LYS A CA  1 
ATOM   958  C  C   . LYS A 1 124 ? -13.273 -0.126  -10.551 1.00 20.56 ? 264 LYS A C   1 
ATOM   959  O  O   . LYS A 1 124 ? -12.533 -0.592  -11.426 1.00 15.85 ? 264 LYS A O   1 
ATOM   960  C  CB  . LYS A 1 124 ? -15.454 1.019   -11.016 1.00 22.57 ? 264 LYS A CB  1 
ATOM   961  C  CG  . LYS A 1 124 ? -14.804 1.747   -12.191 1.00 23.58 ? 264 LYS A CG  1 
ATOM   962  C  CD  . LYS A 1 124 ? -14.805 0.897   -13.451 1.00 26.40 ? 264 LYS A CD  1 
ATOM   963  C  CE  . LYS A 1 124 ? -14.325 1.695   -14.653 1.00 29.69 ? 264 LYS A CE  1 
ATOM   964  N  NZ  . LYS A 1 124 ? -14.357 0.893   -15.909 1.00 32.55 ? 264 LYS A NZ  1 
ATOM   965  N  N   . VAL A 1 125 ? -12.813 0.552   -9.499  1.00 19.32 ? 265 VAL A N   1 
ATOM   966  C  CA  . VAL A 1 125 ? -11.380 0.797   -9.324  1.00 19.16 ? 265 VAL A CA  1 
ATOM   967  C  C   . VAL A 1 125 ? -10.559 -0.489  -9.360  1.00 18.29 ? 265 VAL A C   1 
ATOM   968  O  O   . VAL A 1 125 ? -9.511  -0.553  -10.001 1.00 19.13 ? 265 VAL A O   1 
ATOM   969  C  CB  . VAL A 1 125 ? -11.079 1.513   -7.992  1.00 17.63 ? 265 VAL A CB  1 
ATOM   970  C  CG1 . VAL A 1 125 ? -9.574  1.558   -7.764  1.00 15.60 ? 265 VAL A CG1 1 
ATOM   971  C  CG2 . VAL A 1 125 ? -11.657 2.918   -8.011  1.00 16.25 ? 265 VAL A CG2 1 
ATOM   972  N  N   . ILE A 1 126 ? -11.036 -1.504  -8.659  1.00 18.32 ? 266 ILE A N   1 
ATOM   973  C  CA  . ILE A 1 126 ? -10.340 -2.780  -8.610  1.00 19.10 ? 266 ILE A CA  1 
ATOM   974  C  C   . ILE A 1 126 ? -10.327 -3.424  -9.988  1.00 20.35 ? 266 ILE A C   1 
ATOM   975  O  O   . ILE A 1 126 ? -9.267  -3.800  -10.490 1.00 21.06 ? 266 ILE A O   1 
ATOM   976  C  CB  . ILE A 1 126 ? -11.016 -3.728  -7.597  1.00 18.93 ? 266 ILE A CB  1 
ATOM   977  C  CG1 . ILE A 1 126 ? -10.787 -3.206  -6.176  1.00 19.78 ? 266 ILE A CG1 1 
ATOM   978  C  CG2 . ILE A 1 126 ? -10.492 -5.143  -7.764  1.00 17.57 ? 266 ILE A CG2 1 
ATOM   979  C  CD1 . ILE A 1 126 ? -11.579 -3.957  -5.108  1.00 20.39 ? 266 ILE A CD1 1 
ATOM   980  N  N   . GLN A 1 127 ? -11.503 -3.537  -10.605 1.00 20.03 ? 267 GLN A N   1 
ATOM   981  C  CA  . GLN A 1 127 ? -11.600 -4.143  -11.927 1.00 20.54 ? 267 GLN A CA  1 
ATOM   982  C  C   . GLN A 1 127 ? -10.623 -3.489  -12.896 1.00 20.40 ? 267 GLN A C   1 
ATOM   983  O  O   . GLN A 1 127 ? -9.981  -4.180  -13.683 1.00 19.34 ? 267 GLN A O   1 
ATOM   984  C  CB  . GLN A 1 127 ? -13.025 -4.042  -12.477 1.00 21.87 ? 267 GLN A CB  1 
ATOM   985  C  CG  . GLN A 1 127 ? -13.224 -4.834  -13.762 1.00 25.90 ? 267 GLN A CG  1 
ATOM   986  C  CD  . GLN A 1 127 ? -12.666 -6.251  -13.664 1.00 30.60 ? 267 GLN A CD  1 
ATOM   987  O  OE1 . GLN A 1 127 ? -12.987 -6.999  -12.734 1.00 32.68 ? 267 GLN A OE1 1 
ATOM   988  N  NE2 . GLN A 1 127 ? -11.824 -6.623  -14.625 1.00 31.41 ? 267 GLN A NE2 1 
ATOM   989  N  N   . ASP A 1 128 ? -10.508 -2.162  -12.840 1.00 20.88 ? 268 ASP A N   1 
ATOM   990  C  CA  . ASP A 1 128 ? -9.575  -1.449  -13.714 1.00 22.07 ? 268 ASP A CA  1 
ATOM   991  C  C   . ASP A 1 128 ? -8.135  -1.846  -13.378 1.00 22.13 ? 268 ASP A C   1 
ATOM   992  O  O   . ASP A 1 128 ? -7.274  -1.900  -14.262 1.00 20.97 ? 268 ASP A O   1 
ATOM   993  C  CB  . ASP A 1 128 ? -9.737  0.067   -13.570 1.00 23.49 ? 268 ASP A CB  1 
ATOM   994  C  CG  . ASP A 1 128 ? -11.003 0.584   -14.232 1.00 25.56 ? 268 ASP A CG  1 
ATOM   995  O  OD1 . ASP A 1 128 ? -11.650 -0.185  -14.979 1.00 25.04 ? 268 ASP A OD1 1 
ATOM   996  O  OD2 . ASP A 1 128 ? -11.347 1.762   -14.010 1.00 23.81 ? 268 ASP A OD2 1 
ATOM   997  N  N   . CYS A 1 129 ? -7.874  -2.124  -12.104 1.00 20.19 ? 269 CYS A N   1 
ATOM   998  C  CA  . CYS A 1 129 ? -6.537  -2.539  -11.691 1.00 20.87 ? 269 CYS A CA  1 
ATOM   999  C  C   . CYS A 1 129 ? -6.245  -3.933  -12.227 1.00 20.65 ? 269 CYS A C   1 
ATOM   1000 O  O   . CYS A 1 129 ? -5.104  -4.255  -12.561 1.00 20.98 ? 269 CYS A O   1 
ATOM   1001 C  CB  . CYS A 1 129 ? -6.411  -2.558  -10.163 1.00 19.29 ? 269 CYS A CB  1 
ATOM   1002 S  SG  . CYS A 1 129 ? -6.263  -0.937  -9.400  1.00 20.00 ? 269 CYS A SG  1 
ATOM   1003 N  N   . GLU A 1 130 ? -7.287  -4.753  -12.302 1.00 21.83 ? 270 GLU A N   1 
ATOM   1004 C  CA  . GLU A 1 130 ? -7.163  -6.120  -12.789 1.00 23.95 ? 270 GLU A CA  1 
ATOM   1005 C  C   . GLU A 1 130 ? -6.927  -6.121  -14.295 1.00 25.28 ? 270 GLU A C   1 
ATOM   1006 O  O   . GLU A 1 130 ? -6.087  -6.861  -14.800 1.00 26.50 ? 270 GLU A O   1 
ATOM   1007 C  CB  . GLU A 1 130 ? -8.435  -6.909  -12.468 1.00 26.43 ? 270 GLU A CB  1 
ATOM   1008 C  CG  . GLU A 1 130 ? -8.327  -8.412  -12.689 1.00 27.39 ? 270 GLU A CG  1 
ATOM   1009 C  CD  . GLU A 1 130 ? -7.240  -9.044  -11.841 1.00 29.29 ? 270 GLU A CD  1 
ATOM   1010 O  OE1 . GLU A 1 130 ? -7.068  -8.618  -10.680 1.00 27.42 ? 270 GLU A OE1 1 
ATOM   1011 O  OE2 . GLU A 1 130 ? -6.561  -9.972  -12.330 1.00 31.91 ? 270 GLU A OE2 1 
ATOM   1012 N  N   . ASP A 1 131 ? -7.668  -5.286  -15.012 1.00 25.29 ? 271 ASP A N   1 
ATOM   1013 C  CA  . ASP A 1 131 ? -7.511  -5.222  -16.453 1.00 27.24 ? 271 ASP A CA  1 
ATOM   1014 C  C   . ASP A 1 131 ? -6.102  -4.763  -16.802 1.00 28.12 ? 271 ASP A C   1 
ATOM   1015 O  O   . ASP A 1 131 ? -5.563  -5.128  -17.847 1.00 27.68 ? 271 ASP A O   1 
ATOM   1016 C  CB  . ASP A 1 131 ? -8.543  -4.270  -17.069 1.00 27.09 ? 271 ASP A CB  1 
ATOM   1017 C  CG  . ASP A 1 131 ? -9.971  -4.708  -16.800 1.00 27.32 ? 271 ASP A CG  1 
ATOM   1018 O  OD1 . ASP A 1 131 ? -10.184 -5.907  -16.520 1.00 26.26 ? 271 ASP A OD1 1 
ATOM   1019 O  OD2 . ASP A 1 131 ? -10.884 -3.855  -16.877 1.00 29.02 ? 271 ASP A OD2 1 
ATOM   1020 N  N   . GLU A 1 132 ? -5.499  -3.970  -15.922 1.00 27.91 ? 272 GLU A N   1 
ATOM   1021 C  CA  . GLU A 1 132 ? -4.153  -3.478  -16.174 1.00 28.57 ? 272 GLU A CA  1 
ATOM   1022 C  C   . GLU A 1 132 ? -3.099  -4.379  -15.563 1.00 28.16 ? 272 GLU A C   1 
ATOM   1023 O  O   . GLU A 1 132 ? -1.938  -3.995  -15.426 1.00 29.99 ? 272 GLU A O   1 
ATOM   1024 C  CB  . GLU A 1 132 ? -4.004  -2.042  -15.671 1.00 29.27 ? 272 GLU A CB  1 
ATOM   1025 C  CG  . GLU A 1 132 ? -4.705  -1.040  -16.573 1.00 30.49 ? 272 GLU A CG  1 
ATOM   1026 C  CD  . GLU A 1 132 ? -4.776  0.340   -15.970 1.00 31.38 ? 272 GLU A CD  1 
ATOM   1027 O  OE1 . GLU A 1 132 ? -3.710  0.927   -15.685 1.00 34.46 ? 272 GLU A OE1 1 
ATOM   1028 O  OE2 . GLU A 1 132 ? -5.901  0.838   -15.781 1.00 30.82 ? 272 GLU A OE2 1 
ATOM   1029 N  N   . ASN A 1 133 ? -3.523  -5.581  -15.190 1.00 27.12 ? 273 ASN A N   1 
ATOM   1030 C  CA  . ASN A 1 133 ? -2.627  -6.586  -14.641 1.00 25.73 ? 273 ASN A CA  1 
ATOM   1031 C  C   . ASN A 1 133 ? -1.782  -6.128  -13.457 1.00 23.98 ? 273 ASN A C   1 
ATOM   1032 O  O   . ASN A 1 133 ? -0.597  -6.447  -13.365 1.00 23.42 ? 273 ASN A O   1 
ATOM   1033 C  CB  . ASN A 1 133 ? -1.717  -7.105  -15.761 1.00 28.49 ? 273 ASN A CB  1 
ATOM   1034 C  CG  . ASN A 1 133 ? -2.502  -7.564  -16.988 1.00 31.95 ? 273 ASN A CG  1 
ATOM   1035 O  OD1 . ASN A 1 133 ? -3.286  -8.513  -16.923 1.00 34.85 ? 273 ASN A OD1 1 
ATOM   1036 N  ND2 . ASN A 1 133 ? -2.295  -6.885  -18.113 1.00 33.89 ? 273 ASN A ND2 1 
ATOM   1037 N  N   . ILE A 1 134 ? -2.400  -5.386  -12.545 1.00 21.77 ? 274 ILE A N   1 
ATOM   1038 C  CA  . ILE A 1 134 ? -1.708  -4.904  -11.357 1.00 19.21 ? 274 ILE A CA  1 
ATOM   1039 C  C   . ILE A 1 134 ? -2.026  -5.855  -10.208 1.00 19.88 ? 274 ILE A C   1 
ATOM   1040 O  O   . ILE A 1 134 ? -3.187  -6.042  -9.850  1.00 20.47 ? 274 ILE A O   1 
ATOM   1041 C  CB  . ILE A 1 134 ? -2.162  -3.465  -10.991 1.00 16.80 ? 274 ILE A CB  1 
ATOM   1042 C  CG1 . ILE A 1 134 ? -1.756  -2.492  -12.100 1.00 16.06 ? 274 ILE A CG1 1 
ATOM   1043 C  CG2 . ILE A 1 134 ? -1.546  -3.030  -9.682  1.00 12.22 ? 274 ILE A CG2 1 
ATOM   1044 C  CD1 . ILE A 1 134 ? -2.098  -1.036  -11.799 1.00 16.28 ? 274 ILE A CD1 1 
ATOM   1045 N  N   . GLN A 1 135 ? -0.992  -6.477  -9.653  1.00 21.47 ? 275 GLN A N   1 
ATOM   1046 C  CA  . GLN A 1 135 ? -1.158  -7.417  -8.548  1.00 21.31 ? 275 GLN A CA  1 
ATOM   1047 C  C   . GLN A 1 135 ? -1.327  -6.617  -7.257  1.00 21.20 ? 275 GLN A C   1 
ATOM   1048 O  O   . GLN A 1 135 ? -0.512  -5.745  -6.953  1.00 23.26 ? 275 GLN A O   1 
ATOM   1049 C  CB  . GLN A 1 135 ? 0.068   -8.323  -8.469  1.00 22.63 ? 275 GLN A CB  1 
ATOM   1050 C  CG  . GLN A 1 135 ? 0.010   -9.377  -7.390  1.00 26.80 ? 275 GLN A CG  1 
ATOM   1051 C  CD  . GLN A 1 135 ? 1.208   -10.300 -7.444  1.00 30.30 ? 275 GLN A CD  1 
ATOM   1052 O  OE1 . GLN A 1 135 ? 2.317   -9.874  -7.784  1.00 33.12 ? 275 GLN A OE1 1 
ATOM   1053 N  NE2 . GLN A 1 135 ? 1.001   -11.569 -7.096  1.00 31.60 ? 275 GLN A NE2 1 
ATOM   1054 N  N   . ARG A 1 136 ? -2.375  -6.922  -6.496  1.00 18.68 ? 276 ARG A N   1 
ATOM   1055 C  CA  . ARG A 1 136 ? -2.665  -6.183  -5.274  1.00 19.11 ? 276 ARG A CA  1 
ATOM   1056 C  C   . ARG A 1 136 ? -2.600  -6.918  -3.943  1.00 19.33 ? 276 ARG A C   1 
ATOM   1057 O  O   . ARG A 1 136 ? -3.267  -7.931  -3.742  1.00 19.82 ? 276 ARG A O   1 
ATOM   1058 C  CB  . ARG A 1 136 ? -4.053  -5.562  -5.385  1.00 20.55 ? 276 ARG A CB  1 
ATOM   1059 C  CG  . ARG A 1 136 ? -4.216  -4.578  -6.514  1.00 23.62 ? 276 ARG A CG  1 
ATOM   1060 C  CD  . ARG A 1 136 ? -5.656  -4.556  -6.934  1.00 24.76 ? 276 ARG A CD  1 
ATOM   1061 N  NE  . ARG A 1 136 ? -5.990  -5.794  -7.628  1.00 30.43 ? 276 ARG A NE  1 
ATOM   1062 C  CZ  . ARG A 1 136 ? -7.174  -6.389  -7.566  1.00 31.18 ? 276 ARG A CZ  1 
ATOM   1063 N  NH1 . ARG A 1 136 ? -8.131  -5.855  -6.830  1.00 32.36 ? 276 ARG A NH1 1 
ATOM   1064 N  NH2 . ARG A 1 136 ? -7.401  -7.503  -8.247  1.00 30.50 ? 276 ARG A NH2 1 
ATOM   1065 N  N   . PHE A 1 137 ? -1.803  -6.382  -3.026  1.00 19.09 ? 277 PHE A N   1 
ATOM   1066 C  CA  . PHE A 1 137 ? -1.697  -6.933  -1.683  1.00 19.06 ? 277 PHE A CA  1 
ATOM   1067 C  C   . PHE A 1 137 ? -2.353  -5.905  -0.766  1.00 18.72 ? 277 PHE A C   1 
ATOM   1068 O  O   . PHE A 1 137 ? -1.884  -4.766  -0.668  1.00 19.54 ? 277 PHE A O   1 
ATOM   1069 C  CB  . PHE A 1 137 ? -0.239  -7.114  -1.259  1.00 19.46 ? 277 PHE A CB  1 
ATOM   1070 C  CG  . PHE A 1 137 ? 0.473   -8.231  -1.966  1.00 18.81 ? 277 PHE A CG  1 
ATOM   1071 C  CD1 . PHE A 1 137 ? 1.172   -7.996  -3.142  1.00 18.00 ? 277 PHE A CD1 1 
ATOM   1072 C  CD2 . PHE A 1 137 ? 0.464   -9.517  -1.438  1.00 18.01 ? 277 PHE A CD2 1 
ATOM   1073 C  CE1 . PHE A 1 137 ? 1.857   -9.030  -3.783  1.00 20.96 ? 277 PHE A CE1 1 
ATOM   1074 C  CE2 . PHE A 1 137 ? 1.144   -10.556 -2.068  1.00 19.03 ? 277 PHE A CE2 1 
ATOM   1075 C  CZ  . PHE A 1 137 ? 1.842   -10.315 -3.242  1.00 19.03 ? 277 PHE A CZ  1 
ATOM   1076 N  N   . SER A 1 138 ? -3.443  -6.293  -0.115  1.00 17.02 ? 278 SER A N   1 
ATOM   1077 C  CA  . SER A 1 138 ? -4.144  -5.393  0.786   1.00 14.55 ? 278 SER A CA  1 
ATOM   1078 C  C   . SER A 1 138 ? -3.897  -5.820  2.227   1.00 15.82 ? 278 SER A C   1 
ATOM   1079 O  O   . SER A 1 138 ? -3.864  -7.011  2.540   1.00 14.22 ? 278 SER A O   1 
ATOM   1080 C  CB  . SER A 1 138 ? -5.649  -5.387  0.486   1.00 15.17 ? 278 SER A CB  1 
ATOM   1081 O  OG  . SER A 1 138 ? -6.219  -6.678  0.638   1.00 15.62 ? 278 SER A OG  1 
ATOM   1082 N  N   . ILE A 1 139 ? -3.719  -4.835  3.096   1.00 14.85 ? 279 ILE A N   1 
ATOM   1083 C  CA  . ILE A 1 139 ? -3.455  -5.083  4.502   1.00 15.27 ? 279 ILE A CA  1 
ATOM   1084 C  C   . ILE A 1 139 ? -4.447  -4.290  5.328   1.00 16.59 ? 279 ILE A C   1 
ATOM   1085 O  O   . ILE A 1 139 ? -4.561  -3.076  5.174   1.00 16.76 ? 279 ILE A O   1 
ATOM   1086 C  CB  . ILE A 1 139 ? -2.032  -4.629  4.878   1.00 15.10 ? 279 ILE A CB  1 
ATOM   1087 C  CG1 . ILE A 1 139 ? -1.010  -5.357  4.005   1.00 12.48 ? 279 ILE A CG1 1 
ATOM   1088 C  CG2 . ILE A 1 139 ? -1.775  -4.879  6.360   1.00 12.22 ? 279 ILE A CG2 1 
ATOM   1089 C  CD1 . ILE A 1 139 ? 0.356   -4.727  4.043   1.00 11.48 ? 279 ILE A CD1 1 
ATOM   1090 N  N   . ALA A 1 140 ? -5.171  -4.984  6.197   1.00 17.03 ? 280 ALA A N   1 
ATOM   1091 C  CA  . ALA A 1 140 ? -6.149  -4.336  7.052   1.00 17.44 ? 280 ALA A CA  1 
ATOM   1092 C  C   . ALA A 1 140 ? -5.666  -4.370  8.493   1.00 17.27 ? 280 ALA A C   1 
ATOM   1093 O  O   . ALA A 1 140 ? -5.398  -5.435  9.046   1.00 17.62 ? 280 ALA A O   1 
ATOM   1094 C  CB  . ALA A 1 140 ? -7.489  -5.034  6.943   1.00 16.08 ? 280 ALA A CB  1 
ATOM   1095 N  N   . ILE A 1 141 ? -5.546  -3.189  9.084   1.00 15.56 ? 281 ILE A N   1 
ATOM   1096 C  CA  . ILE A 1 141 ? -5.120  -3.047  10.461  1.00 13.97 ? 281 ILE A CA  1 
ATOM   1097 C  C   . ILE A 1 141 ? -6.389  -2.888  11.299  1.00 15.57 ? 281 ILE A C   1 
ATOM   1098 O  O   . ILE A 1 141 ? -7.115  -1.900  11.160  1.00 15.11 ? 281 ILE A O   1 
ATOM   1099 C  CB  . ILE A 1 141 ? -4.206  -1.814  10.609  1.00 12.87 ? 281 ILE A CB  1 
ATOM   1100 C  CG1 . ILE A 1 141 ? -2.941  -2.022  9.758   1.00 11.67 ? 281 ILE A CG1 1 
ATOM   1101 C  CG2 . ILE A 1 141 ? -3.869  -1.581  12.083  1.00 12.82 ? 281 ILE A CG2 1 
ATOM   1102 C  CD1 . ILE A 1 141 ? -1.967  -0.848  9.753   1.00 9.77  ? 281 ILE A CD1 1 
ATOM   1103 N  N   . LEU A 1 142 ? -6.667  -3.873  12.149  1.00 15.44 ? 282 LEU A N   1 
ATOM   1104 C  CA  . LEU A 1 142 ? -7.866  -3.841  12.977  1.00 17.59 ? 282 LEU A CA  1 
ATOM   1105 C  C   . LEU A 1 142 ? -7.656  -3.135  14.314  1.00 17.27 ? 282 LEU A C   1 
ATOM   1106 O  O   . LEU A 1 142 ? -8.508  -3.208  15.201  1.00 15.36 ? 282 LEU A O   1 
ATOM   1107 C  CB  . LEU A 1 142 ? -8.374  -5.268  13.214  1.00 18.32 ? 282 LEU A CB  1 
ATOM   1108 C  CG  . LEU A 1 142 ? -9.139  -5.952  12.068  1.00 20.52 ? 282 LEU A CG  1 
ATOM   1109 C  CD1 . LEU A 1 142 ? -8.292  -5.985  10.804  1.00 18.36 ? 282 LEU A CD1 1 
ATOM   1110 C  CD2 . LEU A 1 142 ? -9.537  -7.373  12.498  1.00 19.01 ? 282 LEU A CD2 1 
ATOM   1111 N  N   . GLY A 1 143 ? -6.536  -2.422  14.427  1.00 17.31 ? 283 GLY A N   1 
ATOM   1112 C  CA  . GLY A 1 143 ? -6.191  -1.713  15.651  1.00 18.62 ? 283 GLY A CA  1 
ATOM   1113 C  C   . GLY A 1 143 ? -7.154  -0.679  16.224  1.00 18.39 ? 283 GLY A C   1 
ATOM   1114 O  O   . GLY A 1 143 ? -7.592  -0.808  17.370  1.00 17.73 ? 283 GLY A O   1 
ATOM   1115 N  N   . SER A 1 144 ? -7.476  0.354   15.451  1.00 17.37 ? 284 SER A N   1 
ATOM   1116 C  CA  . SER A 1 144 ? -8.378  1.395   15.935  1.00 16.98 ? 284 SER A CA  1 
ATOM   1117 C  C   . SER A 1 144 ? -9.809  0.894   16.097  1.00 17.08 ? 284 SER A C   1 
ATOM   1118 O  O   . SER A 1 144 ? -10.539 1.365   16.969  1.00 17.13 ? 284 SER A O   1 
ATOM   1119 C  CB  . SER A 1 144 ? -8.358  2.604   15.000  1.00 15.84 ? 284 SER A CB  1 
ATOM   1120 O  OG  . SER A 1 144 ? -8.647  2.225   13.665  1.00 20.03 ? 284 SER A OG  1 
ATOM   1121 N  N   . TYR A 1 145 ? -10.206 -0.057  15.258  1.00 17.02 ? 285 TYR A N   1 
ATOM   1122 C  CA  . TYR A 1 145 ? -11.549 -0.621  15.333  1.00 17.53 ? 285 TYR A CA  1 
ATOM   1123 C  C   . TYR A 1 145 ? -11.724 -1.393  16.645  1.00 18.50 ? 285 TYR A C   1 
ATOM   1124 O  O   . TYR A 1 145 ? -12.644 -1.122  17.418  1.00 18.09 ? 285 TYR A O   1 
ATOM   1125 C  CB  . TYR A 1 145 ? -11.803 -1.542  14.126  1.00 18.28 ? 285 TYR A CB  1 
ATOM   1126 C  CG  . TYR A 1 145 ? -12.480 -0.850  12.956  1.00 18.58 ? 285 TYR A CG  1 
ATOM   1127 C  CD1 . TYR A 1 145 ? -12.037 0.393   12.493  1.00 18.84 ? 285 TYR A CD1 1 
ATOM   1128 C  CD2 . TYR A 1 145 ? -13.573 -1.436  12.318  1.00 18.03 ? 285 TYR A CD2 1 
ATOM   1129 C  CE1 . TYR A 1 145 ? -12.668 1.034   11.420  1.00 19.28 ? 285 TYR A CE1 1 
ATOM   1130 C  CE2 . TYR A 1 145 ? -14.209 -0.811  11.250  1.00 20.88 ? 285 TYR A CE2 1 
ATOM   1131 C  CZ  . TYR A 1 145 ? -13.755 0.424   10.805  1.00 21.54 ? 285 TYR A CZ  1 
ATOM   1132 O  OH  . TYR A 1 145 ? -14.393 1.036   9.749   1.00 21.86 ? 285 TYR A OH  1 
ATOM   1133 N  N   . ASN A 1 146 ? -10.835 -2.345  16.898  1.00 18.57 ? 286 ASN A N   1 
ATOM   1134 C  CA  . ASN A 1 146 ? -10.898 -3.131  18.124  1.00 20.00 ? 286 ASN A CA  1 
ATOM   1135 C  C   . ASN A 1 146 ? -10.835 -2.224  19.354  1.00 19.25 ? 286 ASN A C   1 
ATOM   1136 O  O   . ASN A 1 146 ? -11.613 -2.392  20.296  1.00 18.01 ? 286 ASN A O   1 
ATOM   1137 C  CB  . ASN A 1 146 ? -9.755  -4.145  18.161  1.00 16.41 ? 286 ASN A CB  1 
ATOM   1138 C  CG  . ASN A 1 146 ? -9.952  -5.286  17.180  1.00 16.77 ? 286 ASN A CG  1 
ATOM   1139 O  OD1 . ASN A 1 146 ? -9.014  -6.027  16.885  1.00 19.68 ? 286 ASN A OD1 1 
ATOM   1140 N  ND2 . ASN A 1 146 ? -11.176 -5.443  16.681  1.00 12.48 ? 286 ASN A ND2 1 
ATOM   1141 N  N   . ARG A 1 147 ? -9.919  -1.261  19.339  1.00 20.53 ? 287 ARG A N   1 
ATOM   1142 C  CA  . ARG A 1 147 ? -9.778  -0.331  20.461  1.00 22.63 ? 287 ARG A CA  1 
ATOM   1143 C  C   . ARG A 1 147 ? -11.030 0.524   20.642  1.00 24.16 ? 287 ARG A C   1 
ATOM   1144 O  O   . ARG A 1 147 ? -11.275 1.058   21.727  1.00 25.89 ? 287 ARG A O   1 
ATOM   1145 C  CB  . ARG A 1 147 ? -8.563  0.585   20.266  1.00 19.69 ? 287 ARG A CB  1 
ATOM   1146 C  CG  . ARG A 1 147 ? -7.222  -0.130  20.322  1.00 17.10 ? 287 ARG A CG  1 
ATOM   1147 C  CD  . ARG A 1 147 ? -6.100  0.854   20.579  1.00 14.23 ? 287 ARG A CD  1 
ATOM   1148 N  NE  . ARG A 1 147 ? -5.861  1.753   19.454  1.00 13.79 ? 287 ARG A NE  1 
ATOM   1149 C  CZ  . ARG A 1 147 ? -5.156  1.430   18.375  1.00 12.64 ? 287 ARG A CZ  1 
ATOM   1150 N  NH1 . ARG A 1 147 ? -4.622  0.223   18.277  1.00 11.04 ? 287 ARG A NH1 1 
ATOM   1151 N  NH2 . ARG A 1 147 ? -4.970  2.318   17.400  1.00 10.20 ? 287 ARG A NH2 1 
ATOM   1152 N  N   . GLY A 1 148 ? -11.811 0.659   19.574  1.00 24.79 ? 288 GLY A N   1 
ATOM   1153 C  CA  . GLY A 1 148 ? -13.031 1.443   19.644  1.00 25.72 ? 288 GLY A CA  1 
ATOM   1154 C  C   . GLY A 1 148 ? -14.239 0.540   19.812  1.00 28.17 ? 288 GLY A C   1 
ATOM   1155 O  O   . GLY A 1 148 ? -15.377 1.008   19.845  1.00 27.71 ? 288 GLY A O   1 
ATOM   1156 N  N   . ASN A 1 149 ? -13.980 -0.762  19.919  1.00 28.92 ? 289 ASN A N   1 
ATOM   1157 C  CA  . ASN A 1 149 ? -15.023 -1.769  20.080  1.00 30.39 ? 289 ASN A CA  1 
ATOM   1158 C  C   . ASN A 1 149 ? -15.994 -1.779  18.894  1.00 30.80 ? 289 ASN A C   1 
ATOM   1159 O  O   . ASN A 1 149 ? -17.196 -1.994  19.063  1.00 29.66 ? 289 ASN A O   1 
ATOM   1160 C  CB  . ASN A 1 149 ? -15.797 -1.523  21.377  1.00 33.96 ? 289 ASN A CB  1 
ATOM   1161 C  CG  . ASN A 1 149 ? -16.712 -2.682  21.738  1.00 37.65 ? 289 ASN A CG  1 
ATOM   1162 O  OD1 . ASN A 1 149 ? -17.638 -2.530  22.537  1.00 40.00 ? 289 ASN A OD1 1 
ATOM   1163 N  ND2 . ASN A 1 149 ? -16.449 -3.850  21.159  1.00 38.76 ? 289 ASN A ND2 1 
ATOM   1164 N  N   . LEU A 1 150 ? -15.464 -1.552  17.694  1.00 29.84 ? 290 LEU A N   1 
ATOM   1165 C  CA  . LEU A 1 150 ? -16.283 -1.534  16.486  1.00 28.91 ? 290 LEU A CA  1 
ATOM   1166 C  C   . LEU A 1 150 ? -16.205 -2.860  15.740  1.00 28.00 ? 290 LEU A C   1 
ATOM   1167 O  O   . LEU A 1 150 ? -15.161 -3.513  15.718  1.00 27.42 ? 290 LEU A O   1 
ATOM   1168 C  CB  . LEU A 1 150 ? -15.825 -0.420  15.540  1.00 27.71 ? 290 LEU A CB  1 
ATOM   1169 C  CG  . LEU A 1 150 ? -15.727 1.011   16.063  1.00 28.16 ? 290 LEU A CG  1 
ATOM   1170 C  CD1 . LEU A 1 150 ? -15.233 1.910   14.937  1.00 29.00 ? 290 LEU A CD1 1 
ATOM   1171 C  CD2 . LEU A 1 150 ? -17.082 1.485   16.567  1.00 28.08 ? 290 LEU A CD2 1 
ATOM   1172 N  N   . SER A 1 151 ? -17.319 -3.245  15.127  1.00 26.83 ? 291 SER A N   1 
ATOM   1173 C  CA  . SER A 1 151 ? -17.390 -4.472  14.351  1.00 25.92 ? 291 SER A CA  1 
ATOM   1174 C  C   . SER A 1 151 ? -16.445 -4.347  13.157  1.00 25.45 ? 291 SER A C   1 
ATOM   1175 O  O   . SER A 1 151 ? -16.455 -3.336  12.464  1.00 22.93 ? 291 SER A O   1 
ATOM   1176 C  CB  . SER A 1 151 ? -18.823 -4.688  13.857  1.00 26.17 ? 291 SER A CB  1 
ATOM   1177 O  OG  . SER A 1 151 ? -18.905 -5.854  13.063  1.00 29.42 ? 291 SER A OG  1 
ATOM   1178 N  N   . THR A 1 152 ? -15.636 -5.376  12.920  1.00 26.55 ? 292 THR A N   1 
ATOM   1179 C  CA  . THR A 1 152 ? -14.679 -5.363  11.816  1.00 27.88 ? 292 THR A CA  1 
ATOM   1180 C  C   . THR A 1 152 ? -15.051 -6.278  10.651  1.00 29.52 ? 292 THR A C   1 
ATOM   1181 O  O   . THR A 1 152 ? -14.290 -6.398  9.697   1.00 30.68 ? 292 THR A O   1 
ATOM   1182 C  CB  . THR A 1 152 ? -13.283 -5.790  12.292  1.00 27.31 ? 292 THR A CB  1 
ATOM   1183 O  OG1 . THR A 1 152 ? -13.381 -7.043  12.984  1.00 23.87 ? 292 THR A OG1 1 
ATOM   1184 C  CG2 . THR A 1 152 ? -12.680 -4.739  13.201  1.00 25.44 ? 292 THR A CG2 1 
ATOM   1185 N  N   . GLU A 1 153 ? -16.211 -6.921  10.729  1.00 30.95 ? 293 GLU A N   1 
ATOM   1186 C  CA  . GLU A 1 153 ? -16.654 -7.838  9.680   1.00 32.39 ? 293 GLU A CA  1 
ATOM   1187 C  C   . GLU A 1 153 ? -16.676 -7.221  8.281   1.00 30.01 ? 293 GLU A C   1 
ATOM   1188 O  O   . GLU A 1 153 ? -16.013 -7.720  7.368   1.00 29.51 ? 293 GLU A O   1 
ATOM   1189 C  CB  . GLU A 1 153 ? -18.038 -8.390  10.018  1.00 35.48 ? 293 GLU A CB  1 
ATOM   1190 C  CG  . GLU A 1 153 ? -18.133 -8.994  11.407  1.00 41.31 ? 293 GLU A CG  1 
ATOM   1191 C  CD  . GLU A 1 153 ? -17.019 -9.983  11.692  1.00 44.93 ? 293 GLU A CD  1 
ATOM   1192 O  OE1 . GLU A 1 153 ? -16.823 -10.915 10.880  1.00 47.55 ? 293 GLU A OE1 1 
ATOM   1193 O  OE2 . GLU A 1 153 ? -16.340 -9.830  12.731  1.00 47.13 ? 293 GLU A OE2 1 
ATOM   1194 N  N   . LYS A 1 154 ? -17.446 -6.151  8.110   1.00 28.06 ? 294 LYS A N   1 
ATOM   1195 C  CA  . LYS A 1 154 ? -17.537 -5.473  6.816   1.00 27.17 ? 294 LYS A CA  1 
ATOM   1196 C  C   . LYS A 1 154 ? -16.180 -4.933  6.364   1.00 24.65 ? 294 LYS A C   1 
ATOM   1197 O  O   . LYS A 1 154 ? -15.826 -5.019  5.187   1.00 21.91 ? 294 LYS A O   1 
ATOM   1198 C  CB  . LYS A 1 154 ? -18.522 -4.306  6.885   1.00 30.71 ? 294 LYS A CB  1 
ATOM   1199 C  CG  . LYS A 1 154 ? -19.986 -4.692  6.973   1.00 36.46 ? 294 LYS A CG  1 
ATOM   1200 C  CD  . LYS A 1 154 ? -20.856 -3.447  6.857   1.00 39.74 ? 294 LYS A CD  1 
ATOM   1201 C  CE  . LYS A 1 154 ? -22.335 -3.789  6.860   1.00 43.94 ? 294 LYS A CE  1 
ATOM   1202 N  NZ  . LYS A 1 154 ? -23.173 -2.577  6.622   1.00 45.58 ? 294 LYS A NZ  1 
ATOM   1203 N  N   . PHE A 1 155 ? -15.436 -4.362  7.306   1.00 21.32 ? 295 PHE A N   1 
ATOM   1204 C  CA  . PHE A 1 155 ? -14.127 -3.804  7.018   1.00 20.48 ? 295 PHE A CA  1 
ATOM   1205 C  C   . PHE A 1 155 ? -13.212 -4.873  6.416   1.00 20.91 ? 295 PHE A C   1 
ATOM   1206 O  O   . PHE A 1 155 ? -12.654 -4.683  5.332   1.00 17.66 ? 295 PHE A O   1 
ATOM   1207 C  CB  . PHE A 1 155 ? -13.529 -3.214  8.305   1.00 20.79 ? 295 PHE A CB  1 
ATOM   1208 C  CG  . PHE A 1 155 ? -12.094 -2.764  8.171   1.00 23.39 ? 295 PHE A CG  1 
ATOM   1209 C  CD1 . PHE A 1 155 ? -11.670 -2.052  7.053   1.00 22.06 ? 295 PHE A CD1 1 
ATOM   1210 C  CD2 . PHE A 1 155 ? -11.178 -3.022  9.190   1.00 23.44 ? 295 PHE A CD2 1 
ATOM   1211 C  CE1 . PHE A 1 155 ? -10.357 -1.599  6.952   1.00 23.83 ? 295 PHE A CE1 1 
ATOM   1212 C  CE2 . PHE A 1 155 ? -9.862  -2.573  9.100   1.00 25.87 ? 295 PHE A CE2 1 
ATOM   1213 C  CZ  . PHE A 1 155 ? -9.451  -1.859  7.977   1.00 26.45 ? 295 PHE A CZ  1 
ATOM   1214 N  N   . VAL A 1 156 ? -13.077 -6.001  7.107   1.00 19.14 ? 296 VAL A N   1 
ATOM   1215 C  CA  . VAL A 1 156 ? -12.235 -7.090  6.618   1.00 20.09 ? 296 VAL A CA  1 
ATOM   1216 C  C   . VAL A 1 156 ? -12.698 -7.550  5.240   1.00 21.55 ? 296 VAL A C   1 
ATOM   1217 O  O   . VAL A 1 156 ? -11.886 -7.754  4.336   1.00 22.44 ? 296 VAL A O   1 
ATOM   1218 C  CB  . VAL A 1 156 ? -12.258 -8.284  7.592   1.00 20.81 ? 296 VAL A CB  1 
ATOM   1219 C  CG1 . VAL A 1 156 ? -11.680 -9.534  6.923   1.00 18.68 ? 296 VAL A CG1 1 
ATOM   1220 C  CG2 . VAL A 1 156 ? -11.455 -7.934  8.840   1.00 20.62 ? 296 VAL A CG2 1 
ATOM   1221 N  N   . GLU A 1 157 ? -14.005 -7.718  5.085   1.00 22.66 ? 297 GLU A N   1 
ATOM   1222 C  CA  . GLU A 1 157 ? -14.581 -8.146  3.817   1.00 23.59 ? 297 GLU A CA  1 
ATOM   1223 C  C   . GLU A 1 157 ? -14.259 -7.148  2.702   1.00 22.27 ? 297 GLU A C   1 
ATOM   1224 O  O   . GLU A 1 157 ? -13.994 -7.537  1.565   1.00 21.33 ? 297 GLU A O   1 
ATOM   1225 C  CB  . GLU A 1 157 ? -16.099 -8.305  3.977   1.00 27.41 ? 297 GLU A CB  1 
ATOM   1226 C  CG  . GLU A 1 157 ? -16.905 -8.230  2.700   1.00 33.34 ? 297 GLU A CG  1 
ATOM   1227 C  CD  . GLU A 1 157 ? -18.393 -8.462  2.940   1.00 39.45 ? 297 GLU A CD  1 
ATOM   1228 O  OE1 . GLU A 1 157 ? -18.791 -9.627  3.154   1.00 41.45 ? 297 GLU A OE1 1 
ATOM   1229 O  OE2 . GLU A 1 157 ? -19.163 -7.479  2.924   1.00 40.91 ? 297 GLU A OE2 1 
ATOM   1230 N  N   . GLU A 1 158 ? -14.263 -5.865  3.034   1.00 21.50 ? 298 GLU A N   1 
ATOM   1231 C  CA  . GLU A 1 158 ? -13.968 -4.837  2.043   1.00 22.68 ? 298 GLU A CA  1 
ATOM   1232 C  C   . GLU A 1 158 ? -12.505 -4.832  1.585   1.00 22.48 ? 298 GLU A C   1 
ATOM   1233 O  O   . GLU A 1 158 ? -12.228 -4.800  0.390   1.00 21.92 ? 298 GLU A O   1 
ATOM   1234 C  CB  . GLU A 1 158 ? -14.349 -3.460  2.592   1.00 22.22 ? 298 GLU A CB  1 
ATOM   1235 C  CG  . GLU A 1 158 ? -13.969 -2.287  1.691   1.00 24.23 ? 298 GLU A CG  1 
ATOM   1236 C  CD  . GLU A 1 158 ? -14.356 -0.943  2.291   1.00 24.78 ? 298 GLU A CD  1 
ATOM   1237 O  OE1 . GLU A 1 158 ? -13.536 -0.005  2.247   1.00 23.51 ? 298 GLU A OE1 1 
ATOM   1238 O  OE2 . GLU A 1 158 ? -15.486 -0.825  2.806   1.00 27.64 ? 298 GLU A OE2 1 
ATOM   1239 N  N   . ILE A 1 159 ? -11.574 -4.862  2.535   1.00 22.56 ? 299 ILE A N   1 
ATOM   1240 C  CA  . ILE A 1 159 ? -10.150 -4.843  2.205   1.00 23.80 ? 299 ILE A CA  1 
ATOM   1241 C  C   . ILE A 1 159 ? -9.771  -6.125  1.469   1.00 24.09 ? 299 ILE A C   1 
ATOM   1242 O  O   . ILE A 1 159 ? -8.914  -6.127  0.580   1.00 23.87 ? 299 ILE A O   1 
ATOM   1243 C  CB  . ILE A 1 159 ? -9.292  -4.693  3.487   1.00 22.41 ? 299 ILE A CB  1 
ATOM   1244 C  CG1 . ILE A 1 159 ? -9.772  -3.476  4.283   1.00 21.30 ? 299 ILE A CG1 1 
ATOM   1245 C  CG2 . ILE A 1 159 ? -7.824  -4.554  3.133   1.00 20.58 ? 299 ILE A CG2 1 
ATOM   1246 C  CD1 . ILE A 1 159 ? -9.942  -2.203  3.448   1.00 17.25 ? 299 ILE A CD1 1 
ATOM   1247 N  N   . LYS A 1 160 ? -10.434 -7.210  1.850   1.00 24.25 ? 300 LYS A N   1 
ATOM   1248 C  CA  . LYS A 1 160 ? -10.227 -8.521  1.247   1.00 22.48 ? 300 LYS A CA  1 
ATOM   1249 C  C   . LYS A 1 160 ? -10.598 -8.446  -0.233  1.00 19.34 ? 300 LYS A C   1 
ATOM   1250 O  O   . LYS A 1 160 ? -9.914  -9.012  -1.085  1.00 20.45 ? 300 LYS A O   1 
ATOM   1251 C  CB  . LYS A 1 160 ? -11.127 -9.544  1.945   1.00 25.46 ? 300 LYS A CB  1 
ATOM   1252 C  CG  . LYS A 1 160 ? -10.468 -10.860 2.313   1.00 27.96 ? 300 LYS A CG  1 
ATOM   1253 C  CD  . LYS A 1 160 ? -11.369 -11.630 3.273   1.00 30.32 ? 300 LYS A CD  1 
ATOM   1254 C  CE  . LYS A 1 160 ? -10.658 -12.824 3.872   1.00 33.65 ? 300 LYS A CE  1 
ATOM   1255 N  NZ  . LYS A 1 160 ? -11.476 -13.462 4.942   1.00 35.11 ? 300 LYS A NZ  1 
ATOM   1256 N  N   . SER A 1 161 ? -11.688 -7.747  -0.533  1.00 17.44 ? 301 SER A N   1 
ATOM   1257 C  CA  . SER A 1 161 ? -12.142 -7.615  -1.913  1.00 17.85 ? 301 SER A CA  1 
ATOM   1258 C  C   . SER A 1 161 ? -11.113 -6.875  -2.775  1.00 16.46 ? 301 SER A C   1 
ATOM   1259 O  O   . SER A 1 161 ? -11.141 -6.966  -3.997  1.00 16.74 ? 301 SER A O   1 
ATOM   1260 C  CB  . SER A 1 161 ? -13.491 -6.882  -1.972  1.00 17.67 ? 301 SER A CB  1 
ATOM   1261 O  OG  . SER A 1 161 ? -13.348 -5.494  -1.710  1.00 18.95 ? 301 SER A OG  1 
ATOM   1262 N  N   . ILE A 1 162 ? -10.205 -6.151  -2.132  1.00 15.70 ? 302 ILE A N   1 
ATOM   1263 C  CA  . ILE A 1 162 ? -9.184  -5.406  -2.857  1.00 16.89 ? 302 ILE A CA  1 
ATOM   1264 C  C   . ILE A 1 162 ? -8.064  -6.327  -3.320  1.00 16.44 ? 302 ILE A C   1 
ATOM   1265 O  O   . ILE A 1 162 ? -7.504  -6.141  -4.399  1.00 14.25 ? 302 ILE A O   1 
ATOM   1266 C  CB  . ILE A 1 162 ? -8.577  -4.289  -1.971  1.00 19.04 ? 302 ILE A CB  1 
ATOM   1267 C  CG1 . ILE A 1 162 ? -9.623  -3.201  -1.712  1.00 19.79 ? 302 ILE A CG1 1 
ATOM   1268 C  CG2 . ILE A 1 162 ? -7.352  -3.697  -2.632  1.00 19.78 ? 302 ILE A CG2 1 
ATOM   1269 C  CD1 . ILE A 1 162 ? -9.138  -2.097  -0.795  1.00 20.27 ? 302 ILE A CD1 1 
ATOM   1270 N  N   . ALA A 1 163 ? -7.756  -7.329  -2.504  1.00 17.14 ? 303 ALA A N   1 
ATOM   1271 C  CA  . ALA A 1 163 ? -6.682  -8.281  -2.800  1.00 19.44 ? 303 ALA A CA  1 
ATOM   1272 C  C   . ALA A 1 163 ? -6.860  -9.110  -4.072  1.00 20.71 ? 303 ALA A C   1 
ATOM   1273 O  O   . ALA A 1 163 ? -7.977  -9.443  -4.459  1.00 20.15 ? 303 ALA A O   1 
ATOM   1274 C  CB  . ALA A 1 163 ? -6.492  -9.218  -1.605  1.00 18.53 ? 303 ALA A CB  1 
ATOM   1275 N  N   . SER A 1 164 ? -5.738  -9.434  -4.713  1.00 21.67 ? 304 SER A N   1 
ATOM   1276 C  CA  . SER A 1 164 ? -5.732  -10.258 -5.918  1.00 23.05 ? 304 SER A CA  1 
ATOM   1277 C  C   . SER A 1 164 ? -5.945  -11.693 -5.451  1.00 25.76 ? 304 SER A C   1 
ATOM   1278 O  O   . SER A 1 164 ? -5.696  -12.008 -4.290  1.00 24.07 ? 304 SER A O   1 
ATOM   1279 C  CB  . SER A 1 164 ? -4.374  -10.173 -6.620  1.00 24.24 ? 304 SER A CB  1 
ATOM   1280 O  OG  . SER A 1 164 ? -4.144  -8.899  -7.196  1.00 26.56 ? 304 SER A OG  1 
ATOM   1281 N  N   . GLU A 1 165 ? -6.392  -12.564 -6.348  1.00 28.64 ? 305 GLU A N   1 
ATOM   1282 C  CA  . GLU A 1 165 ? -6.600  -13.956 -5.981  1.00 31.62 ? 305 GLU A CA  1 
ATOM   1283 C  C   . GLU A 1 165 ? -5.310  -14.705 -6.232  1.00 31.89 ? 305 GLU A C   1 
ATOM   1284 O  O   . GLU A 1 165 ? -4.533  -14.323 -7.111  1.00 32.05 ? 305 GLU A O   1 
ATOM   1285 C  CB  . GLU A 1 165 ? -7.746  -14.563 -6.790  1.00 36.55 ? 305 GLU A CB  1 
ATOM   1286 C  CG  . GLU A 1 165 ? -8.842  -15.064 -5.877  1.00 43.43 ? 305 GLU A CG  1 
ATOM   1287 C  CD  . GLU A 1 165 ? -10.217 -14.904 -6.459  1.00 47.46 ? 305 GLU A CD  1 
ATOM   1288 O  OE1 . GLU A 1 165 ? -10.467 -13.864 -7.104  1.00 48.84 ? 305 GLU A OE1 1 
ATOM   1289 O  OE2 . GLU A 1 165 ? -11.051 -15.813 -6.253  1.00 50.07 ? 305 GLU A OE2 1 
ATOM   1290 N  N   . PRO A 1 166 ? -5.065  -15.804 -5.493  1.00 31.78 ? 306 PRO A N   1 
ATOM   1291 C  CA  . PRO A 1 166 ? -5.808  -16.506 -4.433  1.00 32.85 ? 306 PRO A CA  1 
ATOM   1292 C  C   . PRO A 1 166 ? -6.649  -15.669 -3.462  1.00 33.58 ? 306 PRO A C   1 
ATOM   1293 O  O   . PRO A 1 166 ? -7.874  -15.834 -3.418  1.00 36.34 ? 306 PRO A O   1 
ATOM   1294 C  CB  . PRO A 1 166 ? -4.719  -17.300 -3.714  1.00 32.97 ? 306 PRO A CB  1 
ATOM   1295 C  CG  . PRO A 1 166 ? -3.738  -17.591 -4.807  1.00 31.48 ? 306 PRO A CG  1 
ATOM   1296 C  CD  . PRO A 1 166 ? -3.669  -16.273 -5.537  1.00 31.41 ? 306 PRO A CD  1 
ATOM   1297 N  N   . THR A 1 167 ? -6.001  -14.788 -2.699  1.00 31.37 ? 307 THR A N   1 
ATOM   1298 C  CA  . THR A 1 167 ? -6.658  -13.915 -1.702  1.00 32.61 ? 307 THR A CA  1 
ATOM   1299 C  C   . THR A 1 167 ? -6.067  -14.183 -0.329  1.00 32.04 ? 307 THR A C   1 
ATOM   1300 O  O   . THR A 1 167 ? -5.543  -13.280 0.311   1.00 30.14 ? 307 THR A O   1 
ATOM   1301 C  CB  . THR A 1 167 ? -8.188  -14.126 -1.597  1.00 32.58 ? 307 THR A CB  1 
ATOM   1302 O  OG1 . THR A 1 167 ? -8.828  -13.607 -2.768  1.00 36.37 ? 307 THR A OG1 1 
ATOM   1303 C  CG2 . THR A 1 167 ? -8.753  -13.403 -0.374  1.00 32.92 ? 307 THR A CG2 1 
ATOM   1304 N  N   . GLU A 1 168 ? -6.146  -15.435 0.107   1.00 33.03 ? 308 GLU A N   1 
ATOM   1305 C  CA  . GLU A 1 168 ? -5.588  -15.834 1.390   1.00 35.44 ? 308 GLU A CA  1 
ATOM   1306 C  C   . GLU A 1 168 ? -4.093  -15.540 1.322   1.00 34.71 ? 308 GLU A C   1 
ATOM   1307 O  O   . GLU A 1 168 ? -3.404  -15.512 2.344   1.00 35.06 ? 308 GLU A O   1 
ATOM   1308 C  CB  . GLU A 1 168 ? -5.796  -17.332 1.620   1.00 38.86 ? 308 GLU A CB  1 
ATOM   1309 C  CG  . GLU A 1 168 ? -7.226  -17.824 1.416   1.00 44.91 ? 308 GLU A CG  1 
ATOM   1310 C  CD  . GLU A 1 168 ? -7.711  -17.664 -0.018  1.00 48.82 ? 308 GLU A CD  1 
ATOM   1311 O  OE1 . GLU A 1 168 ? -6.971  -18.065 -0.943  1.00 48.60 ? 308 GLU A OE1 1 
ATOM   1312 O  OE2 . GLU A 1 168 ? -8.830  -17.141 -0.219  1.00 52.95 ? 308 GLU A OE2 1 
ATOM   1313 N  N   . LYS A 1 169 ? -3.602  -15.324 0.103   1.00 32.92 ? 309 LYS A N   1 
ATOM   1314 C  CA  . LYS A 1 169 ? -2.190  -15.031 -0.116  1.00 32.73 ? 309 LYS A CA  1 
ATOM   1315 C  C   . LYS A 1 169 ? -1.893  -13.546 -0.323  1.00 29.21 ? 309 LYS A C   1 
ATOM   1316 O  O   . LYS A 1 169 ? -0.780  -13.090 -0.045  1.00 28.86 ? 309 LYS A O   1 
ATOM   1317 C  CB  . LYS A 1 169 ? -1.674  -15.830 -1.317  1.00 35.02 ? 309 LYS A CB  1 
ATOM   1318 C  CG  . LYS A 1 169 ? -1.459  -17.310 -1.009  1.00 40.37 ? 309 LYS A CG  1 
ATOM   1319 C  CD  . LYS A 1 169 ? -0.277  -17.509 -0.067  1.00 42.94 ? 309 LYS A CD  1 
ATOM   1320 C  CE  . LYS A 1 169 ? -0.219  -18.927 0.486   1.00 44.70 ? 309 LYS A CE  1 
ATOM   1321 N  NZ  . LYS A 1 169 ? -1.314  -19.179 1.466   1.00 46.81 ? 309 LYS A NZ  1 
ATOM   1322 N  N   . HIS A 1 170 ? -2.878  -12.795 -0.804  1.00 25.59 ? 310 HIS A N   1 
ATOM   1323 C  CA  . HIS A 1 170 ? -2.679  -11.368 -1.050  1.00 24.81 ? 310 HIS A CA  1 
ATOM   1324 C  C   . HIS A 1 170 ? -3.274  -10.455 0.026   1.00 22.18 ? 310 HIS A C   1 
ATOM   1325 O  O   . HIS A 1 170 ? -2.964  -9.267  0.077   1.00 22.32 ? 310 HIS A O   1 
ATOM   1326 C  CB  . HIS A 1 170 ? -3.242  -10.982 -2.422  1.00 22.91 ? 310 HIS A CB  1 
ATOM   1327 C  CG  . HIS A 1 170 ? -2.514  -11.610 -3.570  1.00 24.74 ? 310 HIS A CG  1 
ATOM   1328 N  ND1 . HIS A 1 170 ? -2.801  -12.873 -4.035  1.00 24.62 ? 310 HIS A ND1 1 
ATOM   1329 C  CD2 . HIS A 1 170 ? -1.486  -11.155 -4.330  1.00 25.70 ? 310 HIS A CD2 1 
ATOM   1330 C  CE1 . HIS A 1 170 ? -1.984  -13.173 -5.030  1.00 26.00 ? 310 HIS A CE1 1 
ATOM   1331 N  NE2 . HIS A 1 170 ? -1.176  -12.145 -5.228  1.00 25.02 ? 310 HIS A NE2 1 
ATOM   1332 N  N   . PHE A 1 171 ? -4.122  -11.015 0.881   1.00 20.25 ? 311 PHE A N   1 
ATOM   1333 C  CA  . PHE A 1 171 ? -4.743  -10.255 1.951   1.00 20.15 ? 311 PHE A CA  1 
ATOM   1334 C  C   . PHE A 1 171 ? -4.109  -10.555 3.312   1.00 20.09 ? 311 PHE A C   1 
ATOM   1335 O  O   . PHE A 1 171 ? -3.845  -11.707 3.646   1.00 20.86 ? 311 PHE A O   1 
ATOM   1336 C  CB  . PHE A 1 171 ? -6.235  -10.562 2.019   1.00 18.78 ? 311 PHE A CB  1 
ATOM   1337 C  CG  . PHE A 1 171 ? -6.912  -9.986  3.222   1.00 19.90 ? 311 PHE A CG  1 
ATOM   1338 C  CD1 . PHE A 1 171 ? -7.064  -8.614  3.359   1.00 18.37 ? 311 PHE A CD1 1 
ATOM   1339 C  CD2 . PHE A 1 171 ? -7.390  -10.818 4.232   1.00 20.28 ? 311 PHE A CD2 1 
ATOM   1340 C  CE1 . PHE A 1 171 ? -7.689  -8.077  4.485   1.00 20.04 ? 311 PHE A CE1 1 
ATOM   1341 C  CE2 . PHE A 1 171 ? -8.016  -10.289 5.362   1.00 18.17 ? 311 PHE A CE2 1 
ATOM   1342 C  CZ  . PHE A 1 171 ? -8.166  -8.917  5.488   1.00 17.55 ? 311 PHE A CZ  1 
ATOM   1343 N  N   . PHE A 1 172 ? -3.862  -9.508  4.087   1.00 18.69 ? 312 PHE A N   1 
ATOM   1344 C  CA  . PHE A 1 172 ? -3.273  -9.667  5.410   1.00 19.21 ? 312 PHE A CA  1 
ATOM   1345 C  C   . PHE A 1 172 ? -4.126  -9.000  6.474   1.00 19.21 ? 312 PHE A C   1 
ATOM   1346 O  O   . PHE A 1 172 ? -4.425  -7.810  6.386   1.00 19.19 ? 312 PHE A O   1 
ATOM   1347 C  CB  . PHE A 1 172 ? -1.869  -9.062  5.470   1.00 16.91 ? 312 PHE A CB  1 
ATOM   1348 C  CG  . PHE A 1 172 ? -0.829  -9.873  4.768   1.00 17.17 ? 312 PHE A CG  1 
ATOM   1349 C  CD1 . PHE A 1 172 ? -0.745  -9.874  3.383   1.00 15.90 ? 312 PHE A CD1 1 
ATOM   1350 C  CD2 . PHE A 1 172 ? 0.067   -10.648 5.496   1.00 15.86 ? 312 PHE A CD2 1 
ATOM   1351 C  CE1 . PHE A 1 172 ? 0.219   -10.637 2.727   1.00 17.28 ? 312 PHE A CE1 1 
ATOM   1352 C  CE2 . PHE A 1 172 ? 1.030   -11.411 4.857   1.00 17.09 ? 312 PHE A CE2 1 
ATOM   1353 C  CZ  . PHE A 1 172 ? 1.107   -11.407 3.465   1.00 19.46 ? 312 PHE A CZ  1 
ATOM   1354 N  N   . ASN A 1 173 ? -4.519  -9.782  7.473   1.00 18.76 ? 313 ASN A N   1 
ATOM   1355 C  CA  . ASN A 1 173 ? -5.313  -9.276  8.580   1.00 18.82 ? 313 ASN A CA  1 
ATOM   1356 C  C   . ASN A 1 173 ? -4.321  -9.022  9.723   1.00 17.48 ? 313 ASN A C   1 
ATOM   1357 O  O   . ASN A 1 173 ? -3.803  -9.959  10.324  1.00 16.64 ? 313 ASN A O   1 
ATOM   1358 C  CB  . ASN A 1 173 ? -6.352  -10.314 9.009   1.00 17.00 ? 313 ASN A CB  1 
ATOM   1359 C  CG  . ASN A 1 173 ? -7.221  -9.825  10.153  1.00 20.26 ? 313 ASN A CG  1 
ATOM   1360 O  OD1 . ASN A 1 173 ? -6.753  -9.097  11.032  1.00 21.95 ? 313 ASN A OD1 1 
ATOM   1361 N  ND2 . ASN A 1 173 ? -8.489  -10.233 10.157  1.00 15.16 ? 313 ASN A ND2 1 
ATOM   1362 N  N   . VAL A 1 174 ? -4.050  -7.753  10.001  1.00 18.07 ? 314 VAL A N   1 
ATOM   1363 C  CA  . VAL A 1 174 ? -3.115  -7.366  11.057  1.00 18.88 ? 314 VAL A CA  1 
ATOM   1364 C  C   . VAL A 1 174 ? -3.901  -6.848  12.260  1.00 19.16 ? 314 VAL A C   1 
ATOM   1365 O  O   . VAL A 1 174 ? -4.640  -5.864  12.151  1.00 19.37 ? 314 VAL A O   1 
ATOM   1366 C  CB  . VAL A 1 174 ? -2.159  -6.263  10.542  1.00 20.27 ? 314 VAL A CB  1 
ATOM   1367 C  CG1 . VAL A 1 174 ? -1.158  -5.870  11.625  1.00 20.14 ? 314 VAL A CG1 1 
ATOM   1368 C  CG2 . VAL A 1 174 ? -1.441  -6.758  9.301   1.00 20.53 ? 314 VAL A CG2 1 
ATOM   1369 N  N   . SER A 1 175 ? -3.734  -7.503  13.406  1.00 17.83 ? 315 SER A N   1 
ATOM   1370 C  CA  . SER A 1 175 ? -4.469  -7.121  14.611  1.00 18.67 ? 315 SER A CA  1 
ATOM   1371 C  C   . SER A 1 175 ? -4.285  -5.676  15.087  1.00 17.83 ? 315 SER A C   1 
ATOM   1372 O  O   . SER A 1 175 ? -5.251  -5.040  15.515  1.00 18.80 ? 315 SER A O   1 
ATOM   1373 C  CB  . SER A 1 175 ? -4.142  -8.087  15.760  1.00 18.23 ? 315 SER A CB  1 
ATOM   1374 O  OG  . SER A 1 175 ? -2.767  -8.063  16.077  1.00 16.67 ? 315 SER A OG  1 
ATOM   1375 N  N   . ASP A 1 176 ? -3.062  -5.162  15.020  1.00 16.22 ? 316 ASP A N   1 
ATOM   1376 C  CA  . ASP A 1 176 ? -2.794  -3.793  15.465  1.00 17.49 ? 316 ASP A CA  1 
ATOM   1377 C  C   . ASP A 1 176 ? -1.501  -3.244  14.865  1.00 15.58 ? 316 ASP A C   1 
ATOM   1378 O  O   . ASP A 1 176 ? -0.677  -4.001  14.352  1.00 15.55 ? 316 ASP A O   1 
ATOM   1379 C  CB  . ASP A 1 176 ? -2.731  -3.733  16.999  1.00 17.59 ? 316 ASP A CB  1 
ATOM   1380 C  CG  . ASP A 1 176 ? -1.699  -4.690  17.584  1.00 19.51 ? 316 ASP A CG  1 
ATOM   1381 O  OD1 . ASP A 1 176 ? -1.878  -5.922  17.477  1.00 20.15 ? 316 ASP A OD1 1 
ATOM   1382 O  OD2 . ASP A 1 176 ? -0.704  -4.210  18.152  1.00 21.42 ? 316 ASP A OD2 1 
ATOM   1383 N  N   . GLU A 1 177 ? -1.326  -1.928  14.946  1.00 13.65 ? 317 GLU A N   1 
ATOM   1384 C  CA  . GLU A 1 177 ? -0.157  -1.263  14.377  1.00 13.94 ? 317 GLU A CA  1 
ATOM   1385 C  C   . GLU A 1 177 ? 1.200   -1.886  14.696  1.00 15.57 ? 317 GLU A C   1 
ATOM   1386 O  O   . GLU A 1 177 ? 2.035   -2.044  13.809  1.00 14.59 ? 317 GLU A O   1 
ATOM   1387 C  CB  . GLU A 1 177 ? -0.145  0.216   14.773  1.00 14.41 ? 317 GLU A CB  1 
ATOM   1388 C  CG  . GLU A 1 177 ? -1.274  1.032   14.160  1.00 15.66 ? 317 GLU A CG  1 
ATOM   1389 C  CD  . GLU A 1 177 ? -2.538  1.016   14.990  1.00 16.74 ? 317 GLU A CD  1 
ATOM   1390 O  OE1 . GLU A 1 177 ? -2.875  -0.049  15.550  1.00 15.65 ? 317 GLU A OE1 1 
ATOM   1391 O  OE2 . GLU A 1 177 ? -3.202  2.073   15.078  1.00 17.78 ? 317 GLU A OE2 1 
ATOM   1392 N  N   . LEU A 1 178 ? 1.429   -2.238  15.956  1.00 18.45 ? 318 LEU A N   1 
ATOM   1393 C  CA  . LEU A 1 178 ? 2.702   -2.830  16.336  1.00 21.11 ? 318 LEU A CA  1 
ATOM   1394 C  C   . LEU A 1 178 ? 2.933   -4.206  15.708  1.00 21.52 ? 318 LEU A C   1 
ATOM   1395 O  O   . LEU A 1 178 ? 4.057   -4.700  15.702  1.00 21.33 ? 318 LEU A O   1 
ATOM   1396 C  CB  . LEU A 1 178 ? 2.815   -2.940  17.862  1.00 22.42 ? 318 LEU A CB  1 
ATOM   1397 C  CG  . LEU A 1 178 ? 2.800   -1.652  18.690  1.00 25.49 ? 318 LEU A CG  1 
ATOM   1398 C  CD1 . LEU A 1 178 ? 3.292   -1.965  20.103  1.00 25.75 ? 318 LEU A CD1 1 
ATOM   1399 C  CD2 . LEU A 1 178 ? 3.687   -0.598  18.053  1.00 25.69 ? 318 LEU A CD2 1 
ATOM   1400 N  N   . ALA A 1 179 ? 1.878   -4.820  15.176  1.00 20.86 ? 319 ALA A N   1 
ATOM   1401 C  CA  . ALA A 1 179 ? 2.003   -6.141  14.561  1.00 21.16 ? 319 ALA A CA  1 
ATOM   1402 C  C   . ALA A 1 179 ? 2.308   -6.078  13.064  1.00 21.33 ? 319 ALA A C   1 
ATOM   1403 O  O   . ALA A 1 179 ? 2.603   -7.100  12.439  1.00 21.75 ? 319 ALA A O   1 
ATOM   1404 C  CB  . ALA A 1 179 ? 0.731   -6.952  14.804  1.00 20.05 ? 319 ALA A CB  1 
ATOM   1405 N  N   . LEU A 1 180 ? 2.236   -4.879  12.492  1.00 20.58 ? 320 LEU A N   1 
ATOM   1406 C  CA  . LEU A 1 180 ? 2.515   -4.683  11.074  1.00 20.15 ? 320 LEU A CA  1 
ATOM   1407 C  C   . LEU A 1 180 ? 3.840   -5.297  10.626  1.00 20.83 ? 320 LEU A C   1 
ATOM   1408 O  O   . LEU A 1 180 ? 3.912   -5.968  9.591   1.00 20.28 ? 320 LEU A O   1 
ATOM   1409 C  CB  . LEU A 1 180 ? 2.549   -3.193  10.749  1.00 20.63 ? 320 LEU A CB  1 
ATOM   1410 C  CG  . LEU A 1 180 ? 1.405   -2.589  9.942   1.00 21.27 ? 320 LEU A CG  1 
ATOM   1411 C  CD1 . LEU A 1 180 ? 1.786   -1.151  9.596   1.00 22.47 ? 320 LEU A CD1 1 
ATOM   1412 C  CD2 . LEU A 1 180 ? 1.158   -3.390  8.669   1.00 18.30 ? 320 LEU A CD2 1 
ATOM   1413 N  N   . VAL A 1 181 ? 4.888   -5.053  11.406  1.00 20.20 ? 321 VAL A N   1 
ATOM   1414 C  CA  . VAL A 1 181 ? 6.221   -5.555  11.082  1.00 20.34 ? 321 VAL A CA  1 
ATOM   1415 C  C   . VAL A 1 181 ? 6.369   -7.074  11.038  1.00 20.98 ? 321 VAL A C   1 
ATOM   1416 O  O   . VAL A 1 181 ? 7.330   -7.576  10.465  1.00 22.67 ? 321 VAL A O   1 
ATOM   1417 C  CB  . VAL A 1 181 ? 7.285   -4.984  12.062  1.00 19.90 ? 321 VAL A CB  1 
ATOM   1418 C  CG1 . VAL A 1 181 ? 7.553   -3.522  11.746  1.00 15.22 ? 321 VAL A CG1 1 
ATOM   1419 C  CG2 . VAL A 1 181 ? 6.801   -5.121  13.500  1.00 18.30 ? 321 VAL A CG2 1 
ATOM   1420 N  N   . THR A 1 182 ? 5.427   -7.807  11.620  1.00 22.06 ? 322 THR A N   1 
ATOM   1421 C  CA  . THR A 1 182 ? 5.512   -9.270  11.621  1.00 23.03 ? 322 THR A CA  1 
ATOM   1422 C  C   . THR A 1 182 ? 5.141   -9.949  10.289  1.00 22.90 ? 322 THR A C   1 
ATOM   1423 O  O   . THR A 1 182 ? 5.323   -11.157 10.142  1.00 24.12 ? 322 THR A O   1 
ATOM   1424 C  CB  . THR A 1 182 ? 4.633   -9.889  12.746  1.00 22.96 ? 322 THR A CB  1 
ATOM   1425 O  OG1 . THR A 1 182 ? 3.243   -9.732  12.430  1.00 25.79 ? 322 THR A OG1 1 
ATOM   1426 C  CG2 . THR A 1 182 ? 4.922   -9.212  14.071  1.00 23.12 ? 322 THR A CG2 1 
ATOM   1427 N  N   . ILE A 1 183 ? 4.630   -9.192  9.320   1.00 20.53 ? 323 ILE A N   1 
ATOM   1428 C  CA  . ILE A 1 183 ? 4.265   -9.786  8.033   1.00 18.82 ? 323 ILE A CA  1 
ATOM   1429 C  C   . ILE A 1 183 ? 5.299   -9.511  6.941   1.00 19.00 ? 323 ILE A C   1 
ATOM   1430 O  O   . ILE A 1 183 ? 5.248   -10.105 5.863   1.00 17.39 ? 323 ILE A O   1 
ATOM   1431 C  CB  . ILE A 1 183 ? 2.881   -9.276  7.540   1.00 20.34 ? 323 ILE A CB  1 
ATOM   1432 C  CG1 . ILE A 1 183 ? 2.934   -7.766  7.304   1.00 18.22 ? 323 ILE A CG1 1 
ATOM   1433 C  CG2 . ILE A 1 183 ? 1.792   -9.631  8.558   1.00 15.36 ? 323 ILE A CG2 1 
ATOM   1434 C  CD1 . ILE A 1 183 ? 1.681   -7.192  6.708   1.00 20.18 ? 323 ILE A CD1 1 
ATOM   1435 N  N   . VAL A 1 184 ? 6.243   -8.621  7.237   1.00 20.38 ? 324 VAL A N   1 
ATOM   1436 C  CA  . VAL A 1 184 ? 7.288   -8.229  6.294   1.00 22.00 ? 324 VAL A CA  1 
ATOM   1437 C  C   . VAL A 1 184 ? 7.991   -9.355  5.534   1.00 23.80 ? 324 VAL A C   1 
ATOM   1438 O  O   . VAL A 1 184 ? 8.162   -9.269  4.315   1.00 21.18 ? 324 VAL A O   1 
ATOM   1439 C  CB  . VAL A 1 184 ? 8.348   -7.351  7.001   1.00 23.32 ? 324 VAL A CB  1 
ATOM   1440 C  CG1 . VAL A 1 184 ? 9.663   -7.356  6.225   1.00 19.90 ? 324 VAL A CG1 1 
ATOM   1441 C  CG2 . VAL A 1 184 ? 7.820   -5.924  7.116   1.00 23.36 ? 324 VAL A CG2 1 
ATOM   1442 N  N   . LYS A 1 185 ? 8.403   -10.407 6.234   1.00 26.07 ? 325 LYS A N   1 
ATOM   1443 C  CA  . LYS A 1 185 ? 9.079   -11.500 5.548   1.00 27.37 ? 325 LYS A CA  1 
ATOM   1444 C  C   . LYS A 1 185 ? 8.129   -12.222 4.600   1.00 26.52 ? 325 LYS A C   1 
ATOM   1445 O  O   . LYS A 1 185 ? 8.463   -12.456 3.440   1.00 26.56 ? 325 LYS A O   1 
ATOM   1446 C  CB  . LYS A 1 185 ? 9.676   -12.502 6.543   1.00 30.65 ? 325 LYS A CB  1 
ATOM   1447 C  CG  . LYS A 1 185 ? 10.510  -13.584 5.853   1.00 35.28 ? 325 LYS A CG  1 
ATOM   1448 C  CD  . LYS A 1 185 ? 11.123  -14.573 6.833   1.00 39.84 ? 325 LYS A CD  1 
ATOM   1449 C  CE  . LYS A 1 185 ? 10.065  -15.435 7.502   1.00 42.23 ? 325 LYS A CE  1 
ATOM   1450 N  NZ  . LYS A 1 185 ? 10.691  -16.440 8.407   1.00 45.95 ? 325 LYS A NZ  1 
ATOM   1451 N  N   . THR A 1 186 ? 6.942   -12.569 5.088   1.00 26.35 ? 326 THR A N   1 
ATOM   1452 C  CA  . THR A 1 186 ? 5.968   -13.266 4.254   1.00 24.56 ? 326 THR A CA  1 
ATOM   1453 C  C   . THR A 1 186 ? 5.553   -12.407 3.067   1.00 23.81 ? 326 THR A C   1 
ATOM   1454 O  O   . THR A 1 186 ? 5.588   -12.865 1.926   1.00 24.95 ? 326 THR A O   1 
ATOM   1455 C  CB  . THR A 1 186 ? 4.712   -13.660 5.057   1.00 24.57 ? 326 THR A CB  1 
ATOM   1456 O  OG1 . THR A 1 186 ? 5.093   -14.528 6.130   1.00 27.23 ? 326 THR A OG1 1 
ATOM   1457 C  CG2 . THR A 1 186 ? 3.707   -14.394 4.162   1.00 23.75 ? 326 THR A CG2 1 
ATOM   1458 N  N   . LEU A 1 187 ? 5.160   -11.165 3.330   1.00 21.53 ? 327 LEU A N   1 
ATOM   1459 C  CA  . LEU A 1 187 ? 4.762   -10.271 2.248   1.00 21.38 ? 327 LEU A CA  1 
ATOM   1460 C  C   . LEU A 1 187 ? 5.933   -10.118 1.297   1.00 22.29 ? 327 LEU A C   1 
ATOM   1461 O  O   . LEU A 1 187 ? 5.779   -10.218 0.077   1.00 22.92 ? 327 LEU A O   1 
ATOM   1462 C  CB  . LEU A 1 187 ? 4.373   -8.890  2.783   1.00 17.77 ? 327 LEU A CB  1 
ATOM   1463 C  CG  . LEU A 1 187 ? 4.108   -7.844  1.692   1.00 17.01 ? 327 LEU A CG  1 
ATOM   1464 C  CD1 . LEU A 1 187 ? 2.874   -8.237  0.869   1.00 10.06 ? 327 LEU A CD1 1 
ATOM   1465 C  CD2 . LEU A 1 187 ? 3.910   -6.470  2.334   1.00 15.82 ? 327 LEU A CD2 1 
ATOM   1466 N  N   . GLY A 1 188 ? 7.108   -9.877  1.872   1.00 22.19 ? 328 GLY A N   1 
ATOM   1467 C  CA  . GLY A 1 188 ? 8.306   -9.709  1.077   1.00 23.75 ? 328 GLY A CA  1 
ATOM   1468 C  C   . GLY A 1 188 ? 8.500   -10.833 0.079   1.00 25.98 ? 328 GLY A C   1 
ATOM   1469 O  O   . GLY A 1 188 ? 8.578   -10.596 -1.130  1.00 26.00 ? 328 GLY A O   1 
ATOM   1470 N  N   . GLU A 1 189 ? 8.556   -12.066 0.570   1.00 27.53 ? 329 GLU A N   1 
ATOM   1471 C  CA  . GLU A 1 189 ? 8.761   -13.194 -0.323  1.00 29.54 ? 329 GLU A CA  1 
ATOM   1472 C  C   . GLU A 1 189 ? 7.591   -13.456 -1.259  1.00 29.35 ? 329 GLU A C   1 
ATOM   1473 O  O   . GLU A 1 189 ? 7.767   -14.053 -2.320  1.00 31.02 ? 329 GLU A O   1 
ATOM   1474 C  CB  . GLU A 1 189 ? 9.114   -14.458 0.470   1.00 30.68 ? 329 GLU A CB  1 
ATOM   1475 C  CG  . GLU A 1 189 ? 8.175   -14.811 1.591   1.00 34.75 ? 329 GLU A CG  1 
ATOM   1476 C  CD  . GLU A 1 189 ? 8.762   -15.875 2.500   1.00 36.97 ? 329 GLU A CD  1 
ATOM   1477 O  OE1 . GLU A 1 189 ? 9.901   -15.679 2.983   1.00 36.82 ? 329 GLU A OE1 1 
ATOM   1478 O  OE2 . GLU A 1 189 ? 8.086   -16.902 2.733   1.00 37.55 ? 329 GLU A OE2 1 
ATOM   1479 N  N   . ARG A 1 190 ? 6.399   -13.002 -0.892  1.00 28.31 ? 330 ARG A N   1 
ATOM   1480 C  CA  . ARG A 1 190 ? 5.253   -13.216 -1.767  1.00 28.11 ? 330 ARG A CA  1 
ATOM   1481 C  C   . ARG A 1 190 ? 5.249   -12.217 -2.918  1.00 27.97 ? 330 ARG A C   1 
ATOM   1482 O  O   . ARG A 1 190 ? 4.895   -12.554 -4.050  1.00 27.39 ? 330 ARG A O   1 
ATOM   1483 C  CB  . ARG A 1 190 ? 3.949   -13.110 -0.988  1.00 27.93 ? 330 ARG A CB  1 
ATOM   1484 C  CG  . ARG A 1 190 ? 3.700   -14.290 -0.080  1.00 29.15 ? 330 ARG A CG  1 
ATOM   1485 C  CD  . ARG A 1 190 ? 2.351   -14.179 0.574   1.00 27.21 ? 330 ARG A CD  1 
ATOM   1486 N  NE  . ARG A 1 190 ? 2.086   -15.321 1.436   1.00 28.98 ? 330 ARG A NE  1 
ATOM   1487 C  CZ  . ARG A 1 190 ? 1.044   -15.411 2.251   1.00 27.17 ? 330 ARG A CZ  1 
ATOM   1488 N  NH1 . ARG A 1 190 ? 0.165   -14.421 2.317   1.00 27.73 ? 330 ARG A NH1 1 
ATOM   1489 N  NH2 . ARG A 1 190 ? 0.882   -16.491 2.997   1.00 26.07 ? 330 ARG A NH2 1 
ATOM   1490 N  N   . ILE A 1 191 ? 5.639   -10.983 -2.629  1.00 27.65 ? 331 ILE A N   1 
ATOM   1491 C  CA  . ILE A 1 191 ? 5.683   -9.965  -3.666  1.00 27.66 ? 331 ILE A CA  1 
ATOM   1492 C  C   . ILE A 1 191 ? 6.604   -10.462 -4.777  1.00 29.78 ? 331 ILE A C   1 
ATOM   1493 O  O   . ILE A 1 191 ? 6.332   -10.262 -5.961  1.00 28.42 ? 331 ILE A O   1 
ATOM   1494 C  CB  . ILE A 1 191 ? 6.217   -8.629  -3.109  1.00 24.66 ? 331 ILE A CB  1 
ATOM   1495 C  CG1 . ILE A 1 191 ? 5.214   -8.051  -2.106  1.00 22.49 ? 331 ILE A CG1 1 
ATOM   1496 C  CG2 . ILE A 1 191 ? 6.476   -7.655  -4.245  1.00 23.95 ? 331 ILE A CG2 1 
ATOM   1497 C  CD1 . ILE A 1 191 ? 5.651   -6.744  -1.477  1.00 16.04 ? 331 ILE A CD1 1 
ATOM   1498 N  N   . PHE A 1 192 ? 7.678   -11.142 -4.394  1.00 32.56 ? 332 PHE A N   1 
ATOM   1499 C  CA  . PHE A 1 192 ? 8.624   -11.645 -5.377  1.00 37.52 ? 332 PHE A CA  1 
ATOM   1500 C  C   . PHE A 1 192 ? 8.366   -13.053 -5.894  1.00 39.56 ? 332 PHE A C   1 
ATOM   1501 O  O   . PHE A 1 192 ? 8.412   -13.283 -7.098  1.00 41.31 ? 332 PHE A O   1 
ATOM   1502 C  CB  . PHE A 1 192 ? 10.047  -11.543 -4.833  1.00 37.72 ? 332 PHE A CB  1 
ATOM   1503 C  CG  . PHE A 1 192 ? 10.501  -10.132 -4.627  1.00 39.66 ? 332 PHE A CG  1 
ATOM   1504 C  CD1 . PHE A 1 192 ? 10.094  -9.414  -3.509  1.00 40.33 ? 332 PHE A CD1 1 
ATOM   1505 C  CD2 . PHE A 1 192 ? 11.288  -9.497  -5.582  1.00 40.57 ? 332 PHE A CD2 1 
ATOM   1506 C  CE1 . PHE A 1 192 ? 10.464  -8.081  -3.344  1.00 41.09 ? 332 PHE A CE1 1 
ATOM   1507 C  CE2 . PHE A 1 192 ? 11.662  -8.161  -5.426  1.00 40.87 ? 332 PHE A CE2 1 
ATOM   1508 C  CZ  . PHE A 1 192 ? 11.248  -7.454  -4.306  1.00 40.68 ? 332 PHE A CZ  1 
ATOM   1509 N  N   . ALA A 1 193 ? 8.088   -13.993 -4.998  1.00 42.16 ? 333 ALA A N   1 
ATOM   1510 C  CA  . ALA A 1 193 ? 7.847   -15.370 -5.417  1.00 43.80 ? 333 ALA A CA  1 
ATOM   1511 C  C   . ALA A 1 193 ? 6.366   -15.674 -5.616  1.00 45.81 ? 333 ALA A C   1 
ATOM   1512 O  O   . ALA A 1 193 ? 5.525   -14.938 -5.055  1.00 47.78 ? 333 ALA A O   1 
ATOM   1513 C  CB  . ALA A 1 193 ? 8.444   -16.334 -4.397  1.00 43.83 ? 333 ALA A CB  1 
ATOM   1514 O  OXT . ALA A 1 193 ? 6.063   -16.658 -6.324  1.00 47.75 ? 333 ALA A OXT 1 
HETATM 1515 MG MG  . MG  B 2 .   ? -9.016  5.410   10.029  1.00 39.92 ? 101 MG  A MG  1 
HETATM 1516 O  O   . HOH C 3 .   ? -5.594  1.134   13.683  1.00 17.85 ? 1   HOH A O   1 
HETATM 1517 O  O   . HOH C 3 .   ? 11.814  6.082   -5.973  1.00 18.76 ? 2   HOH A O   1 
HETATM 1518 O  O   . HOH C 3 .   ? -8.832  -0.571  12.359  1.00 16.52 ? 3   HOH A O   1 
HETATM 1519 O  O   . HOH C 3 .   ? -9.536  -8.056  -5.990  1.00 15.20 ? 4   HOH A O   1 
HETATM 1520 O  O   . HOH C 3 .   ? -8.925  4.672   7.695   1.00 16.08 ? 5   HOH A O   1 
HETATM 1521 O  O   . HOH C 3 .   ? -6.090  5.040   17.403  1.00 15.30 ? 6   HOH A O   1 
HETATM 1522 O  O   . HOH C 3 .   ? -8.154  -8.619  15.768  1.00 23.67 ? 7   HOH A O   1 
HETATM 1523 O  O   . HOH C 3 .   ? -10.610 1.338   3.154   1.00 15.69 ? 8   HOH A O   1 
HETATM 1524 O  O   . HOH C 3 .   ? 5.172   6.412   -9.082  1.00 15.29 ? 9   HOH A O   1 
HETATM 1525 O  O   . HOH C 3 .   ? -2.017  -9.995  13.633  1.00 25.66 ? 10  HOH A O   1 
HETATM 1526 O  O   . HOH C 3 .   ? -17.609 0.524   -8.145  1.00 19.91 ? 11  HOH A O   1 
HETATM 1527 O  O   . HOH C 3 .   ? 5.168   -0.635  -14.927 1.00 20.05 ? 12  HOH A O   1 
HETATM 1528 O  O   . HOH C 3 .   ? 15.194  3.928   -10.046 1.00 26.91 ? 13  HOH A O   1 
HETATM 1529 O  O   . HOH C 3 .   ? -16.545 -3.690  9.704   1.00 17.33 ? 14  HOH A O   1 
HETATM 1530 O  O   . HOH C 3 .   ? 12.583  3.221   -7.143  1.00 19.20 ? 15  HOH A O   1 
HETATM 1531 O  O   . HOH C 3 .   ? 3.114   9.242   -18.789 1.00 25.85 ? 16  HOH A O   1 
HETATM 1532 O  O   . HOH C 3 .   ? 9.836   10.887  1.365   1.00 32.82 ? 17  HOH A O   1 
HETATM 1533 O  O   . HOH C 3 .   ? 14.473  -6.595  -5.174  1.00 30.56 ? 18  HOH A O   1 
HETATM 1534 O  O   . HOH C 3 .   ? 8.884   11.895  -6.512  1.00 22.44 ? 19  HOH A O   1 
HETATM 1535 O  O   . HOH C 3 .   ? -2.270  14.228  -7.220  1.00 30.91 ? 20  HOH A O   1 
HETATM 1536 O  O   . HOH C 3 .   ? 4.692   -2.473  13.153  1.00 25.51 ? 21  HOH A O   1 
HETATM 1537 O  O   . HOH C 3 .   ? -13.537 -4.615  17.621  1.00 29.62 ? 22  HOH A O   1 
HETATM 1538 O  O   . HOH C 3 .   ? 10.012  -6.879  10.799  1.00 31.74 ? 23  HOH A O   1 
HETATM 1539 O  O   . HOH C 3 .   ? -17.469 -1.110  -4.698  1.00 28.26 ? 24  HOH A O   1 
HETATM 1540 O  O   . HOH C 3 .   ? -2.925  14.625  -11.831 1.00 19.62 ? 25  HOH A O   1 
HETATM 1541 O  O   . HOH C 3 .   ? -6.210  -11.828 -8.953  1.00 36.15 ? 26  HOH A O   1 
HETATM 1542 O  O   . HOH C 3 .   ? -17.770 -4.986  3.369   1.00 32.98 ? 27  HOH A O   1 
HETATM 1543 O  O   . HOH C 3 .   ? -0.011  12.570  -12.474 1.00 32.62 ? 28  HOH A O   1 
HETATM 1544 O  O   . HOH C 3 .   ? -0.949  16.681  4.074   1.00 30.54 ? 29  HOH A O   1 
HETATM 1545 O  O   . HOH C 3 .   ? -4.311  -12.715 7.202   1.00 21.62 ? 30  HOH A O   1 
HETATM 1546 O  O   . HOH C 3 .   ? 9.623   11.163  -11.886 1.00 32.14 ? 31  HOH A O   1 
HETATM 1547 O  O   . HOH C 3 .   ? 5.064   7.689   15.779  1.00 24.31 ? 32  HOH A O   1 
HETATM 1548 O  O   . HOH C 3 .   ? -14.822 -1.979  -15.242 1.00 41.87 ? 33  HOH A O   1 
HETATM 1549 O  O   . HOH C 3 .   ? 11.092  4.040   7.553   1.00 38.36 ? 34  HOH A O   1 
HETATM 1550 O  O   . HOH C 3 .   ? -1.206  -11.838 -8.412  1.00 35.87 ? 35  HOH A O   1 
HETATM 1551 O  O   . HOH C 3 .   ? 8.670   16.129  9.774   1.00 25.49 ? 36  HOH A O   1 
HETATM 1552 O  O   . HOH C 3 .   ? 10.646  12.042  -1.446  1.00 38.84 ? 37  HOH A O   1 
HETATM 1553 O  O   . HOH C 3 .   ? 3.104   15.421  -7.514  1.00 30.96 ? 38  HOH A O   1 
HETATM 1554 O  O   . HOH C 3 .   ? -4.351  -11.964 -12.736 1.00 32.47 ? 39  HOH A O   1 
HETATM 1555 O  O   . HOH C 3 .   ? 8.547   -12.006 -9.658  1.00 41.06 ? 40  HOH A O   1 
HETATM 1556 O  O   . HOH C 3 .   ? 3.894   1.584   -19.650 1.00 32.59 ? 41  HOH A O   1 
HETATM 1557 O  O   . HOH C 3 .   ? -12.201 -7.896  15.264  1.00 30.51 ? 42  HOH A O   1 
HETATM 1558 O  O   . HOH C 3 .   ? 2.638   8.739   15.784  1.00 29.38 ? 43  HOH A O   1 
HETATM 1559 O  O   . HOH C 3 .   ? -10.406 3.997   18.359  1.00 29.19 ? 44  HOH A O   1 
HETATM 1560 O  O   . HOH C 3 .   ? 12.182  -9.332  -9.106  1.00 32.76 ? 45  HOH A O   1 
HETATM 1561 O  O   . HOH C 3 .   ? -10.600 -10.490 12.582  1.00 20.18 ? 46  HOH A O   1 
HETATM 1562 O  O   . HOH C 3 .   ? -10.841 3.725   10.800  1.00 14.51 ? 47  HOH A O   1 
HETATM 1563 O  O   . HOH C 3 .   ? -10.744 7.218   10.487  1.00 30.36 ? 48  HOH A O   1 
HETATM 1564 O  O   . HOH C 3 .   ? 4.008   7.548   -6.930  1.00 15.37 ? 49  HOH A O   1 
HETATM 1565 O  O   . HOH C 3 .   ? 13.060  3.448   5.936   1.00 31.42 ? 50  HOH A O   1 
HETATM 1566 O  O   . HOH C 3 .   ? -4.927  -2.206  19.804  1.00 25.36 ? 51  HOH A O   1 
HETATM 1567 O  O   . HOH C 3 .   ? -1.838  -13.440 4.320   1.00 33.74 ? 52  HOH A O   1 
HETATM 1568 O  O   . HOH C 3 .   ? -6.636  -9.410  13.745  1.00 23.66 ? 53  HOH A O   1 
HETATM 1569 O  O   . HOH C 3 .   ? -4.798  -9.642  -9.808  1.00 33.49 ? 54  HOH A O   1 
HETATM 1570 O  O   . HOH C 3 .   ? -17.788 0.960   11.042  1.00 27.29 ? 55  HOH A O   1 
HETATM 1571 O  O   . HOH C 3 .   ? 12.297  -6.353  -9.299  1.00 20.63 ? 56  HOH A O   1 
HETATM 1572 O  O   . HOH C 3 .   ? -1.986  9.706   14.973  1.00 29.66 ? 57  HOH A O   1 
HETATM 1573 O  O   . HOH C 3 .   ? -19.134 -5.319  10.610  1.00 36.85 ? 58  HOH A O   1 
HETATM 1574 O  O   . HOH C 3 .   ? 2.123   10.914  13.374  1.00 24.34 ? 59  HOH A O   1 
HETATM 1575 O  O   . HOH C 3 .   ? 6.439   -12.321 7.891   1.00 34.19 ? 60  HOH A O   1 
HETATM 1576 O  O   . HOH C 3 .   ? 20.052  -0.411  -4.275  1.00 31.58 ? 61  HOH A O   1 
HETATM 1577 O  O   . HOH C 3 .   ? 4.003   11.710  11.556  1.00 30.42 ? 62  HOH A O   1 
HETATM 1578 O  O   . HOH C 3 .   ? 15.035  11.611  0.735   1.00 20.19 ? 63  HOH A O   1 
HETATM 1579 O  O   . HOH C 3 .   ? 2.422   5.950   -19.050 1.00 30.12 ? 64  HOH A O   1 
HETATM 1580 O  O   . HOH C 3 .   ? 7.376   13.413  -15.370 1.00 29.41 ? 65  HOH A O   1 
HETATM 1581 O  O   . HOH C 3 .   ? -8.483  0.200   -17.302 1.00 27.95 ? 66  HOH A O   1 
HETATM 1582 O  O   . HOH C 3 .   ? -17.983 -1.098  12.678  1.00 26.78 ? 67  HOH A O   1 
HETATM 1583 O  O   . HOH C 3 .   ? -10.230 -10.949 -3.659  1.00 25.08 ? 68  HOH A O   1 
HETATM 1584 O  O   . HOH C 3 .   ? -7.412  -9.323  18.162  1.00 36.77 ? 69  HOH A O   1 
HETATM 1585 O  O   . HOH C 3 .   ? 2.606   14.051  11.229  1.00 30.56 ? 70  HOH A O   1 
HETATM 1586 O  O   . HOH C 3 .   ? 2.750   -14.725 8.278   1.00 49.37 ? 71  HOH A O   1 
HETATM 1587 O  O   . HOH C 3 .   ? 5.086   12.778  4.251   1.00 38.32 ? 72  HOH A O   1 
HETATM 1588 O  O   . HOH C 3 .   ? 0.950   14.647  -5.265  1.00 33.43 ? 73  HOH A O   1 
HETATM 1589 O  O   . HOH C 3 .   ? 12.792  1.244   11.318  1.00 33.71 ? 74  HOH A O   1 
HETATM 1590 O  O   . HOH C 3 .   ? 20.147  -1.103  3.704   1.00 32.12 ? 75  HOH A O   1 
HETATM 1591 O  O   . HOH C 3 .   ? -9.530  -12.385 8.095   1.00 31.26 ? 76  HOH A O   1 
HETATM 1592 O  O   . HOH C 3 .   ? -19.532 -1.927  10.028  1.00 58.24 ? 77  HOH A O   1 
HETATM 1593 O  O   . HOH C 3 .   ? -3.039  -9.107  -11.758 1.00 28.36 ? 78  HOH A O   1 
HETATM 1594 O  O   . HOH C 3 .   ? -5.693  -6.525  -9.789  1.00 27.90 ? 79  HOH A O   1 
HETATM 1595 O  O   . HOH C 3 .   ? -11.236 3.256   -12.015 1.00 32.75 ? 80  HOH A O   1 
HETATM 1596 O  O   . HOH C 3 .   ? 8.079   9.671   9.649   1.00 19.32 ? 81  HOH A O   1 
HETATM 1597 O  O   . HOH C 3 .   ? -18.845 -4.865  18.012  1.00 36.21 ? 82  HOH A O   1 
HETATM 1598 O  O   . HOH C 3 .   ? -13.411 8.506   -4.634  1.00 24.67 ? 83  HOH A O   1 
HETATM 1599 O  O   . HOH C 3 .   ? 7.144   -14.796 -8.383  1.00 29.58 ? 84  HOH A O   1 
HETATM 1600 O  O   . HOH C 3 .   ? -3.210  -15.767 5.002   1.00 47.38 ? 85  HOH A O   1 
HETATM 1601 O  O   . HOH C 3 .   ? -13.048 4.957   -11.288 1.00 26.75 ? 86  HOH A O   1 
HETATM 1602 O  O   . HOH C 3 .   ? 12.668  3.583   10.357  1.00 38.10 ? 87  HOH A O   1 
HETATM 1603 O  O   . HOH C 3 .   ? 4.167   -3.552  -21.250 1.00 40.23 ? 88  HOH A O   1 
HETATM 1604 O  O   . HOH C 3 .   ? -1.116  -10.260 -10.417 1.00 41.27 ? 89  HOH A O   1 
HETATM 1605 O  O   . HOH C 3 .   ? 19.352  -2.773  2.044   1.00 44.00 ? 90  HOH A O   1 
HETATM 1606 O  O   . HOH C 3 .   ? -12.594 7.181   -7.862  1.00 35.25 ? 91  HOH A O   1 
HETATM 1607 O  O   . HOH C 3 .   ? 2.853   -4.656  -19.029 1.00 40.43 ? 92  HOH A O   1 
HETATM 1608 O  O   . HOH C 3 .   ? -15.418 -10.260 7.459   1.00 40.08 ? 93  HOH A O   1 
HETATM 1609 O  O   . HOH C 3 .   ? 18.747  -5.791  -0.203  1.00 32.63 ? 94  HOH A O   1 
# 
